data_7YI2
#
_entry.id   7YI2
#
_cell.length_a   1.00
_cell.length_b   1.00
_cell.length_c   1.00
_cell.angle_alpha   90.00
_cell.angle_beta   90.00
_cell.angle_gamma   90.00
#
_symmetry.space_group_name_H-M   'P 1'
#
loop_
_entity.id
_entity.type
_entity.pdbx_description
1 polymer 'Wisdom 601 DNA (167-MER)'
2 polymer 'Wisdom 601 DNA (167-MER)'
3 polymer 'Transcriptional regulatory protein SIN3'
4 polymer 'Histone deacetylase RPD3'
5 polymer 'Chromatin modification-related protein EAF3'
6 polymer 'Transcriptional regulatory protein RCO1'
7 non-polymer 'ZINC ION'
#
loop_
_entity_poly.entity_id
_entity_poly.type
_entity_poly.pdbx_seq_one_letter_code
_entity_poly.pdbx_strand_id
1 'polydeoxyribonucleotide'
;(DC)(DT)(DG)(DG)(DA)(DG)(DA)(DA)(DT)(DC)(DC)(DC)(DG)(DG)(DT)(DC)(DT)(DG)(DC)(DA)
(DG)(DG)(DC)(DC)(DG)(DC)(DT)(DC)(DA)(DA)(DT)(DT)(DG)(DG)(DT)(DC)(DG)(DT)(DA)(DG)
(DA)(DC)(DA)(DG)(DC)(DT)(DC)(DT)(DA)(DG)(DC)(DA)(DC)(DC)(DG)(DC)(DT)(DT)(DA)(DA)
(DA)(DC)(DG)(DC)(DA)(DC)(DG)(DT)(DA)(DC)(DG)(DC)(DG)(DC)(DT)(DG)(DT)(DC)(DC)(DC)
(DC)(DC)(DG)(DC)(DG)(DT)(DT)(DT)(DT)(DA)(DA)(DC)(DC)(DG)(DC)(DC)(DA)(DA)(DG)(DG)
(DG)(DG)(DA)(DT)(DT)(DA)(DC)(DT)(DC)(DC)(DC)(DT)(DA)(DG)(DT)(DC)(DT)(DC)(DC)(DA)
(DG)(DG)(DC)(DA)(DC)(DG)(DT)(DG)(DT)(DC)(DA)(DG)(DA)(DT)(DA)(DT)(DA)(DT)(DA)(DC)
(DA)(DT)(DC)(DC)(DT)(DG)(DT)(DG)(DC)(DA)(DT)(DG)(DT)(DA)(DT)(DT)(DG)(DA)(DA)(DC)
(DA)(DG)(DC)(DG)(DA)(DC)(DC)
;
G
2 'polydeoxyribonucleotide'
;(DG)(DG)(DT)(DC)(DG)(DC)(DT)(DG)(DT)(DT)(DC)(DA)(DA)(DT)(DA)(DC)(DA)(DT)(DG)(DC)
(DA)(DC)(DA)(DG)(DG)(DA)(DT)(DG)(DT)(DA)(DT)(DA)(DT)(DA)(DT)(DC)(DT)(DG)(DA)(DC)
(DA)(DC)(DG)(DT)(DG)(DC)(DC)(DT)(DG)(DG)(DA)(DG)(DA)(DC)(DT)(DA)(DG)(DG)(DG)(DA)
(DG)(DT)(DA)(DA)(DT)(DC)(DC)(DC)(DC)(DT)(DT)(DG)(DG)(DC)(DG)(DG)(DT)(DT)(DA)(DA)
(DA)(DA)(DC)(DG)(DC)(DG)(DG)(DG)(DG)(DG)(DA)(DC)(DA)(DG)(DC)(DG)(DC)(DG)(DT)(DA)
(DC)(DG)(DT)(DG)(DC)(DG)(DT)(DT)(DT)(DA)(DA)(DG)(DC)(DG)(DG)(DT)(DG)(DC)(DT)(DA)
(DG)(DA)(DG)(DC)(DT)(DG)(DT)(DC)(DT)(DA)(DC)(DG)(DA)(DC)(DC)(DA)(DA)(DT)(DT)(DG)
(DA)(DG)(DC)(DG)(DG)(DC)(DC)(DT)(DG)(DC)(DA)(DG)(DA)(DC)(DC)(DG)(DG)(DG)(DA)(DT)
(DT)(DC)(DT)(DC)(DC)(DA)(DG)
;
H
3 'polypeptide(L)'
;MSQVWHNSNSQSNDVATSNDATGSNERNEKEPSLQGNKPGFVQQQQRITLPSLSALSTKEEDRRDSNGQQALTSHAAHIL
GYPPPHSNAMPSIATDSALKQPHEYHPRPKSSSSSPSINASLMNAGPAPLPTVGAASFSLSRFDNPLPIKAPVHTEEPKS
YNGLQEEEKATQRPQDCKEVPAGVQPADAPDPSSNHADANDDNNNNENSHDEDADYRPLNVKDALSYLEQVKFQFSSRPD
IYNLFLDIMKDFKSQAIDTPGVIERVSTLFRGYPILIQGFNTFLPQGYRIECSSNPDDPIRVTTPMGTTTVNNNISPSGR
GTTDAQELGSFPESDGNGVQQPSNVPMVPSSVYQSEQNQDQQQSLPLLATSSGLPSIQQPEMPAHRQIPQSQSLVPQEDA
KKNVDVEFSQAISYVNKIKTRFADQPDIYKHFLEILQTYQREQKPINEVYAQVTHLFQNAPDLLEDFKKFLPDSSASANQ
QVQHAQQHAQQQHEAQMHAQAQAQAQAQAQVEQQKQQQQFLYPASGYYGHPSNRGIPQQNLPPIGSFSPPTNGSTVHEAY
QDQQHMQPPHFMPLPSIVQHGPNMVHQGIANENPPLSDLRTSLTEQYAPSSIQHQQQHPQSISPIANTQYGDIPVRPEID
LDPSIVPVVPEPTEPIENNISLNEEVTFFEKAKRYIGNKHLYTEFLKILNLYSQDILDLDDLVEKVDFYLGSNKELFTWF
KNFVGYQEKTKCIENIVHEKHRLDLDLCEAFGPSYKRLPKSDTFMPCSGRDDMCWEVLNDEWVGHPVWASEDSGFIAHRK
NQYEETLFKIEEERHEYDFYIESNLRTIQCLETIVNKIENMTENEKANFKLPPGLGHTSMTIYKKVIRKVYDKERGFEII
DALHEHPAVTAPVVLKRLKQKDEEWRRAQREWNKVWRELEQKVFFKSLDHLGLTFKQADKKLLTTKQLISEISSIKVDQT
NKKIHWLTPKPKSQLDFDFPDKNIFYDILCLADTFITHTTAYSNPDKERLKDLLKYFISLFFSISFEKIEESLYSHKQNV
SESSGSDDGSSIASRKRPYQQEMSLLDILHRSRYQKLKRSNDEDGKVPQLSEPPEEEPNTIEEEELIDEEAKNPWLTGNL
VEEANSQGIIQNRSIFNLFANTNIYIFFRHWTTIYERLLEIKQMNERVTKEINTRSTVTFAKDLDLLSSQLSEMGLDFVG
EDAYKQVLRLSRRLINGDLEHQWFEESLRQAYNNKAFKLYTIDKVTQSLVKHAHTLMTDAKTAEIMALFVKDRNASTTSA
KDQIIYRLQVRSHMSNTENMFRIEFDKRTLHVSIQYIALDDLTLKEPKADEDKWKYYVTSYALPHPTEGIPHEKLKIPFL
ERLIEFGQDIDGTEVDEEFSPEGISVSTLKIKIQPITYQLHIENGSYDVFTRKATNKYPTIANDNTQKGMVSQKKELISK
FLDCAVGLRNNLDEAQKLSMQKKWENLKDSIAKTSAGNQGIESETEKGKITKQEQSDNLDSSTASVLPASITTVPQDDNI
ETTGNTESSDKGAKIQ
;
A
4 'polypeptide(L)'
;MVYEATPFDPITVKPSDKRRVAYFYDADVGNYAYGAGHPMKPHRIRMAHSLIMNYGLYKKMEIYRAKPATKQEMCQFHTD
EYIDFLSRVTPDNLEMFKRESVKFNVGDDCPVFDGLYEYCSISGGGSMEGAARLNRGKCDVAVNYAGGLHHAKKSEASGF
CYLNDIVLGIIELLRYHPRVLYIDIDVHHGDGVEEAFYTTDRVMTCSFHKYGEFFPGTGELRDIGVGAGKNYAVNVPLRD
GIDDATYRSVFEPVIKKIMEWYQPSAVVLQCGGDSLSGDRLGCFNLSMEGHANCVNYVKSFGIPMMVVGGGGYTMRNVAR
TWCFETGLLNNVVLDKDLPYNEYYEYYGPDYKLSVRPSNMFNVNTPEYLDKVMTNIFANLENTKYAPSVQLNHTPRDAED
LGDVEEDSAEAKDTKGGSQYARDLHVEHDNEFY
;
B
5 'polypeptide(L)'
;MVDLEQEFALGGRCLAFHGPLMYEAKILKIWDPSSKMYTSIPNDKPGGSSQATKEIKPQKLGEDESIPEEIINGKCFFIH
YQGWKSSWDEWVGYDRIRAYNEENIAMKKRLANEAKEAKKSLLEQQKKKKLSTSLGGPSNGGKRKGDSRSNASISKSTSQ
SFLTSSVSGRKSGRSSANSLHPGSSLRSSSDQNGNDDRRRSSSLSPNMLHHIAGYPTPKISLQIPIKLKSVLVDDWEYVT
KDKKICRLPADVTVEMVLNKYEHEVSQELESPGSQSQLSEYCAGLKLYFDKCLGNMLLYRLERLQYDELLKKSSKDQKPL
VPIRIYGAIHLLRLISVLPELISSTTMDLQSCQLLIKQTEDFLVWLLMHVDEYFNDKDPNRSDDALYVNTSSQYEGVALG
M
;
C
6 'polypeptide(L)'
;MDTSKKDTTRSPSHSNSSSPSSSSLSSSSSKEKKRPKRLSSQNVNYDLKRRKIITSEGIERSFKNEHSNLAVEDNIPEEE
PKELLEKDSKGNIIKLNEPSTISEDSKVSVTGLPLNKGPSEKIKRESLWNYRKNLGGQSNNSEMTLVPSKRFTQVPKNFQ
DLNRNDLKTFLTENMTEESNIRSTIGWNGDIINRTRDREPESDRDNKKLSNIRTKIILSTNATYDSKSKLFGQNSIKSTS
NASEKIFRDKNNSTIDFENEDFCSACNQSGSFLCCDTCPKSFHFLCLDPPIDPNNLPKGDWHCNECKFKIFINNSMATLK
KIESNFIKQNNNVKIFAKLLFNIDSHNPKQFQLPNYIKETFPAVKTGSRGQYSDENDKIPLTDRQLFNTSYGQSITKLDS
YNPDTHIDSNSGKFLICYKCNQTRLGSWSHPENSRLIMTCDYCQTPWHLDCVPRASFKNLGSKWKCPLHSPTKVYKKIHH
CQEDNSVNYKVWKKQRLINKKNQLYYEPLQKIGYQNNGNIQIIPTTSHTDYDFNQDFKITQIDENSIKYDFFDKIYKSKM
VQKRKLFQFQESLIDKLVSNGSQNGNSEDNMVKDIASLIYFQVSNNDKSSNNKSASKSNNLRKLWDLKELTNVVVPNELD
SIQFNDFSSDEIKHLLYLKKIIESKPKEELLKFLNIENPENQSE
;
D,E
#
# COMPACT_ATOMS: atom_id res chain seq x y z
N GLU C 664 -28.14 7.53 40.47
CA GLU C 664 -27.33 7.86 39.31
C GLU C 664 -26.60 6.63 38.78
N GLU C 665 -25.82 5.99 39.65
CA GLU C 665 -25.05 4.82 39.28
C GLU C 665 -25.92 3.60 38.99
N VAL C 666 -27.20 3.64 39.34
CA VAL C 666 -28.13 2.55 39.06
C VAL C 666 -28.90 2.81 37.77
N THR C 667 -28.45 3.78 36.96
CA THR C 667 -29.13 4.10 35.72
C THR C 667 -28.16 4.21 34.55
N PHE C 668 -26.92 3.72 34.69
CA PHE C 668 -25.94 3.86 33.61
C PHE C 668 -26.32 3.02 32.40
N PHE C 669 -26.92 1.85 32.62
CA PHE C 669 -27.25 0.98 31.50
C PHE C 669 -28.34 1.58 30.61
N GLU C 670 -29.34 2.22 31.21
CA GLU C 670 -30.36 2.90 30.42
C GLU C 670 -29.75 4.03 29.60
N LYS C 671 -28.83 4.79 30.21
CA LYS C 671 -28.15 5.86 29.49
C LYS C 671 -27.35 5.31 28.32
N ALA C 672 -26.64 4.21 28.52
CA ALA C 672 -25.88 3.61 27.43
C ALA C 672 -26.81 3.09 26.34
N LYS C 673 -27.93 2.50 26.73
CA LYS C 673 -28.90 2.00 25.75
C LYS C 673 -29.45 3.13 24.89
N ARG C 674 -29.76 4.28 25.52
CA ARG C 674 -30.25 5.43 24.77
C ARG C 674 -29.15 6.14 23.99
N TYR C 675 -27.88 5.98 24.39
CA TYR C 675 -26.79 6.65 23.72
C TYR C 675 -26.36 5.88 22.47
N ILE C 676 -26.11 4.58 22.59
CA ILE C 676 -25.74 3.79 21.43
C ILE C 676 -26.86 3.80 20.40
N GLY C 677 -28.11 3.74 20.85
CA GLY C 677 -29.26 3.93 19.98
C GLY C 677 -29.46 2.82 18.97
N ASN C 678 -28.76 1.70 19.16
CA ASN C 678 -28.90 0.55 18.29
C ASN C 678 -29.02 -0.72 19.13
N LYS C 679 -29.66 -1.73 18.55
CA LYS C 679 -29.81 -3.02 19.23
C LYS C 679 -28.68 -3.97 18.87
N HIS C 680 -28.30 -4.01 17.59
CA HIS C 680 -27.22 -4.91 17.17
C HIS C 680 -25.89 -4.53 17.81
N LEU C 681 -25.61 -3.23 17.94
CA LEU C 681 -24.39 -2.78 18.60
C LEU C 681 -24.49 -2.88 20.11
N TYR C 682 -25.68 -2.72 20.68
CA TYR C 682 -25.86 -2.97 22.10
C TYR C 682 -25.60 -4.44 22.43
N THR C 683 -25.92 -5.34 21.50
CA THR C 683 -25.57 -6.74 21.68
C THR C 683 -24.06 -6.93 21.82
N GLU C 684 -23.29 -6.26 20.95
CA GLU C 684 -21.84 -6.36 21.04
C GLU C 684 -21.32 -5.72 22.33
N PHE C 685 -21.92 -4.61 22.74
CA PHE C 685 -21.53 -3.98 24.00
C PHE C 685 -21.76 -4.92 25.18
N LEU C 686 -22.91 -5.59 25.19
CA LEU C 686 -23.20 -6.54 26.27
C LEU C 686 -22.27 -7.74 26.21
N LYS C 687 -21.95 -8.21 25.00
CA LYS C 687 -21.00 -9.30 24.87
C LYS C 687 -19.63 -8.92 25.41
N ILE C 688 -19.18 -7.70 25.14
CA ILE C 688 -17.89 -7.23 25.64
C ILE C 688 -17.93 -7.12 27.17
N LEU C 689 -19.03 -6.60 27.71
CA LEU C 689 -19.15 -6.50 29.17
C LEU C 689 -19.12 -7.88 29.81
N ASN C 690 -19.80 -8.86 29.20
CA ASN C 690 -19.73 -10.22 29.72
C ASN C 690 -18.31 -10.78 29.63
N LEU C 691 -17.64 -10.56 28.50
CA LEU C 691 -16.27 -11.02 28.30
C LEU C 691 -15.38 -10.51 29.43
N TYR C 692 -15.54 -9.23 29.78
CA TYR C 692 -14.80 -8.71 30.92
C TYR C 692 -15.25 -9.36 32.22
N SER C 693 -16.56 -9.62 32.35
CA SER C 693 -17.09 -10.12 33.62
C SER C 693 -16.62 -11.53 33.93
N GLN C 694 -16.27 -12.31 32.91
CA GLN C 694 -15.78 -13.66 33.10
C GLN C 694 -14.26 -13.72 33.27
N ASP C 695 -13.64 -12.65 33.75
CA ASP C 695 -12.21 -12.61 34.04
C ASP C 695 -11.40 -12.71 32.73
N ILE C 696 -12.08 -12.79 31.60
CA ILE C 696 -11.45 -13.08 30.32
C ILE C 696 -10.74 -11.83 29.82
N LEU C 697 -11.50 -10.77 29.59
CA LEU C 697 -10.90 -9.50 29.19
C LEU C 697 -10.21 -8.84 30.37
N ASP C 698 -9.16 -8.09 30.08
CA ASP C 698 -8.44 -7.33 31.10
C ASP C 698 -9.19 -6.03 31.38
N LEU C 699 -8.53 -5.10 32.07
CA LEU C 699 -9.15 -3.81 32.33
C LEU C 699 -8.83 -2.79 31.24
N ASP C 700 -7.68 -2.94 30.58
CA ASP C 700 -7.25 -1.93 29.61
C ASP C 700 -8.06 -2.01 28.32
N ASP C 701 -8.23 -3.22 27.78
CA ASP C 701 -9.01 -3.37 26.55
C ASP C 701 -10.48 -3.04 26.77
N LEU C 702 -11.01 -3.33 27.97
CA LEU C 702 -12.35 -2.89 28.31
C LEU C 702 -12.45 -1.37 28.26
N VAL C 703 -11.44 -0.69 28.80
CA VAL C 703 -11.43 0.77 28.77
C VAL C 703 -11.37 1.27 27.33
N GLU C 704 -10.56 0.62 26.49
CA GLU C 704 -10.48 1.02 25.09
C GLU C 704 -11.82 0.85 24.37
N LYS C 705 -12.51 -0.27 24.63
CA LYS C 705 -13.78 -0.50 23.95
C LYS C 705 -14.86 0.46 24.45
N VAL C 706 -14.88 0.76 25.75
CA VAL C 706 -15.82 1.76 26.24
C VAL C 706 -15.43 3.16 25.77
N ASP C 707 -14.16 3.38 25.44
CA ASP C 707 -13.76 4.64 24.84
C ASP C 707 -14.26 4.74 23.40
N PHE C 708 -14.28 3.62 22.68
CA PHE C 708 -14.81 3.63 21.33
C PHE C 708 -16.32 3.53 21.27
N TYR C 709 -16.98 3.22 22.40
CA TYR C 709 -18.44 3.19 22.46
C TYR C 709 -19.03 4.47 23.05
N LEU C 710 -18.66 4.80 24.29
CA LEU C 710 -19.17 5.96 24.99
C LEU C 710 -18.17 7.10 25.07
N GLY C 711 -17.01 6.97 24.44
CA GLY C 711 -15.99 8.00 24.54
C GLY C 711 -16.32 9.30 23.84
N SER C 712 -17.35 9.32 23.01
CA SER C 712 -17.78 10.56 22.38
C SER C 712 -18.33 11.55 23.39
N ASN C 713 -18.77 11.10 24.55
CA ASN C 713 -19.26 11.98 25.60
C ASN C 713 -18.14 12.24 26.62
N LYS C 714 -18.04 13.50 27.04
CA LYS C 714 -17.08 13.91 28.05
C LYS C 714 -17.60 13.77 29.47
N GLU C 715 -18.84 13.29 29.64
CA GLU C 715 -19.47 13.23 30.96
C GLU C 715 -19.69 11.78 31.42
N LEU C 716 -20.38 10.97 30.62
CA LEU C 716 -20.66 9.60 31.04
C LEU C 716 -19.41 8.74 31.04
N PHE C 717 -18.56 8.90 30.02
CA PHE C 717 -17.33 8.11 29.95
C PHE C 717 -16.41 8.43 31.13
N THR C 718 -16.34 9.69 31.53
CA THR C 718 -15.56 10.06 32.70
C THR C 718 -16.11 9.40 33.96
N TRP C 719 -17.44 9.36 34.09
CA TRP C 719 -18.07 8.69 35.22
C TRP C 719 -17.68 7.21 35.25
N PHE C 720 -17.76 6.55 34.08
CA PHE C 720 -17.33 5.17 33.97
C PHE C 720 -15.88 5.02 34.43
N LYS C 721 -15.01 5.91 33.94
CA LYS C 721 -13.58 5.82 34.25
C LYS C 721 -13.34 5.89 35.75
N ASN C 722 -13.91 6.88 36.43
CA ASN C 722 -13.59 6.99 37.85
C ASN C 722 -14.37 5.97 38.69
N PHE C 723 -15.51 5.47 38.18
CA PHE C 723 -16.26 4.48 38.94
C PHE C 723 -15.56 3.12 38.92
N VAL C 724 -15.06 2.69 37.76
CA VAL C 724 -14.30 1.46 37.72
C VAL C 724 -12.96 1.61 38.43
N GLY C 725 -12.49 2.84 38.63
CA GLY C 725 -11.20 3.06 39.25
C GLY C 725 -10.04 2.76 38.33
N TYR C 726 -10.20 3.01 37.03
CA TYR C 726 -9.14 2.74 36.07
C TYR C 726 -7.90 3.58 36.36
N GLN C 727 -8.06 4.90 36.34
CA GLN C 727 -6.96 5.84 36.60
C GLN C 727 -5.76 5.60 35.68
N GLU C 749 5.94 -4.86 26.68
CA GLU C 749 5.98 -5.21 25.28
C GLU C 749 4.62 -5.04 24.61
N ALA C 750 4.63 -4.53 23.38
CA ALA C 750 3.40 -4.37 22.60
C ALA C 750 3.80 -4.46 21.13
N PHE C 751 3.54 -5.62 20.52
CA PHE C 751 3.97 -5.87 19.15
C PHE C 751 3.13 -5.07 18.17
N GLY C 752 3.69 -4.88 16.97
CA GLY C 752 2.99 -4.25 15.88
C GLY C 752 2.24 -5.25 15.04
N PRO C 753 1.51 -4.76 14.04
CA PRO C 753 0.69 -5.65 13.20
C PRO C 753 1.32 -6.12 11.90
N SER C 754 2.61 -5.86 11.66
CA SER C 754 3.19 -6.11 10.35
C SER C 754 4.50 -6.90 10.39
N TYR C 755 4.87 -7.48 11.53
CA TYR C 755 6.13 -8.21 11.64
C TYR C 755 5.88 -9.56 12.27
N LYS C 756 6.33 -10.63 11.58
CA LYS C 756 6.28 -11.98 12.12
C LYS C 756 7.51 -12.23 12.98
N ARG C 757 7.70 -13.47 13.40
CA ARG C 757 8.89 -13.84 14.17
C ARG C 757 9.30 -15.26 13.83
N LEU C 758 10.52 -15.41 13.33
CA LEU C 758 11.06 -16.71 12.97
C LEU C 758 11.61 -17.42 14.21
N PRO C 759 11.64 -18.75 14.19
CA PRO C 759 12.28 -19.47 15.29
C PRO C 759 13.79 -19.31 15.26
N LYS C 760 14.43 -19.69 16.36
CA LYS C 760 15.87 -19.52 16.48
C LYS C 760 16.63 -20.31 15.42
N SER C 761 16.00 -21.36 14.88
CA SER C 761 16.66 -22.19 13.87
C SER C 761 17.03 -21.38 12.63
N ASP C 762 16.19 -20.42 12.25
CA ASP C 762 16.48 -19.55 11.11
C ASP C 762 17.29 -18.32 11.51
N THR C 763 17.98 -18.38 12.65
CA THR C 763 18.97 -17.37 13.01
C THR C 763 20.36 -17.72 12.50
N PHE C 764 20.71 -19.01 12.47
CA PHE C 764 22.04 -19.47 12.10
C PHE C 764 22.12 -19.54 10.57
N MET C 765 22.37 -18.38 9.96
CA MET C 765 22.66 -18.29 8.55
C MET C 765 24.06 -17.72 8.37
N PRO C 766 24.93 -18.40 7.62
CA PRO C 766 26.35 -18.01 7.60
C PRO C 766 26.55 -16.67 6.90
N CYS C 767 27.10 -15.71 7.64
CA CYS C 767 27.52 -14.42 7.10
C CYS C 767 29.05 -14.35 7.26
N SER C 768 29.76 -14.50 6.15
CA SER C 768 31.21 -14.61 6.17
C SER C 768 31.91 -13.30 6.52
N GLY C 769 31.18 -12.23 6.83
CA GLY C 769 31.81 -10.97 7.15
C GLY C 769 31.15 -10.22 8.30
N ARG C 770 30.17 -10.85 8.94
CA ARG C 770 29.43 -10.20 10.01
C ARG C 770 30.30 -10.11 11.26
N ASP C 771 30.61 -8.89 11.67
CA ASP C 771 31.44 -8.64 12.84
C ASP C 771 30.60 -8.74 14.10
N ASP C 772 31.26 -8.65 15.27
CA ASP C 772 30.56 -8.77 16.54
C ASP C 772 29.53 -7.66 16.71
N MET C 773 29.92 -6.42 16.38
CA MET C 773 28.96 -5.33 16.46
C MET C 773 27.82 -5.50 15.46
N CYS C 774 28.10 -6.08 14.30
CA CYS C 774 27.04 -6.37 13.34
C CYS C 774 26.05 -7.37 13.91
N TRP C 775 26.55 -8.42 14.58
CA TRP C 775 25.66 -9.33 15.30
C TRP C 775 24.91 -8.61 16.41
N GLU C 776 25.51 -7.57 16.99
CA GLU C 776 24.90 -6.86 18.10
C GLU C 776 23.77 -5.93 17.68
N VAL C 777 23.87 -5.30 16.50
CA VAL C 777 22.90 -4.27 16.13
C VAL C 777 21.87 -4.81 15.14
N LEU C 778 22.26 -5.79 14.32
CA LEU C 778 21.38 -6.27 13.27
C LEU C 778 20.26 -7.12 13.86
N ASN C 779 19.41 -7.67 12.98
CA ASN C 779 18.22 -8.37 13.41
C ASN C 779 17.88 -9.44 12.39
N ASP C 780 17.76 -10.68 12.84
CA ASP C 780 17.41 -11.80 11.98
C ASP C 780 16.16 -12.55 12.44
N GLU C 781 15.47 -12.06 13.47
CA GLU C 781 14.31 -12.75 14.02
C GLU C 781 13.00 -12.30 13.38
N TRP C 782 12.81 -10.99 13.24
CA TRP C 782 11.54 -10.43 12.79
C TRP C 782 11.66 -10.00 11.34
N VAL C 783 10.70 -10.43 10.51
CA VAL C 783 10.70 -10.15 9.09
C VAL C 783 9.30 -9.72 8.66
N GLY C 784 9.24 -8.84 7.66
CA GLY C 784 7.96 -8.31 7.21
C GLY C 784 7.42 -8.88 5.92
N HIS C 785 8.25 -8.96 4.86
CA HIS C 785 7.91 -9.53 3.56
C HIS C 785 6.55 -9.07 3.05
N PRO C 786 6.46 -7.88 2.43
CA PRO C 786 5.16 -7.23 2.14
C PRO C 786 4.01 -8.15 1.75
N VAL C 787 4.28 -9.25 1.03
CA VAL C 787 3.25 -10.19 0.62
C VAL C 787 2.46 -10.67 1.82
N TRP C 788 3.14 -10.83 2.96
CA TRP C 788 2.44 -11.14 4.20
C TRP C 788 1.62 -9.97 4.69
N ALA C 789 2.16 -8.75 4.60
CA ALA C 789 1.44 -7.56 5.04
C ALA C 789 0.39 -7.10 4.04
N SER C 790 0.42 -7.60 2.81
CA SER C 790 -0.57 -7.26 1.80
C SER C 790 -1.75 -8.22 1.78
N GLU C 791 -1.79 -9.19 2.71
CA GLU C 791 -2.84 -10.20 2.77
C GLU C 791 -2.89 -11.05 1.50
N ASP C 792 -1.74 -11.19 0.84
CA ASP C 792 -1.57 -12.02 -0.35
C ASP C 792 -2.46 -11.60 -1.52
N SER C 793 -3.09 -10.43 -1.44
CA SER C 793 -4.01 -10.00 -2.48
C SER C 793 -3.29 -9.28 -3.62
N GLY C 794 -2.59 -8.19 -3.30
CA GLY C 794 -1.94 -7.38 -4.30
C GLY C 794 -1.86 -5.93 -3.92
N PHE C 795 -1.40 -5.08 -4.83
CA PHE C 795 -1.25 -3.65 -4.57
C PHE C 795 -2.02 -2.85 -5.61
N ILE C 796 -2.59 -1.72 -5.15
CA ILE C 796 -3.31 -0.80 -6.02
C ILE C 796 -2.37 0.33 -6.40
N ALA C 797 -2.12 0.47 -7.70
CA ALA C 797 -1.23 1.51 -8.20
C ALA C 797 -1.98 2.83 -8.30
N HIS C 798 -1.36 3.82 -8.95
CA HIS C 798 -1.97 5.12 -9.16
C HIS C 798 -2.42 5.25 -10.61
N ARG C 799 -3.44 6.07 -10.83
CA ARG C 799 -4.00 6.23 -12.16
C ARG C 799 -3.25 7.32 -12.94
N LYS C 800 -2.96 7.03 -14.20
CA LYS C 800 -2.19 7.93 -15.05
C LYS C 800 -2.92 8.11 -16.37
N ASN C 801 -3.08 9.36 -16.80
CA ASN C 801 -3.76 9.63 -18.05
C ASN C 801 -2.85 9.32 -19.24
N GLN C 802 -3.44 9.35 -20.45
CA GLN C 802 -2.71 8.95 -21.64
C GLN C 802 -1.57 9.90 -21.99
N TYR C 803 -1.66 11.17 -21.59
CA TYR C 803 -0.57 12.10 -21.86
C TYR C 803 0.68 11.74 -21.06
N GLU C 804 0.51 11.35 -19.80
CA GLU C 804 1.63 10.85 -19.02
C GLU C 804 2.22 9.59 -19.64
N GLU C 805 1.37 8.72 -20.20
CA GLU C 805 1.86 7.54 -20.89
C GLU C 805 2.69 7.91 -22.11
N THR C 806 2.25 8.91 -22.86
CA THR C 806 3.04 9.38 -24.00
C THR C 806 4.39 9.91 -23.54
N LEU C 807 4.40 10.68 -22.45
CA LEU C 807 5.67 11.17 -21.91
C LEU C 807 6.58 10.02 -21.51
N PHE C 808 6.00 8.98 -20.88
CA PHE C 808 6.80 7.83 -20.46
C PHE C 808 7.39 7.10 -21.65
N LYS C 809 6.61 6.93 -22.73
CA LYS C 809 7.14 6.29 -23.92
C LYS C 809 8.28 7.11 -24.54
N ILE C 810 8.11 8.43 -24.59
CA ILE C 810 9.17 9.30 -25.12
C ILE C 810 10.43 9.16 -24.27
N GLU C 811 10.26 9.15 -22.94
CA GLU C 811 11.40 9.00 -22.05
C GLU C 811 12.10 7.66 -22.25
N GLU C 812 11.33 6.60 -22.44
CA GLU C 812 11.93 5.28 -22.67
C GLU C 812 12.75 5.26 -23.95
N GLU C 813 12.21 5.81 -25.05
CA GLU C 813 12.97 5.83 -26.30
C GLU C 813 14.23 6.66 -26.17
N ARG C 814 14.12 7.84 -25.52
CA ARG C 814 15.28 8.67 -25.26
C ARG C 814 16.34 7.91 -24.49
N HIS C 815 15.91 7.18 -23.45
CA HIS C 815 16.86 6.45 -22.62
C HIS C 815 17.57 5.37 -23.41
N GLU C 816 16.83 4.63 -24.25
CA GLU C 816 17.48 3.57 -25.02
C GLU C 816 18.54 4.14 -25.95
N TYR C 817 18.19 5.23 -26.66
CA TYR C 817 19.17 5.84 -27.55
C TYR C 817 20.39 6.32 -26.78
N ASP C 818 20.18 7.04 -25.68
CA ASP C 818 21.30 7.59 -24.92
C ASP C 818 22.17 6.48 -24.33
N PHE C 819 21.55 5.43 -23.80
CA PHE C 819 22.31 4.35 -23.18
C PHE C 819 23.20 3.66 -24.19
N TYR C 820 22.64 3.29 -25.36
CA TYR C 820 23.46 2.64 -26.37
C TYR C 820 24.58 3.55 -26.84
N ILE C 821 24.28 4.83 -27.07
CA ILE C 821 25.29 5.74 -27.58
C ILE C 821 26.42 5.94 -26.57
N GLU C 822 26.07 6.09 -25.29
CA GLU C 822 27.09 6.29 -24.27
C GLU C 822 27.97 5.05 -24.08
N SER C 823 27.36 3.85 -24.13
CA SER C 823 28.16 2.64 -24.04
C SER C 823 29.14 2.56 -25.19
N ASN C 824 28.67 2.85 -26.41
CA ASN C 824 29.56 2.83 -27.57
C ASN C 824 30.67 3.87 -27.42
N LEU C 825 30.33 5.05 -26.89
CA LEU C 825 31.32 6.10 -26.70
C LEU C 825 32.41 5.69 -25.73
N ARG C 826 32.03 5.09 -24.60
CA ARG C 826 33.03 4.67 -23.62
C ARG C 826 33.94 3.58 -24.19
N THR C 827 33.35 2.60 -24.88
CA THR C 827 34.16 1.56 -25.48
C THR C 827 35.08 2.13 -26.56
N ILE C 828 34.60 3.12 -27.31
CA ILE C 828 35.43 3.77 -28.31
C ILE C 828 36.61 4.48 -27.66
N GLN C 829 36.37 5.17 -26.55
CA GLN C 829 37.46 5.84 -25.85
C GLN C 829 38.50 4.84 -25.38
N CYS C 830 38.06 3.73 -24.79
CA CYS C 830 39.00 2.71 -24.33
C CYS C 830 39.79 2.12 -25.50
N LEU C 831 39.12 1.87 -26.62
CA LEU C 831 39.80 1.31 -27.78
C LEU C 831 40.81 2.30 -28.37
N GLU C 832 40.50 3.59 -28.33
CA GLU C 832 41.46 4.60 -28.77
C GLU C 832 42.69 4.59 -27.88
N THR C 833 42.48 4.53 -26.55
CA THR C 833 43.62 4.47 -25.64
C THR C 833 44.42 3.20 -25.84
N ILE C 834 43.79 2.14 -26.33
CA ILE C 834 44.53 0.91 -26.63
C ILE C 834 45.34 1.07 -27.92
N VAL C 835 44.71 1.60 -28.97
CA VAL C 835 45.35 1.62 -30.28
C VAL C 835 46.51 2.61 -30.30
N ASN C 836 46.34 3.78 -29.67
CA ASN C 836 47.44 4.74 -29.62
C ASN C 836 48.62 4.18 -28.83
N LYS C 837 48.36 3.28 -27.89
CA LYS C 837 49.44 2.61 -27.18
C LYS C 837 50.13 1.56 -28.05
N ILE C 838 49.35 0.78 -28.80
CA ILE C 838 49.90 -0.36 -29.54
C ILE C 838 50.39 0.06 -30.92
N GLU C 839 50.31 1.36 -31.24
CA GLU C 839 50.72 1.83 -32.56
C GLU C 839 52.16 1.43 -32.90
N ASN C 840 53.03 1.30 -31.90
CA ASN C 840 54.42 0.90 -32.15
C ASN C 840 54.61 -0.59 -31.89
N SER C 859 33.88 -2.20 -14.13
CA SER C 859 34.44 -1.84 -15.43
C SER C 859 35.02 -3.07 -16.13
N MET C 860 34.19 -4.10 -16.28
CA MET C 860 34.62 -5.34 -16.91
C MET C 860 33.65 -5.88 -17.96
N THR C 861 32.40 -5.44 -17.98
CA THR C 861 31.39 -6.00 -18.87
C THR C 861 30.90 -5.03 -19.94
N ILE C 862 31.26 -3.75 -19.87
CA ILE C 862 30.73 -2.76 -20.80
C ILE C 862 31.17 -3.07 -22.23
N TYR C 863 32.47 -3.28 -22.42
CA TYR C 863 32.98 -3.50 -23.78
C TYR C 863 32.45 -4.80 -24.37
N LYS C 864 32.40 -5.86 -23.57
CA LYS C 864 31.85 -7.12 -24.06
C LYS C 864 30.41 -6.96 -24.50
N LYS C 865 29.60 -6.27 -23.68
CA LYS C 865 28.19 -6.07 -24.00
C LYS C 865 28.02 -5.27 -25.28
N VAL C 866 28.78 -4.18 -25.42
CA VAL C 866 28.61 -3.33 -26.59
C VAL C 866 29.10 -4.04 -27.85
N ILE C 867 30.17 -4.83 -27.76
CA ILE C 867 30.66 -5.55 -28.92
C ILE C 867 29.66 -6.65 -29.30
N ARG C 868 29.06 -7.29 -28.31
CA ARG C 868 28.00 -8.27 -28.60
C ARG C 868 26.82 -7.60 -29.29
N LYS C 869 26.43 -6.41 -28.85
CA LYS C 869 25.33 -5.70 -29.48
C LYS C 869 25.67 -5.37 -30.93
N VAL C 870 26.88 -4.87 -31.16
CA VAL C 870 27.28 -4.51 -32.52
C VAL C 870 27.39 -5.75 -33.40
N TYR C 871 28.07 -6.77 -32.90
CA TYR C 871 28.20 -8.04 -33.62
C TYR C 871 27.17 -9.05 -33.13
N ASP C 872 25.90 -8.73 -33.41
CA ASP C 872 24.77 -9.51 -32.91
C ASP C 872 24.60 -10.84 -33.62
N LYS C 873 25.38 -11.12 -34.66
CA LYS C 873 25.28 -12.38 -35.39
C LYS C 873 25.81 -13.57 -34.60
N GLU C 874 26.13 -13.39 -33.31
CA GLU C 874 26.64 -14.39 -32.37
C GLU C 874 28.10 -14.72 -32.65
N ARG C 875 28.76 -13.97 -33.53
CA ARG C 875 30.21 -14.05 -33.70
C ARG C 875 30.96 -13.21 -32.68
N GLY C 876 30.25 -12.49 -31.81
CA GLY C 876 30.90 -11.62 -30.85
C GLY C 876 31.72 -12.35 -29.81
N PHE C 877 31.26 -13.52 -29.37
CA PHE C 877 32.01 -14.29 -28.38
C PHE C 877 33.43 -14.57 -28.85
N GLU C 878 33.57 -14.95 -30.13
CA GLU C 878 34.90 -15.25 -30.66
C GLU C 878 35.73 -13.98 -30.82
N ILE C 879 35.12 -12.89 -31.29
CA ILE C 879 35.88 -11.67 -31.56
C ILE C 879 36.35 -11.04 -30.26
N ILE C 880 35.62 -11.22 -29.15
CA ILE C 880 36.08 -10.68 -27.88
C ILE C 880 37.40 -11.31 -27.47
N ASP C 881 37.48 -12.64 -27.55
CA ASP C 881 38.73 -13.32 -27.21
C ASP C 881 39.82 -13.07 -28.23
N ALA C 882 39.44 -12.92 -29.51
CA ALA C 882 40.42 -12.53 -30.52
C ALA C 882 41.02 -11.16 -30.22
N LEU C 883 40.21 -10.26 -29.65
CA LEU C 883 40.74 -8.99 -29.18
C LEU C 883 41.63 -9.19 -27.96
N HIS C 884 41.26 -10.12 -27.08
CA HIS C 884 42.05 -10.36 -25.88
C HIS C 884 43.44 -10.91 -26.19
N GLU C 885 43.62 -11.58 -27.32
CA GLU C 885 44.93 -12.11 -27.68
C GLU C 885 45.75 -11.07 -28.44
N THR C 890 43.27 -6.70 -34.06
CA THR C 890 41.87 -6.59 -34.49
C THR C 890 41.18 -5.41 -33.82
N ALA C 891 41.90 -4.74 -32.92
CA ALA C 891 41.35 -3.57 -32.26
C ALA C 891 41.01 -2.42 -33.22
N PRO C 892 41.87 -2.03 -34.17
CA PRO C 892 41.51 -0.87 -35.01
C PRO C 892 40.24 -1.07 -35.82
N VAL C 893 39.99 -2.27 -36.35
CA VAL C 893 38.83 -2.47 -37.21
C VAL C 893 37.54 -2.39 -36.40
N VAL C 894 37.52 -3.00 -35.22
CA VAL C 894 36.32 -2.89 -34.39
C VAL C 894 36.16 -1.47 -33.87
N LEU C 895 37.26 -0.76 -33.63
CA LEU C 895 37.17 0.63 -33.21
C LEU C 895 36.52 1.48 -34.30
N LYS C 896 36.95 1.32 -35.55
CA LYS C 896 36.38 2.13 -36.62
C LYS C 896 34.93 1.73 -36.90
N ARG C 897 34.60 0.45 -36.76
CA ARG C 897 33.20 0.04 -36.91
C ARG C 897 32.34 0.66 -35.81
N LEU C 898 32.85 0.71 -34.57
CA LEU C 898 32.14 1.38 -33.49
C LEU C 898 31.95 2.87 -33.78
N LYS C 899 32.99 3.51 -34.34
CA LYS C 899 32.86 4.92 -34.69
C LYS C 899 31.76 5.14 -35.72
N GLN C 900 31.73 4.29 -36.75
CA GLN C 900 30.68 4.41 -37.76
C GLN C 900 29.30 4.22 -37.15
N LYS C 901 29.15 3.20 -36.30
CA LYS C 901 27.87 2.94 -35.65
C LYS C 901 27.45 4.12 -34.79
N ASP C 902 28.42 4.73 -34.08
CA ASP C 902 28.13 5.91 -33.27
C ASP C 902 27.63 7.05 -34.14
N GLU C 903 28.25 7.25 -35.31
CA GLU C 903 27.83 8.34 -36.19
C GLU C 903 26.38 8.14 -36.65
N GLU C 904 26.05 6.93 -37.12
CA GLU C 904 24.67 6.70 -37.55
C GLU C 904 23.68 6.82 -36.39
N TRP C 905 24.05 6.31 -35.21
CA TRP C 905 23.17 6.42 -34.05
C TRP C 905 22.92 7.88 -33.69
N ARG C 906 23.95 8.72 -33.76
CA ARG C 906 23.77 10.12 -33.42
C ARG C 906 22.91 10.85 -34.44
N ARG C 907 23.06 10.51 -35.73
CA ARG C 907 22.17 11.08 -36.74
C ARG C 907 20.71 10.73 -36.44
N ALA C 908 20.45 9.44 -36.21
CA ALA C 908 19.10 9.01 -35.90
C ALA C 908 18.58 9.68 -34.64
N GLN C 909 19.46 9.88 -33.65
CA GLN C 909 19.05 10.51 -32.41
C GLN C 909 18.71 11.97 -32.62
N ARG C 910 19.43 12.67 -33.50
CA ARG C 910 19.07 14.06 -33.80
C ARG C 910 17.68 14.15 -34.42
N GLU C 911 17.41 13.28 -35.40
CA GLU C 911 16.09 13.28 -36.03
C GLU C 911 14.99 12.95 -35.01
N TRP C 912 15.23 11.94 -34.18
CA TRP C 912 14.24 11.58 -33.17
C TRP C 912 14.11 12.67 -32.10
N ASN C 913 15.17 13.44 -31.84
CA ASN C 913 15.05 14.58 -30.94
C ASN C 913 14.09 15.61 -31.50
N LYS C 914 14.20 15.88 -32.81
CA LYS C 914 13.22 16.74 -33.46
C LYS C 914 11.81 16.22 -33.23
N VAL C 915 11.59 14.94 -33.53
CA VAL C 915 10.24 14.36 -33.43
C VAL C 915 9.73 14.41 -31.99
N TRP C 916 10.58 14.05 -31.03
CA TRP C 916 10.17 14.03 -29.62
C TRP C 916 9.86 15.41 -29.11
N ARG C 917 10.65 16.41 -29.51
CA ARG C 917 10.36 17.78 -29.11
C ARG C 917 9.00 18.21 -29.63
N GLU C 918 8.73 17.93 -30.91
CA GLU C 918 7.44 18.31 -31.48
C GLU C 918 6.29 17.62 -30.75
N LEU C 919 6.45 16.33 -30.43
CA LEU C 919 5.40 15.60 -29.74
C LEU C 919 5.19 16.11 -28.31
N GLU C 920 6.28 16.35 -27.59
CA GLU C 920 6.20 16.73 -26.18
C GLU C 920 5.63 18.13 -25.98
N GLN C 921 5.91 19.04 -26.92
CA GLN C 921 5.48 20.43 -26.76
C GLN C 921 3.96 20.58 -26.76
N LYS C 922 3.21 19.59 -27.24
CA LYS C 922 1.76 19.67 -27.24
C LYS C 922 1.11 18.82 -26.14
N VAL C 923 1.89 18.03 -25.42
CA VAL C 923 1.34 17.07 -24.47
C VAL C 923 1.74 17.36 -23.03
N PHE C 924 2.91 17.99 -22.81
CA PHE C 924 3.42 18.14 -21.44
C PHE C 924 2.41 18.86 -20.55
N PHE C 925 1.90 20.01 -21.00
CA PHE C 925 1.01 20.78 -20.16
C PHE C 925 -0.32 20.07 -19.93
N LYS C 926 -0.79 19.29 -20.90
CA LYS C 926 -1.97 18.47 -20.68
C LYS C 926 -1.72 17.43 -19.60
N SER C 927 -0.51 16.87 -19.55
CA SER C 927 -0.23 15.82 -18.58
C SER C 927 -0.42 16.30 -17.15
N LEU C 928 0.03 17.52 -16.84
CA LEU C 928 -0.10 18.03 -15.48
C LEU C 928 -1.51 18.44 -15.13
N ASP C 929 -2.49 18.28 -16.02
CA ASP C 929 -3.87 18.69 -15.77
C ASP C 929 -4.67 17.45 -15.38
N HIS C 930 -4.79 17.22 -14.08
CA HIS C 930 -5.53 16.06 -13.60
C HIS C 930 -7.01 16.37 -13.43
N LEU C 931 -7.33 17.40 -12.63
CA LEU C 931 -8.72 17.79 -12.46
C LEU C 931 -9.28 18.44 -13.72
N GLY C 932 -8.44 19.16 -14.47
CA GLY C 932 -8.92 19.89 -15.63
C GLY C 932 -9.46 19.01 -16.74
N LEU C 933 -8.92 17.81 -16.91
CA LEU C 933 -9.42 16.90 -17.93
C LEU C 933 -10.76 16.28 -17.56
N THR C 934 -10.94 15.88 -16.31
CA THR C 934 -12.23 15.35 -15.87
C THR C 934 -13.25 16.47 -15.71
N PHE C 935 -12.80 17.68 -15.36
CA PHE C 935 -13.68 18.83 -15.25
C PHE C 935 -14.33 19.09 -16.61
N LYS C 936 -15.48 19.77 -16.59
CA LYS C 936 -16.39 20.00 -17.71
C LYS C 936 -17.18 18.74 -18.06
N GLN C 937 -16.86 17.61 -17.45
CA GLN C 937 -17.73 16.44 -17.43
C GLN C 937 -18.35 16.21 -16.06
N ALA C 938 -17.58 16.38 -14.99
CA ALA C 938 -18.12 16.28 -13.64
C ALA C 938 -18.96 17.50 -13.27
N ASP C 939 -18.63 18.66 -13.84
CA ASP C 939 -19.46 19.85 -13.60
C ASP C 939 -20.85 19.68 -14.18
N LYS C 940 -20.98 18.87 -15.24
CA LYS C 940 -22.29 18.62 -15.83
C LYS C 940 -23.23 17.93 -14.85
N LYS C 941 -22.72 16.92 -14.14
CA LYS C 941 -23.54 16.12 -13.24
C LYS C 941 -23.40 16.53 -11.78
N LEU C 942 -22.60 17.56 -11.50
CA LEU C 942 -22.43 18.04 -10.13
C LEU C 942 -22.92 19.47 -9.93
N LEU C 943 -23.41 20.12 -10.97
CA LEU C 943 -23.92 21.48 -10.84
C LEU C 943 -25.41 21.52 -11.17
N THR C 944 -26.16 20.55 -10.66
CA THR C 944 -27.60 20.50 -10.82
C THR C 944 -28.26 21.05 -9.55
N THR C 945 -29.59 21.02 -9.53
CA THR C 945 -30.32 21.48 -8.36
C THR C 945 -30.27 20.46 -7.23
N LYS C 946 -30.30 19.17 -7.58
CA LYS C 946 -30.34 18.13 -6.56
C LYS C 946 -29.08 18.13 -5.71
N GLN C 947 -27.92 18.39 -6.32
CA GLN C 947 -26.68 18.44 -5.55
C GLN C 947 -26.68 19.59 -4.57
N LEU C 948 -27.16 20.76 -4.98
CA LEU C 948 -27.20 21.91 -4.08
C LEU C 948 -28.18 21.67 -2.93
N ILE C 949 -29.35 21.10 -3.23
CA ILE C 949 -30.29 20.76 -2.15
C ILE C 949 -29.67 19.73 -1.21
N SER C 950 -28.94 18.77 -1.77
CA SER C 950 -28.31 17.74 -0.94
C SER C 950 -27.27 18.36 -0.01
N GLU C 951 -26.46 19.28 -0.53
CA GLU C 951 -25.47 19.95 0.31
C GLU C 951 -26.13 20.73 1.43
N ILE C 952 -27.14 21.53 1.10
CA ILE C 952 -27.75 22.38 2.12
C ILE C 952 -28.47 21.53 3.16
N SER C 953 -29.13 20.45 2.72
CA SER C 953 -29.81 19.56 3.66
C SER C 953 -28.82 18.81 4.54
N SER C 954 -27.66 18.43 3.98
CA SER C 954 -26.64 17.77 4.79
C SER C 954 -26.12 18.71 5.87
N ILE C 955 -25.88 19.98 5.52
CA ILE C 955 -25.44 20.93 6.53
C ILE C 955 -26.51 21.12 7.59
N LYS C 956 -27.78 21.20 7.18
CA LYS C 956 -28.86 21.33 8.14
C LYS C 956 -28.91 20.13 9.09
N VAL C 957 -28.78 18.92 8.53
CA VAL C 957 -28.83 17.71 9.34
C VAL C 957 -27.68 17.70 10.33
N ASP C 958 -26.47 18.05 9.88
CA ASP C 958 -25.33 18.08 10.78
C ASP C 958 -25.51 19.11 11.88
N GLN C 959 -26.12 20.25 11.58
CA GLN C 959 -26.36 21.25 12.62
C GLN C 959 -27.51 20.90 13.54
N THR C 960 -28.41 20.01 13.14
CA THR C 960 -29.53 19.63 13.98
C THR C 960 -29.17 18.62 15.06
N ASN C 961 -27.88 18.40 15.31
CA ASN C 961 -27.45 17.49 16.37
C ASN C 961 -26.54 18.21 17.35
N LYS C 962 -26.93 19.41 17.76
CA LYS C 962 -26.13 20.21 18.67
C LYS C 962 -27.01 21.18 19.47
N LYS C 972 -29.92 27.97 11.34
CA LYS C 972 -30.32 29.37 11.15
C LYS C 972 -29.47 30.02 10.06
N SER C 973 -28.21 29.60 9.99
CA SER C 973 -27.24 30.15 9.04
C SER C 973 -26.47 29.02 8.36
N GLN C 974 -27.21 28.04 7.82
CA GLN C 974 -26.61 26.85 7.26
C GLN C 974 -25.56 27.19 6.20
N LEU C 975 -25.90 28.08 5.26
CA LEU C 975 -24.93 28.52 4.29
C LEU C 975 -24.49 29.96 4.59
N ASP C 976 -23.38 30.36 3.95
CA ASP C 976 -22.83 31.69 4.15
C ASP C 976 -21.90 32.03 3.01
N PHE C 977 -22.02 33.24 2.48
CA PHE C 977 -21.16 33.74 1.42
C PHE C 977 -20.80 35.19 1.70
N ASP C 978 -19.63 35.61 1.20
CA ASP C 978 -19.16 36.97 1.32
C ASP C 978 -18.75 37.49 -0.05
N PHE C 979 -19.22 38.67 -0.41
CA PHE C 979 -18.96 39.28 -1.71
C PHE C 979 -18.08 40.51 -1.51
N PRO C 980 -16.75 40.37 -1.51
CA PRO C 980 -15.89 41.54 -1.27
C PRO C 980 -15.76 42.47 -2.47
N ASP C 981 -15.73 41.91 -3.67
CA ASP C 981 -15.49 42.67 -4.88
C ASP C 981 -16.80 43.13 -5.49
N LYS C 982 -16.71 44.12 -6.38
CA LYS C 982 -17.86 44.72 -7.03
C LYS C 982 -17.87 44.57 -8.54
N ASN C 983 -16.74 44.83 -9.20
CA ASN C 983 -16.69 44.80 -10.66
C ASN C 983 -16.92 43.41 -11.24
N ILE C 984 -16.80 42.36 -10.42
CA ILE C 984 -17.08 41.01 -10.91
C ILE C 984 -18.53 40.87 -11.33
N PHE C 985 -19.44 41.58 -10.65
CA PHE C 985 -20.83 41.62 -11.08
C PHE C 985 -20.93 42.15 -12.51
N TYR C 986 -20.20 43.23 -12.80
CA TYR C 986 -20.21 43.78 -14.15
C TYR C 986 -19.58 42.81 -15.15
N ASP C 987 -18.55 42.08 -14.74
CA ASP C 987 -17.95 41.08 -15.64
C ASP C 987 -18.96 40.00 -16.01
N ILE C 988 -19.66 39.47 -15.01
CA ILE C 988 -20.65 38.43 -15.28
C ILE C 988 -21.78 39.00 -16.12
N LEU C 989 -22.17 40.25 -15.88
CA LEU C 989 -23.19 40.88 -16.70
C LEU C 989 -22.74 41.00 -18.15
N CYS C 990 -21.49 41.40 -18.37
CA CYS C 990 -20.98 41.49 -19.74
C CYS C 990 -21.00 40.13 -20.42
N LEU C 991 -20.59 39.08 -19.70
CA LEU C 991 -20.62 37.74 -20.27
C LEU C 991 -22.05 37.32 -20.61
N ALA C 992 -22.99 37.58 -19.70
CA ALA C 992 -24.37 37.18 -19.92
C ALA C 992 -24.98 37.91 -21.11
N ASP C 993 -24.75 39.22 -21.21
CA ASP C 993 -25.27 39.97 -22.35
C ASP C 993 -24.63 39.52 -23.66
N THR C 994 -23.33 39.18 -23.64
CA THR C 994 -22.70 38.67 -24.85
C THR C 994 -23.34 37.35 -25.28
N PHE C 995 -23.56 36.44 -24.34
CA PHE C 995 -24.19 35.17 -24.66
C PHE C 995 -25.61 35.38 -25.17
N ILE C 996 -26.37 36.27 -24.52
CA ILE C 996 -27.74 36.53 -24.92
C ILE C 996 -27.79 37.11 -26.32
N THR C 997 -26.87 38.03 -26.63
CA THR C 997 -26.80 38.60 -27.97
C THR C 997 -26.48 37.52 -29.00
N HIS C 998 -25.58 36.60 -28.66
CA HIS C 998 -25.19 35.59 -29.64
C HIS C 998 -26.26 34.54 -29.83
N THR C 999 -26.92 34.10 -28.76
CA THR C 999 -27.72 32.87 -28.80
C THR C 999 -28.92 33.02 -29.74
N THR C 1000 -29.10 32.04 -30.62
CA THR C 1000 -30.28 31.93 -31.46
C THR C 1000 -31.26 30.91 -30.90
N ALA C 1001 -31.76 31.20 -29.70
CA ALA C 1001 -32.70 30.29 -29.05
C ALA C 1001 -33.85 31.00 -28.35
N TYR C 1002 -33.94 32.33 -28.43
CA TYR C 1002 -35.04 33.05 -27.80
C TYR C 1002 -35.70 33.97 -28.82
N SER C 1003 -36.68 34.76 -28.38
CA SER C 1003 -37.34 35.73 -29.24
C SER C 1003 -36.60 37.07 -29.17
N ASN C 1004 -36.85 37.90 -30.18
CA ASN C 1004 -36.19 39.20 -30.23
C ASN C 1004 -36.46 40.06 -28.99
N PRO C 1005 -37.70 40.22 -28.50
CA PRO C 1005 -37.87 40.94 -27.24
C PRO C 1005 -37.39 40.16 -26.02
N ASP C 1006 -37.34 38.83 -26.11
CA ASP C 1006 -36.94 38.01 -24.96
C ASP C 1006 -35.52 38.30 -24.54
N LYS C 1007 -34.64 38.63 -25.48
CA LYS C 1007 -33.26 38.96 -25.13
C LYS C 1007 -33.20 40.19 -24.23
N GLU C 1008 -33.89 41.27 -24.63
CA GLU C 1008 -33.95 42.46 -23.80
C GLU C 1008 -34.64 42.18 -22.48
N ARG C 1009 -35.67 41.33 -22.49
CA ARG C 1009 -36.36 40.98 -21.25
C ARG C 1009 -35.40 40.31 -20.27
N LEU C 1010 -34.60 39.36 -20.76
CA LEU C 1010 -33.63 38.68 -19.90
C LEU C 1010 -32.58 39.66 -19.39
N LYS C 1011 -32.08 40.54 -20.27
CA LYS C 1011 -31.09 41.53 -19.84
C LYS C 1011 -31.65 42.41 -18.74
N ASP C 1012 -32.87 42.91 -18.92
CA ASP C 1012 -33.49 43.76 -17.91
C ASP C 1012 -33.75 43.00 -16.63
N LEU C 1013 -34.14 41.72 -16.71
CA LEU C 1013 -34.34 40.92 -15.52
C LEU C 1013 -33.04 40.81 -14.73
N LEU C 1014 -31.94 40.48 -15.40
CA LEU C 1014 -30.66 40.35 -14.72
C LEU C 1014 -30.24 41.68 -14.10
N LYS C 1015 -30.35 42.76 -14.85
CA LYS C 1015 -29.94 44.07 -14.34
C LYS C 1015 -30.78 44.47 -13.14
N TYR C 1016 -32.10 44.27 -13.21
CA TYR C 1016 -32.97 44.64 -12.10
C TYR C 1016 -32.66 43.80 -10.87
N PHE C 1017 -32.46 42.49 -11.05
CA PHE C 1017 -32.16 41.62 -9.92
C PHE C 1017 -30.87 42.04 -9.24
N ILE C 1018 -29.83 42.33 -10.03
CA ILE C 1018 -28.55 42.71 -9.46
C ILE C 1018 -28.66 44.06 -8.76
N SER C 1019 -29.23 45.07 -9.43
CA SER C 1019 -29.30 46.41 -8.88
C SER C 1019 -30.31 46.51 -7.74
N LEU C 1020 -31.16 45.51 -7.57
CA LEU C 1020 -32.13 45.54 -6.49
C LEU C 1020 -31.63 44.77 -5.28
N PHE C 1021 -31.10 43.57 -5.48
CA PHE C 1021 -30.62 42.77 -4.36
C PHE C 1021 -29.41 43.43 -3.70
N PHE C 1022 -28.40 43.81 -4.49
CA PHE C 1022 -27.18 44.39 -3.94
C PHE C 1022 -27.19 45.91 -3.92
N SER C 1023 -28.10 46.54 -4.66
CA SER C 1023 -28.18 48.01 -4.75
C SER C 1023 -26.83 48.62 -5.09
N ILE C 1024 -26.25 48.15 -6.19
CA ILE C 1024 -24.94 48.65 -6.61
C ILE C 1024 -25.07 49.93 -7.44
N SER C 1025 -25.81 49.85 -8.55
CA SER C 1025 -26.05 51.00 -9.40
C SER C 1025 -27.10 50.63 -10.43
N PHE C 1026 -28.03 51.55 -10.69
CA PHE C 1026 -29.06 51.35 -11.70
C PHE C 1026 -28.68 51.93 -13.06
N GLU C 1027 -27.57 52.64 -13.15
CA GLU C 1027 -27.14 53.27 -14.39
C GLU C 1027 -25.74 52.87 -14.83
N LYS C 1028 -24.80 52.75 -13.88
CA LYS C 1028 -23.43 52.38 -14.26
C LYS C 1028 -23.37 50.96 -14.83
N ILE C 1029 -24.36 50.13 -14.51
CA ILE C 1029 -24.42 48.78 -15.06
C ILE C 1029 -24.50 48.83 -16.57
N GLU C 1030 -25.08 49.88 -17.13
CA GLU C 1030 -25.15 50.09 -18.57
C GLU C 1030 -23.96 50.88 -19.10
N GLU C 1031 -23.03 51.28 -18.23
CA GLU C 1031 -21.77 51.91 -18.63
C GLU C 1031 -20.65 50.96 -18.23
N SER C 1032 -20.36 50.00 -19.12
CA SER C 1032 -19.35 48.99 -18.87
C SER C 1032 -19.03 48.20 -20.13
N SER C 1134 -30.46 47.55 9.24
CA SER C 1134 -31.56 47.07 8.40
C SER C 1134 -31.09 45.95 7.47
N ILE C 1135 -31.47 44.72 7.80
CA ILE C 1135 -31.09 43.55 7.01
C ILE C 1135 -32.30 43.07 6.22
N PHE C 1136 -32.11 42.88 4.92
CA PHE C 1136 -33.18 42.44 4.05
C PHE C 1136 -33.16 40.93 3.88
N ASN C 1137 -34.34 40.34 3.82
CA ASN C 1137 -34.52 38.90 3.63
C ASN C 1137 -35.12 38.64 2.26
N LEU C 1138 -35.19 37.36 1.89
CA LEU C 1138 -35.77 36.96 0.61
C LEU C 1138 -36.18 35.50 0.72
N PHE C 1139 -37.48 35.23 0.60
CA PHE C 1139 -37.99 33.88 0.57
C PHE C 1139 -38.08 33.40 -0.87
N ALA C 1140 -37.77 32.13 -1.09
CA ALA C 1140 -37.61 31.64 -2.45
C ALA C 1140 -38.03 30.18 -2.54
N ASN C 1141 -38.42 29.79 -3.75
CA ASN C 1141 -38.64 28.39 -4.08
C ASN C 1141 -37.34 27.81 -4.63
N THR C 1142 -37.41 26.62 -5.23
CA THR C 1142 -36.21 25.99 -5.76
C THR C 1142 -35.61 26.79 -6.91
N ASN C 1143 -36.45 27.39 -7.76
CA ASN C 1143 -35.94 28.10 -8.94
C ASN C 1143 -35.06 29.27 -8.56
N ILE C 1144 -35.55 30.12 -7.65
CA ILE C 1144 -34.77 31.29 -7.24
C ILE C 1144 -33.51 30.87 -6.51
N TYR C 1145 -33.61 29.83 -5.69
CA TYR C 1145 -32.43 29.35 -4.97
C TYR C 1145 -31.36 28.86 -5.93
N ILE C 1146 -31.76 28.11 -6.96
CA ILE C 1146 -30.77 27.60 -7.92
C ILE C 1146 -30.18 28.73 -8.74
N PHE C 1147 -31.00 29.73 -9.10
CA PHE C 1147 -30.48 30.90 -9.80
C PHE C 1147 -29.44 31.62 -8.96
N PHE C 1148 -29.75 31.83 -7.67
CA PHE C 1148 -28.79 32.48 -6.79
C PHE C 1148 -27.53 31.65 -6.60
N ARG C 1149 -27.66 30.32 -6.56
CA ARG C 1149 -26.49 29.47 -6.44
C ARG C 1149 -25.62 29.54 -7.69
N HIS C 1150 -26.23 29.60 -8.86
CA HIS C 1150 -25.45 29.79 -10.09
C HIS C 1150 -24.70 31.12 -10.04
N TRP C 1151 -25.37 32.17 -9.59
CA TRP C 1151 -24.71 33.47 -9.47
C TRP C 1151 -23.54 33.40 -8.50
N THR C 1152 -23.75 32.76 -7.34
CA THR C 1152 -22.69 32.65 -6.35
C THR C 1152 -21.52 31.84 -6.89
N THR C 1153 -21.80 30.78 -7.63
CA THR C 1153 -20.74 29.97 -8.23
C THR C 1153 -19.90 30.79 -9.19
N ILE C 1154 -20.55 31.54 -10.09
CA ILE C 1154 -19.80 32.34 -11.05
C ILE C 1154 -18.97 33.40 -10.33
N TYR C 1155 -19.58 34.07 -9.35
CA TYR C 1155 -18.85 35.10 -8.61
C TYR C 1155 -17.66 34.52 -7.87
N GLU C 1156 -17.83 33.33 -7.28
CA GLU C 1156 -16.72 32.70 -6.56
C GLU C 1156 -15.59 32.36 -7.50
N ARG C 1157 -15.90 31.78 -8.66
CA ARG C 1157 -14.85 31.42 -9.61
C ARG C 1157 -14.09 32.65 -10.08
N LEU C 1158 -14.82 33.72 -10.43
CA LEU C 1158 -14.14 34.92 -10.90
C LEU C 1158 -13.36 35.61 -9.79
N LEU C 1159 -13.84 35.56 -8.54
CA LEU C 1159 -13.09 36.12 -7.43
C LEU C 1159 -11.81 35.35 -7.19
N GLU C 1160 -11.85 34.02 -7.28
CA GLU C 1160 -10.64 33.22 -7.17
C GLU C 1160 -9.66 33.57 -8.28
N ILE C 1161 -10.17 33.77 -9.50
CA ILE C 1161 -9.28 34.14 -10.60
C ILE C 1161 -8.64 35.50 -10.36
N LYS C 1162 -9.43 36.48 -9.93
CA LYS C 1162 -8.94 37.85 -9.79
C LYS C 1162 -8.05 38.06 -8.57
N GLN C 1163 -8.20 37.24 -7.53
CA GLN C 1163 -7.41 37.44 -6.31
C GLN C 1163 -5.92 37.28 -6.57
N MET C 1164 -5.54 36.28 -7.37
CA MET C 1164 -4.13 36.01 -7.65
C MET C 1164 -3.62 36.75 -8.87
N ASN C 1165 -4.44 37.61 -9.49
CA ASN C 1165 -4.14 38.17 -10.80
C ASN C 1165 -2.88 39.03 -10.80
N GLU C 1166 -2.61 39.79 -9.74
CA GLU C 1166 -1.43 40.65 -9.72
C GLU C 1166 -0.15 39.81 -9.76
N ARG C 1167 -0.07 38.78 -8.92
CA ARG C 1167 1.10 37.90 -8.95
C ARG C 1167 1.18 37.12 -10.24
N VAL C 1168 0.03 36.71 -10.79
CA VAL C 1168 0.04 35.97 -12.05
C VAL C 1168 0.59 36.84 -13.17
N THR C 1169 0.14 38.09 -13.25
CA THR C 1169 0.62 38.99 -14.29
C THR C 1169 2.10 39.32 -14.08
N LYS C 1170 2.52 39.53 -12.83
CA LYS C 1170 3.93 39.79 -12.56
C LYS C 1170 4.80 38.61 -12.97
N GLU C 1171 4.31 37.38 -12.76
CA GLU C 1171 5.05 36.21 -13.20
C GLU C 1171 5.11 36.12 -14.72
N ILE C 1172 3.99 36.40 -15.40
CA ILE C 1172 3.97 36.28 -16.85
C ILE C 1172 4.90 37.29 -17.50
N ASN C 1173 4.82 38.55 -17.07
CA ASN C 1173 5.59 39.60 -17.73
C ASN C 1173 7.10 39.46 -17.47
N THR C 1174 7.49 38.70 -16.45
CA THR C 1174 8.90 38.49 -16.14
C THR C 1174 9.41 37.14 -16.62
N ARG C 1175 8.67 36.46 -17.48
CA ARG C 1175 9.06 35.14 -17.98
C ARG C 1175 10.23 35.31 -18.94
N SER C 1176 11.46 35.16 -18.43
CA SER C 1176 12.64 35.23 -19.27
C SER C 1176 12.83 33.91 -20.01
N THR C 1177 13.74 33.92 -20.98
CA THR C 1177 14.03 32.75 -21.78
C THR C 1177 15.52 32.43 -21.68
N VAL C 1178 15.84 31.16 -21.94
CA VAL C 1178 17.23 30.70 -21.95
C VAL C 1178 17.80 30.94 -23.34
N THR C 1179 19.05 31.37 -23.41
CA THR C 1179 19.66 31.78 -24.66
C THR C 1179 20.80 30.88 -25.12
N PHE C 1180 21.11 29.82 -24.39
CA PHE C 1180 22.20 28.94 -24.80
C PHE C 1180 21.88 28.24 -26.11
N ALA C 1181 20.73 27.57 -26.17
CA ALA C 1181 20.24 26.95 -27.39
C ALA C 1181 18.76 27.16 -27.63
N LYS C 1182 17.99 27.54 -26.61
CA LYS C 1182 16.54 27.64 -26.76
C LYS C 1182 16.17 28.65 -27.85
N ASP C 1183 16.51 29.92 -27.64
CA ASP C 1183 16.22 30.92 -28.66
C ASP C 1183 17.04 30.72 -29.93
N LEU C 1184 18.14 29.97 -29.86
CA LEU C 1184 18.97 29.75 -31.04
C LEU C 1184 18.31 28.79 -32.02
N ASP C 1185 17.70 27.72 -31.52
CA ASP C 1185 17.20 26.64 -32.39
C ASP C 1185 15.71 26.44 -32.32
N LEU C 1186 15.16 26.22 -31.12
CA LEU C 1186 13.81 25.66 -30.97
C LEU C 1186 12.98 26.53 -30.05
N LEU C 1187 11.77 26.86 -30.48
CA LEU C 1187 10.86 27.67 -29.69
C LEU C 1187 9.44 27.14 -29.82
N SER C 1188 8.63 27.43 -28.80
CA SER C 1188 7.21 27.09 -28.82
C SER C 1188 6.47 28.30 -29.37
N SER C 1189 6.17 28.26 -30.66
CA SER C 1189 5.55 29.37 -31.38
C SER C 1189 4.15 29.02 -31.84
N GLN C 1190 3.38 28.36 -30.98
CA GLN C 1190 2.01 27.99 -31.30
C GLN C 1190 0.99 28.84 -30.54
N LEU C 1191 1.23 29.11 -29.26
CA LEU C 1191 0.34 29.96 -28.48
C LEU C 1191 0.61 31.45 -28.70
N SER C 1192 1.74 31.80 -29.31
CA SER C 1192 2.06 33.20 -29.56
C SER C 1192 1.50 33.73 -30.86
N GLU C 1193 1.42 32.90 -31.90
CA GLU C 1193 0.88 33.32 -33.18
C GLU C 1193 -0.60 33.64 -33.12
N MET C 1194 -1.33 33.10 -32.15
CA MET C 1194 -2.74 33.42 -31.96
C MET C 1194 -2.96 34.41 -30.83
N GLY C 1195 -1.89 34.99 -30.28
CA GLY C 1195 -2.01 35.98 -29.23
C GLY C 1195 -2.51 35.46 -27.91
N LEU C 1196 -2.58 34.15 -27.74
CA LEU C 1196 -3.08 33.55 -26.50
C LEU C 1196 -1.94 33.21 -25.53
N ASP C 1197 -1.07 34.18 -25.25
CA ASP C 1197 0.04 33.97 -24.34
C ASP C 1197 0.18 35.07 -23.30
N PHE C 1198 -0.79 35.97 -23.21
CA PHE C 1198 -0.89 36.95 -22.11
C PHE C 1198 0.32 37.87 -22.05
N VAL C 1199 0.82 38.27 -23.21
CA VAL C 1199 1.91 39.24 -23.27
C VAL C 1199 1.36 40.61 -22.84
N GLY C 1200 1.74 41.05 -21.64
CA GLY C 1200 1.06 42.20 -21.07
C GLY C 1200 -0.41 41.89 -20.90
N GLU C 1201 -1.26 42.90 -21.09
CA GLU C 1201 -2.70 42.69 -21.24
C GLU C 1201 -3.27 41.93 -20.04
N ASP C 1202 -3.29 42.65 -18.91
CA ASP C 1202 -3.50 42.10 -17.56
C ASP C 1202 -4.42 40.88 -17.55
N ALA C 1203 -3.95 39.82 -16.88
CA ALA C 1203 -4.45 38.46 -17.14
C ALA C 1203 -5.95 38.35 -16.95
N TYR C 1204 -6.51 39.05 -15.95
CA TYR C 1204 -7.94 38.94 -15.68
C TYR C 1204 -8.76 39.44 -16.86
N LYS C 1205 -8.38 40.59 -17.42
CA LYS C 1205 -9.11 41.15 -18.56
C LYS C 1205 -8.94 40.28 -19.81
N GLN C 1206 -7.74 39.74 -20.03
CA GLN C 1206 -7.54 38.83 -21.15
C GLN C 1206 -8.39 37.58 -20.99
N VAL C 1207 -8.50 37.05 -19.77
CA VAL C 1207 -9.35 35.89 -19.52
C VAL C 1207 -10.80 36.22 -19.83
N LEU C 1208 -11.26 37.40 -19.42
CA LEU C 1208 -12.63 37.79 -19.72
C LEU C 1208 -12.86 37.92 -21.23
N ARG C 1209 -11.89 38.52 -21.94
CA ARG C 1209 -12.02 38.66 -23.38
C ARG C 1209 -12.07 37.31 -24.08
N LEU C 1210 -11.20 36.38 -23.67
CA LEU C 1210 -11.22 35.05 -24.27
C LEU C 1210 -12.49 34.29 -23.92
N SER C 1211 -13.03 34.52 -22.72
CA SER C 1211 -14.31 33.91 -22.36
C SER C 1211 -15.42 34.43 -23.26
N ARG C 1212 -15.44 35.74 -23.52
CA ARG C 1212 -16.42 36.30 -24.45
C ARG C 1212 -16.24 35.71 -25.85
N ARG C 1213 -14.99 35.55 -26.28
CA ARG C 1213 -14.74 34.93 -27.59
C ARG C 1213 -15.32 33.53 -27.65
N LEU C 1214 -14.99 32.70 -26.67
CA LEU C 1214 -15.45 31.30 -26.70
C LEU C 1214 -16.97 31.22 -26.59
N ILE C 1215 -17.58 32.14 -25.83
CA ILE C 1215 -19.04 32.20 -25.78
C ILE C 1215 -19.59 32.53 -27.17
N ASN C 1216 -18.97 33.48 -27.87
CA ASN C 1216 -19.38 33.82 -29.22
C ASN C 1216 -19.05 32.74 -30.24
N GLY C 1217 -18.26 31.73 -29.86
CA GLY C 1217 -18.03 30.58 -30.72
C GLY C 1217 -16.92 30.72 -31.74
N ASP C 1218 -16.17 31.83 -31.72
CA ASP C 1218 -15.06 32.00 -32.64
C ASP C 1218 -13.73 31.51 -32.05
N LEU C 1219 -13.79 30.61 -31.07
CA LEU C 1219 -12.59 30.06 -30.45
C LEU C 1219 -12.92 28.65 -29.96
N GLU C 1220 -12.32 27.66 -30.60
CA GLU C 1220 -12.53 26.28 -30.18
C GLU C 1220 -11.96 26.05 -28.78
N HIS C 1221 -12.60 25.12 -28.05
CA HIS C 1221 -12.28 24.94 -26.63
C HIS C 1221 -10.84 24.51 -26.41
N GLN C 1222 -10.24 23.83 -27.39
CA GLN C 1222 -8.89 23.31 -27.23
C GLN C 1222 -7.90 24.42 -26.91
N TRP C 1223 -7.89 25.47 -27.74
CA TRP C 1223 -6.89 26.52 -27.56
C TRP C 1223 -7.22 27.41 -26.36
N PHE C 1224 -8.51 27.57 -26.04
CA PHE C 1224 -8.87 28.28 -24.82
C PHE C 1224 -8.30 27.56 -23.59
N GLU C 1225 -8.51 26.24 -23.53
CA GLU C 1225 -7.98 25.47 -22.40
C GLU C 1225 -6.46 25.50 -22.37
N GLU C 1226 -5.82 25.36 -23.53
CA GLU C 1226 -4.36 25.38 -23.57
C GLU C 1226 -3.80 26.72 -23.12
N SER C 1227 -4.40 27.82 -23.57
CA SER C 1227 -3.95 29.15 -23.16
C SER C 1227 -4.15 29.35 -21.67
N LEU C 1228 -5.30 28.91 -21.14
CA LEU C 1228 -5.53 29.04 -19.70
C LEU C 1228 -4.52 28.24 -18.90
N ARG C 1229 -4.21 27.02 -19.36
CA ARG C 1229 -3.24 26.19 -18.66
C ARG C 1229 -1.85 26.81 -18.68
N GLN C 1230 -1.42 27.33 -19.84
CA GLN C 1230 -0.09 27.90 -19.92
C GLN C 1230 0.01 29.27 -19.26
N ALA C 1231 -1.11 29.96 -19.06
CA ALA C 1231 -1.07 31.26 -18.41
C ALA C 1231 -1.17 31.16 -16.90
N TYR C 1232 -2.06 30.30 -16.40
CA TYR C 1232 -2.32 30.22 -14.97
C TYR C 1232 -1.72 28.99 -14.30
N ASN C 1233 -1.02 28.15 -15.05
CA ASN C 1233 -0.33 26.97 -14.51
C ASN C 1233 -1.32 26.02 -13.82
N ASN C 1234 -2.35 25.64 -14.57
CA ASN C 1234 -3.37 24.68 -14.14
C ASN C 1234 -4.09 25.13 -12.87
N LYS C 1235 -4.01 26.41 -12.54
CA LYS C 1235 -4.76 26.96 -11.41
C LYS C 1235 -6.12 27.50 -11.81
N ALA C 1236 -6.43 27.53 -13.11
CA ALA C 1236 -7.68 28.07 -13.62
C ALA C 1236 -8.38 27.04 -14.50
N PHE C 1237 -8.44 25.80 -14.02
CA PHE C 1237 -9.15 24.76 -14.75
C PHE C 1237 -10.66 24.87 -14.61
N LYS C 1238 -11.13 25.60 -13.60
CA LYS C 1238 -12.56 25.72 -13.33
C LYS C 1238 -13.24 26.75 -14.22
N LEU C 1239 -12.54 27.31 -15.21
CA LEU C 1239 -13.14 28.22 -16.18
C LEU C 1239 -13.41 27.53 -17.51
N TYR C 1240 -13.23 26.22 -17.59
CA TYR C 1240 -13.53 25.50 -18.83
C TYR C 1240 -15.03 25.45 -19.12
N THR C 1241 -15.88 25.74 -18.13
CA THR C 1241 -17.32 25.73 -18.33
C THR C 1241 -17.92 27.10 -18.05
N ILE C 1242 -17.26 28.16 -18.49
CA ILE C 1242 -17.84 29.49 -18.33
C ILE C 1242 -19.05 29.64 -19.26
N ASP C 1243 -18.93 29.16 -20.50
CA ASP C 1243 -20.02 29.28 -21.45
C ASP C 1243 -21.25 28.51 -20.99
N LYS C 1244 -21.06 27.26 -20.57
CA LYS C 1244 -22.20 26.43 -20.18
C LYS C 1244 -22.83 26.92 -18.89
N VAL C 1245 -22.04 27.42 -17.95
CA VAL C 1245 -22.60 27.93 -16.70
C VAL C 1245 -23.37 29.22 -16.95
N THR C 1246 -22.85 30.09 -17.83
CA THR C 1246 -23.62 31.28 -18.20
C THR C 1246 -24.91 30.90 -18.93
N GLN C 1247 -24.85 29.89 -19.79
CA GLN C 1247 -26.06 29.42 -20.46
C GLN C 1247 -27.08 28.91 -19.45
N SER C 1248 -26.63 28.16 -18.45
CA SER C 1248 -27.53 27.68 -17.40
C SER C 1248 -28.11 28.84 -16.60
N LEU C 1249 -27.29 29.86 -16.32
CA LEU C 1249 -27.79 31.03 -15.60
C LEU C 1249 -28.87 31.74 -16.39
N VAL C 1250 -28.66 31.91 -17.70
CA VAL C 1250 -29.65 32.56 -18.55
C VAL C 1250 -30.92 31.72 -18.60
N LYS C 1251 -30.79 30.40 -18.73
CA LYS C 1251 -31.96 29.53 -18.76
C LYS C 1251 -32.74 29.61 -17.46
N HIS C 1252 -32.03 29.65 -16.32
CA HIS C 1252 -32.72 29.74 -15.04
C HIS C 1252 -33.41 31.08 -14.88
N ALA C 1253 -32.80 32.17 -15.36
CA ALA C 1253 -33.48 33.46 -15.35
C ALA C 1253 -34.73 33.42 -16.21
N HIS C 1254 -34.65 32.77 -17.38
CA HIS C 1254 -35.82 32.66 -18.26
C HIS C 1254 -36.93 31.87 -17.59
N THR C 1255 -36.59 30.74 -16.97
CA THR C 1255 -37.60 29.93 -16.29
C THR C 1255 -38.19 30.69 -15.10
N LEU C 1256 -37.36 31.48 -14.42
CA LEU C 1256 -37.86 32.35 -13.36
C LEU C 1256 -38.83 33.39 -13.90
N MET C 1257 -38.59 33.86 -15.13
CA MET C 1257 -39.48 34.85 -15.73
C MET C 1257 -40.81 34.24 -16.15
N THR C 1258 -40.78 33.07 -16.80
CA THR C 1258 -41.95 32.50 -17.46
C THR C 1258 -42.80 31.65 -16.52
N ASP C 1259 -42.63 31.79 -15.20
CA ASP C 1259 -43.43 31.07 -14.23
C ASP C 1259 -44.27 32.07 -13.45
N ALA C 1260 -45.58 31.84 -13.44
CA ALA C 1260 -46.50 32.78 -12.81
C ALA C 1260 -46.24 32.89 -11.31
N LYS C 1261 -46.18 31.73 -10.63
CA LYS C 1261 -45.96 31.74 -9.19
C LYS C 1261 -44.61 32.36 -8.84
N THR C 1262 -43.57 32.02 -9.60
CA THR C 1262 -42.26 32.61 -9.35
C THR C 1262 -42.29 34.11 -9.57
N ALA C 1263 -43.03 34.56 -10.59
CA ALA C 1263 -43.17 36.00 -10.83
C ALA C 1263 -43.85 36.68 -9.65
N GLU C 1264 -44.88 36.05 -9.09
CA GLU C 1264 -45.55 36.63 -7.92
C GLU C 1264 -44.61 36.69 -6.72
N ILE C 1265 -43.82 35.63 -6.52
CA ILE C 1265 -42.86 35.63 -5.40
C ILE C 1265 -41.85 36.75 -5.57
N MET C 1266 -41.33 36.93 -6.78
CA MET C 1266 -40.40 38.04 -7.00
C MET C 1266 -41.09 39.39 -6.85
N ALA C 1267 -42.36 39.48 -7.21
CA ALA C 1267 -43.08 40.73 -6.99
C ALA C 1267 -43.15 41.06 -5.50
N LEU C 1268 -43.47 40.06 -4.68
CA LEU C 1268 -43.48 40.25 -3.23
C LEU C 1268 -42.10 40.64 -2.73
N PHE C 1269 -41.06 39.99 -3.25
CA PHE C 1269 -39.70 40.32 -2.84
C PHE C 1269 -39.33 41.74 -3.22
N VAL C 1270 -39.74 42.19 -4.41
CA VAL C 1270 -39.48 43.55 -4.84
C VAL C 1270 -40.15 44.54 -3.90
N LYS C 1271 -41.42 44.28 -3.56
CA LYS C 1271 -42.13 45.18 -2.66
C LYS C 1271 -41.45 45.25 -1.31
N ASP C 1272 -41.10 44.09 -0.74
CA ASP C 1272 -40.46 44.07 0.57
C ASP C 1272 -39.10 44.76 0.53
N ARG C 1273 -38.33 44.55 -0.54
CA ARG C 1273 -36.99 45.11 -0.64
C ARG C 1273 -37.04 46.62 -0.80
N ASN C 1274 -37.91 47.13 -1.67
CA ASN C 1274 -37.98 48.57 -1.88
C ASN C 1274 -38.66 49.28 -0.72
N ALA C 1275 -39.45 48.57 0.09
CA ALA C 1275 -40.05 49.19 1.26
C ALA C 1275 -38.97 49.73 2.19
N SER C 1276 -38.02 48.88 2.56
CA SER C 1276 -36.84 49.25 3.36
C SER C 1276 -37.22 49.77 4.74
N THR C 1277 -38.52 49.85 5.03
CA THR C 1277 -39.02 50.28 6.34
C THR C 1277 -40.32 49.52 6.57
N THR C 1278 -40.22 48.39 7.26
CA THR C 1278 -41.34 47.49 7.45
C THR C 1278 -41.82 47.53 8.90
N SER C 1279 -42.80 46.68 9.20
CA SER C 1279 -43.42 46.62 10.51
C SER C 1279 -42.97 45.36 11.25
N ALA C 1280 -43.53 45.15 12.44
CA ALA C 1280 -43.22 43.95 13.23
C ALA C 1280 -43.82 42.69 12.62
N LYS C 1281 -44.72 42.82 11.66
CA LYS C 1281 -45.28 41.68 10.96
C LYS C 1281 -44.46 41.30 9.73
N ASP C 1282 -43.32 41.95 9.52
CA ASP C 1282 -42.51 41.80 8.31
C ASP C 1282 -42.34 40.35 7.86
N GLN C 1283 -41.77 39.52 8.73
CA GLN C 1283 -41.44 38.16 8.32
C GLN C 1283 -42.69 37.29 8.16
N ILE C 1284 -43.65 37.41 9.07
CA ILE C 1284 -44.72 36.42 9.17
C ILE C 1284 -45.68 36.53 7.99
N ILE C 1285 -46.15 37.74 7.69
CA ILE C 1285 -47.12 37.89 6.60
C ILE C 1285 -46.45 37.60 5.25
N TYR C 1286 -45.20 38.03 5.09
CA TYR C 1286 -44.44 37.73 3.88
C TYR C 1286 -44.32 36.23 3.68
N ARG C 1287 -43.93 35.51 4.74
CA ARG C 1287 -43.80 34.06 4.65
C ARG C 1287 -45.13 33.40 4.36
N LEU C 1288 -46.21 33.87 4.99
CA LEU C 1288 -47.53 33.28 4.75
C LEU C 1288 -47.96 33.49 3.31
N GLN C 1289 -47.74 34.69 2.76
CA GLN C 1289 -48.12 34.95 1.37
C GLN C 1289 -47.30 34.10 0.41
N VAL C 1290 -46.00 33.98 0.64
CA VAL C 1290 -45.17 33.17 -0.24
C VAL C 1290 -45.57 31.69 -0.16
N ARG C 1291 -45.87 31.21 1.05
CA ARG C 1291 -46.27 29.82 1.21
C ARG C 1291 -47.63 29.57 0.55
N SER C 1292 -48.52 30.56 0.60
CA SER C 1292 -49.77 30.46 -0.14
C SER C 1292 -49.51 30.39 -1.65
N HIS C 1293 -48.57 31.20 -2.14
CA HIS C 1293 -48.15 31.07 -3.53
C HIS C 1293 -47.46 29.75 -3.80
N MET C 1294 -46.83 29.16 -2.79
CA MET C 1294 -46.12 27.91 -2.91
C MET C 1294 -47.05 26.73 -2.61
N SER C 1295 -46.53 25.53 -2.84
CA SER C 1295 -47.28 24.31 -2.54
C SER C 1295 -47.03 23.92 -1.08
N ASN C 1296 -47.50 22.74 -0.70
CA ASN C 1296 -47.30 22.20 0.64
C ASN C 1296 -46.19 21.16 0.70
N THR C 1297 -45.42 21.01 -0.37
CA THR C 1297 -44.36 20.01 -0.43
C THR C 1297 -42.99 20.58 -0.71
N GLU C 1298 -42.89 21.58 -1.58
CA GLU C 1298 -41.59 22.12 -1.96
C GLU C 1298 -40.95 22.85 -0.78
N ASN C 1299 -39.62 22.91 -0.80
CA ASN C 1299 -38.84 23.46 0.29
C ASN C 1299 -38.88 24.99 0.26
N MET C 1300 -38.34 25.61 1.32
CA MET C 1300 -38.32 27.05 1.44
C MET C 1300 -36.91 27.49 1.82
N PHE C 1301 -36.46 28.60 1.22
CA PHE C 1301 -35.11 29.10 1.45
C PHE C 1301 -35.17 30.56 1.87
N ARG C 1302 -34.57 30.87 3.02
CA ARG C 1302 -34.48 32.24 3.50
C ARG C 1302 -33.09 32.78 3.15
N ILE C 1303 -33.06 33.65 2.16
CA ILE C 1303 -31.82 34.27 1.69
C ILE C 1303 -31.80 35.71 2.19
N GLU C 1304 -30.88 36.04 3.10
CA GLU C 1304 -30.78 37.37 3.66
C GLU C 1304 -29.45 38.00 3.28
N PHE C 1305 -29.45 39.33 3.24
CA PHE C 1305 -28.29 40.11 2.85
C PHE C 1305 -28.36 41.44 3.59
N ASP C 1306 -27.22 41.85 4.14
CA ASP C 1306 -27.12 43.13 4.83
C ASP C 1306 -26.21 44.06 4.05
N LYS C 1307 -26.73 45.22 3.68
CA LYS C 1307 -25.97 46.20 2.90
C LYS C 1307 -24.73 46.70 3.63
N ARG C 1308 -24.67 46.52 4.94
CA ARG C 1308 -23.55 47.04 5.72
C ARG C 1308 -22.22 46.40 5.31
N THR C 1309 -22.22 45.09 5.06
CA THR C 1309 -20.96 44.38 4.86
C THR C 1309 -20.94 43.40 3.70
N LEU C 1310 -21.99 43.32 2.88
CA LEU C 1310 -22.05 42.43 1.72
C LEU C 1310 -21.82 40.97 2.13
N HIS C 1311 -22.71 40.46 2.97
CA HIS C 1311 -22.65 39.10 3.45
C HIS C 1311 -24.03 38.45 3.28
N VAL C 1312 -24.07 37.33 2.57
CA VAL C 1312 -25.32 36.68 2.21
C VAL C 1312 -25.45 35.39 3.02
N SER C 1313 -26.56 35.24 3.73
CA SER C 1313 -26.81 34.09 4.59
C SER C 1313 -28.01 33.32 4.07
N ILE C 1314 -27.85 32.00 3.93
CA ILE C 1314 -28.90 31.12 3.44
C ILE C 1314 -29.32 30.17 4.55
N GLN C 1315 -30.63 30.13 4.83
CA GLN C 1315 -31.23 29.18 5.74
C GLN C 1315 -32.18 28.27 4.97
N TYR C 1316 -32.18 26.99 5.32
CA TYR C 1316 -32.96 25.96 4.62
C TYR C 1316 -34.20 25.63 5.45
N ILE C 1317 -35.23 26.46 5.31
CA ILE C 1317 -36.52 26.19 5.98
C ILE C 1317 -37.35 25.39 4.98
N ALA C 1318 -37.11 24.08 4.97
CA ALA C 1318 -37.81 23.22 4.01
C ALA C 1318 -39.30 23.22 4.28
N LEU C 1319 -39.72 22.66 5.42
CA LEU C 1319 -41.12 22.61 5.80
C LEU C 1319 -41.36 23.16 7.21
N ASP C 1320 -40.44 23.97 7.73
CA ASP C 1320 -40.56 24.47 9.10
C ASP C 1320 -41.48 25.67 9.21
N ASP C 1321 -41.99 26.19 8.08
CA ASP C 1321 -42.96 27.29 8.13
C ASP C 1321 -44.32 26.83 8.63
N LEU C 1322 -44.66 25.56 8.47
CA LEU C 1322 -45.93 25.04 8.94
C LEU C 1322 -45.97 24.95 10.46
N ASP D 17 26.50 27.95 8.22
CA ASP D 17 26.95 26.57 8.21
C ASP D 17 28.30 26.44 7.51
N LYS D 18 28.30 26.62 6.20
CA LYS D 18 29.51 26.59 5.38
C LYS D 18 30.27 25.27 5.59
N ARG D 19 29.61 24.18 5.20
CA ARG D 19 30.13 22.85 5.41
C ARG D 19 31.11 22.46 4.30
N ARG D 20 32.09 21.62 4.65
CA ARG D 20 32.97 21.00 3.66
C ARG D 20 32.27 19.77 3.10
N VAL D 21 31.93 19.82 1.82
CA VAL D 21 31.04 18.84 1.21
C VAL D 21 31.85 17.96 0.27
N ALA D 22 31.81 16.65 0.51
CA ALA D 22 32.36 15.68 -0.43
C ALA D 22 31.27 15.24 -1.40
N TYR D 23 31.66 14.49 -2.43
CA TYR D 23 30.72 14.07 -3.46
C TYR D 23 31.30 12.87 -4.18
N PHE D 24 30.51 11.80 -4.29
CA PHE D 24 30.95 10.55 -4.86
C PHE D 24 30.19 10.30 -6.16
N TYR D 25 30.94 9.97 -7.22
CA TYR D 25 30.32 9.68 -8.51
C TYR D 25 31.27 8.78 -9.30
N ASP D 26 30.80 7.57 -9.61
CA ASP D 26 31.54 6.67 -10.48
C ASP D 26 31.07 6.85 -11.91
N ALA D 27 32.01 7.00 -12.82
CA ALA D 27 31.70 7.25 -14.24
C ALA D 27 31.13 6.04 -14.94
N ASP D 28 30.83 4.95 -14.22
CA ASP D 28 30.26 3.76 -14.82
C ASP D 28 28.88 3.40 -14.30
N VAL D 29 28.30 4.21 -13.42
CA VAL D 29 27.02 3.88 -12.80
C VAL D 29 25.88 4.16 -13.76
N GLY D 30 26.19 4.75 -14.91
CA GLY D 30 25.16 5.08 -15.88
C GLY D 30 25.06 4.13 -17.05
N ASN D 31 26.01 3.20 -17.14
CA ASN D 31 26.10 2.28 -18.28
C ASN D 31 25.52 0.90 -17.97
N TYR D 32 24.55 0.82 -17.04
CA TYR D 32 23.98 -0.45 -16.62
C TYR D 32 22.46 -0.35 -16.71
N ALA D 33 21.88 -0.88 -17.79
CA ALA D 33 20.46 -0.74 -18.05
C ALA D 33 19.70 -1.98 -17.59
N TYR D 34 18.50 -1.75 -17.05
CA TYR D 34 17.57 -2.83 -16.74
C TYR D 34 16.86 -3.25 -18.01
N GLY D 35 15.75 -3.98 -17.89
CA GLY D 35 14.95 -4.34 -19.04
C GLY D 35 14.49 -3.14 -19.86
N ALA D 36 13.85 -3.40 -20.99
CA ALA D 36 13.48 -2.33 -21.92
C ALA D 36 12.52 -1.35 -21.27
N GLY D 37 11.33 -1.82 -20.88
CA GLY D 37 10.33 -0.94 -20.32
C GLY D 37 10.41 -0.83 -18.82
N HIS D 38 11.51 -1.31 -18.25
CA HIS D 38 11.67 -1.27 -16.80
C HIS D 38 11.79 0.17 -16.32
N PRO D 39 11.04 0.57 -15.29
CA PRO D 39 11.03 1.98 -14.89
C PRO D 39 12.30 2.44 -14.17
N MET D 40 13.22 1.55 -13.85
CA MET D 40 14.43 1.89 -13.10
C MET D 40 15.61 1.97 -14.06
N LYS D 41 16.07 3.19 -14.31
CA LYS D 41 17.29 3.44 -15.07
C LYS D 41 18.24 4.25 -14.22
N PRO D 42 19.47 3.80 -13.99
CA PRO D 42 20.46 4.62 -13.27
C PRO D 42 21.11 5.69 -14.14
N HIS D 43 20.76 5.73 -15.43
CA HIS D 43 21.20 6.80 -16.31
C HIS D 43 20.95 8.16 -15.70
N ARG D 44 19.83 8.32 -14.96
CA ARG D 44 19.51 9.59 -14.33
C ARG D 44 20.68 10.11 -13.51
N ILE D 45 21.37 9.22 -12.79
CA ILE D 45 22.50 9.66 -11.97
C ILE D 45 23.53 10.39 -12.83
N ARG D 46 23.92 9.77 -13.94
CA ARG D 46 24.85 10.42 -14.84
C ARG D 46 24.28 11.74 -15.35
N MET D 47 22.99 11.77 -15.69
CA MET D 47 22.36 13.02 -16.07
C MET D 47 22.53 14.05 -14.97
N ALA D 48 22.23 13.67 -13.72
CA ALA D 48 22.42 14.60 -12.61
C ALA D 48 23.85 15.11 -12.56
N HIS D 49 24.82 14.25 -12.86
CA HIS D 49 26.21 14.67 -12.84
C HIS D 49 26.45 15.84 -13.78
N SER D 50 25.87 15.79 -14.98
CA SER D 50 26.01 16.91 -15.89
C SER D 50 25.44 18.18 -15.28
N LEU D 51 24.27 18.08 -14.66
CA LEU D 51 23.66 19.25 -14.02
C LEU D 51 24.56 19.78 -12.92
N ILE D 52 25.40 18.92 -12.34
CA ILE D 52 26.31 19.36 -11.29
C ILE D 52 27.60 19.91 -11.89
N MET D 53 27.99 19.45 -13.07
CA MET D 53 29.26 19.88 -13.63
C MET D 53 29.12 21.18 -14.43
N ASN D 54 28.00 21.36 -15.12
CA ASN D 54 27.81 22.56 -15.92
C ASN D 54 27.37 23.75 -15.08
N TYR D 55 26.94 23.52 -13.85
CA TYR D 55 26.57 24.61 -12.95
C TYR D 55 27.77 25.17 -12.20
N GLY D 56 28.96 24.63 -12.42
CA GLY D 56 30.14 25.12 -11.74
C GLY D 56 30.22 24.72 -10.28
N LEU D 57 29.52 23.65 -9.89
CA LEU D 57 29.57 23.18 -8.51
C LEU D 57 30.81 22.33 -8.23
N TYR D 58 31.55 21.94 -9.28
CA TYR D 58 32.78 21.19 -9.07
C TYR D 58 33.86 22.02 -8.38
N LYS D 59 33.73 23.35 -8.41
CA LYS D 59 34.67 24.22 -7.73
C LYS D 59 34.42 24.33 -6.23
N LYS D 60 33.33 23.75 -5.74
CA LYS D 60 32.98 23.82 -4.33
C LYS D 60 32.90 22.47 -3.64
N MET D 61 32.97 21.36 -4.38
CA MET D 61 32.88 20.03 -3.81
C MET D 61 34.11 19.20 -4.19
N GLU D 62 34.49 18.29 -3.30
CA GLU D 62 35.61 17.39 -3.53
C GLU D 62 35.05 16.09 -4.11
N ILE D 63 35.12 15.98 -5.43
CA ILE D 63 34.60 14.80 -6.11
C ILE D 63 35.56 13.64 -5.92
N TYR D 64 35.02 12.50 -5.49
CA TYR D 64 35.77 11.27 -5.32
C TYR D 64 35.13 10.16 -6.13
N ARG D 65 35.84 9.04 -6.22
CA ARG D 65 35.32 7.82 -6.84
C ARG D 65 35.58 6.68 -5.85
N ALA D 66 34.54 6.25 -5.15
CA ALA D 66 34.68 5.21 -4.14
C ALA D 66 35.07 3.89 -4.78
N LYS D 67 35.99 3.18 -4.14
CA LYS D 67 36.40 1.87 -4.64
C LYS D 67 35.24 0.89 -4.52
N PRO D 68 34.96 0.09 -5.55
CA PRO D 68 33.84 -0.84 -5.49
C PRO D 68 33.99 -1.84 -4.34
N ALA D 69 32.87 -2.19 -3.74
CA ALA D 69 32.85 -3.09 -2.59
C ALA D 69 33.11 -4.53 -3.02
N THR D 70 33.56 -5.33 -2.07
CA THR D 70 33.83 -6.74 -2.27
C THR D 70 32.84 -7.59 -1.48
N LYS D 71 32.88 -8.90 -1.72
CA LYS D 71 31.92 -9.80 -1.10
C LYS D 71 32.02 -9.78 0.41
N GLN D 72 33.25 -9.68 0.94
CA GLN D 72 33.44 -9.72 2.39
C GLN D 72 32.84 -8.51 3.09
N GLU D 73 32.54 -7.43 2.38
CA GLU D 73 31.88 -6.28 2.97
C GLU D 73 30.37 -6.28 2.75
N MET D 74 29.90 -6.81 1.62
CA MET D 74 28.46 -7.01 1.44
C MET D 74 27.93 -8.02 2.44
N CYS D 75 28.69 -9.09 2.70
CA CYS D 75 28.26 -10.13 3.63
C CYS D 75 28.23 -9.65 5.08
N GLN D 76 28.55 -8.39 5.35
CA GLN D 76 28.36 -7.85 6.69
C GLN D 76 26.88 -7.88 7.07
N PHE D 77 26.01 -7.54 6.13
CA PHE D 77 24.56 -7.59 6.32
C PHE D 77 23.93 -8.76 5.57
N HIS D 78 24.33 -8.98 4.33
CA HIS D 78 23.75 -10.05 3.54
C HIS D 78 24.38 -11.39 3.90
N THR D 79 23.87 -12.46 3.30
CA THR D 79 24.33 -13.82 3.56
C THR D 79 25.28 -14.28 2.47
N ASP D 80 26.06 -15.31 2.80
CA ASP D 80 27.05 -15.83 1.85
C ASP D 80 26.38 -16.38 0.59
N GLU D 81 25.28 -17.11 0.76
CA GLU D 81 24.62 -17.72 -0.39
C GLU D 81 24.08 -16.66 -1.35
N TYR D 82 23.44 -15.61 -0.82
CA TYR D 82 22.86 -14.57 -1.66
C TYR D 82 23.96 -13.85 -2.45
N ILE D 83 25.01 -13.43 -1.76
CA ILE D 83 26.09 -12.69 -2.41
C ILE D 83 26.78 -13.56 -3.44
N ASP D 84 27.04 -14.84 -3.11
CA ASP D 84 27.63 -15.76 -4.07
C ASP D 84 26.73 -15.95 -5.28
N PHE D 85 25.41 -15.94 -5.08
CA PHE D 85 24.48 -16.04 -6.20
C PHE D 85 24.57 -14.81 -7.10
N LEU D 86 24.62 -13.62 -6.48
CA LEU D 86 24.64 -12.39 -7.27
C LEU D 86 25.89 -12.30 -8.14
N SER D 87 27.04 -12.70 -7.61
CA SER D 87 28.29 -12.58 -8.33
C SER D 87 28.42 -13.58 -9.47
N ARG D 88 27.51 -14.55 -9.59
CA ARG D 88 27.61 -15.52 -10.68
C ARG D 88 26.40 -15.46 -11.59
N VAL D 89 25.26 -14.98 -11.08
CA VAL D 89 24.05 -14.95 -11.88
C VAL D 89 24.26 -14.04 -13.09
N THR D 90 23.67 -14.45 -14.21
CA THR D 90 23.88 -13.80 -15.50
C THR D 90 22.70 -14.13 -16.38
N PRO D 91 22.28 -13.23 -17.28
CA PRO D 91 21.22 -13.58 -18.23
C PRO D 91 21.56 -14.79 -19.08
N ASP D 92 22.86 -15.04 -19.27
CA ASP D 92 23.31 -16.18 -20.06
C ASP D 92 23.11 -17.50 -19.33
N ASN D 93 23.45 -17.56 -18.04
CA ASN D 93 23.31 -18.77 -17.24
C ASN D 93 22.04 -18.78 -16.41
N LEU D 94 20.97 -18.12 -16.88
CA LEU D 94 19.77 -17.99 -16.06
C LEU D 94 18.95 -19.28 -16.02
N GLU D 95 18.91 -20.02 -17.12
CA GLU D 95 18.08 -21.23 -17.14
C GLU D 95 18.70 -22.38 -16.35
N MET D 96 19.99 -22.29 -16.01
CA MET D 96 20.60 -23.24 -15.09
C MET D 96 20.41 -22.85 -13.64
N PHE D 97 19.83 -21.68 -13.37
CA PHE D 97 19.50 -21.23 -12.02
C PHE D 97 17.98 -21.22 -11.91
N LYS D 98 17.43 -22.19 -11.18
CA LYS D 98 16.00 -22.32 -11.03
C LYS D 98 15.53 -22.33 -9.58
N ARG D 99 16.41 -22.62 -8.63
CA ARG D 99 16.09 -22.60 -7.21
C ARG D 99 16.39 -21.26 -6.56
N GLU D 100 17.58 -20.71 -6.80
CA GLU D 100 17.94 -19.44 -6.18
C GLU D 100 17.11 -18.29 -6.74
N SER D 101 16.64 -18.42 -7.98
CA SER D 101 15.82 -17.35 -8.55
C SER D 101 14.51 -17.20 -7.78
N VAL D 102 13.79 -18.30 -7.58
CA VAL D 102 12.54 -18.24 -6.84
C VAL D 102 12.78 -18.05 -5.35
N LYS D 103 13.93 -18.49 -4.83
CA LYS D 103 14.20 -18.34 -3.41
C LYS D 103 14.54 -16.89 -3.06
N PHE D 104 15.35 -16.23 -3.88
CA PHE D 104 15.89 -14.93 -3.57
C PHE D 104 15.12 -13.78 -4.22
N ASN D 105 14.03 -14.07 -4.94
CA ASN D 105 13.21 -13.05 -5.59
C ASN D 105 14.03 -12.24 -6.59
N VAL D 106 14.70 -12.93 -7.51
CA VAL D 106 15.56 -12.28 -8.49
C VAL D 106 15.00 -12.58 -9.88
N GLY D 107 13.68 -12.61 -9.98
CA GLY D 107 13.03 -13.00 -11.23
C GLY D 107 12.66 -11.83 -12.12
N ASP D 108 11.37 -11.49 -12.18
CA ASP D 108 10.88 -10.50 -13.12
C ASP D 108 10.85 -9.09 -12.56
N ASP D 109 10.36 -8.91 -11.33
CA ASP D 109 10.31 -7.58 -10.73
C ASP D 109 11.70 -7.01 -10.51
N CYS D 110 12.66 -7.83 -10.10
CA CYS D 110 14.06 -7.44 -9.96
C CYS D 110 14.85 -8.22 -11.01
N PRO D 111 14.86 -7.74 -12.25
CA PRO D 111 15.45 -8.52 -13.34
C PRO D 111 16.95 -8.64 -13.22
N VAL D 112 17.48 -9.67 -13.88
CA VAL D 112 18.92 -9.89 -13.97
C VAL D 112 19.39 -9.27 -15.28
N PHE D 113 20.30 -8.31 -15.20
CA PHE D 113 20.84 -7.67 -16.39
C PHE D 113 22.36 -7.89 -16.44
N ASP D 114 23.00 -7.23 -17.41
CA ASP D 114 24.38 -7.55 -17.74
C ASP D 114 25.37 -7.10 -16.68
N GLY D 115 25.09 -6.01 -15.96
CA GLY D 115 26.05 -5.46 -15.03
C GLY D 115 25.55 -5.37 -13.61
N LEU D 116 24.83 -6.40 -13.16
CA LEU D 116 24.18 -6.36 -11.85
C LEU D 116 25.20 -6.23 -10.72
N TYR D 117 26.19 -7.11 -10.70
CA TYR D 117 27.14 -7.13 -9.58
C TYR D 117 27.97 -5.85 -9.54
N GLU D 118 28.40 -5.36 -10.70
CA GLU D 118 29.18 -4.11 -10.73
C GLU D 118 28.36 -2.95 -10.19
N TYR D 119 27.10 -2.85 -10.61
CA TYR D 119 26.25 -1.76 -10.16
C TYR D 119 26.03 -1.83 -8.65
N CYS D 120 25.76 -3.03 -8.11
CA CYS D 120 25.57 -3.17 -6.67
C CYS D 120 26.86 -2.85 -5.92
N SER D 121 28.00 -3.27 -6.45
CA SER D 121 29.28 -2.97 -5.80
C SER D 121 29.56 -1.48 -5.76
N ILE D 122 29.26 -0.77 -6.86
CA ILE D 122 29.46 0.67 -6.89
C ILE D 122 28.55 1.34 -5.86
N SER D 123 27.28 0.92 -5.82
CA SER D 123 26.32 1.49 -4.88
C SER D 123 26.77 1.28 -3.44
N GLY D 124 27.24 0.09 -3.11
CA GLY D 124 27.73 -0.17 -1.76
C GLY D 124 28.99 0.58 -1.41
N GLY D 125 29.94 0.62 -2.34
CA GLY D 125 31.20 1.29 -2.09
C GLY D 125 31.04 2.78 -1.87
N GLY D 126 30.16 3.42 -2.65
CA GLY D 126 29.92 4.84 -2.44
C GLY D 126 29.42 5.15 -1.05
N SER D 127 28.42 4.41 -0.59
CA SER D 127 27.85 4.66 0.74
C SER D 127 28.86 4.37 1.84
N MET D 128 29.60 3.26 1.72
CA MET D 128 30.57 2.93 2.76
C MET D 128 31.70 3.96 2.80
N GLU D 129 32.16 4.42 1.63
CA GLU D 129 33.22 5.41 1.61
C GLU D 129 32.76 6.76 2.16
N GLY D 130 31.53 7.17 1.83
CA GLY D 130 31.00 8.38 2.43
C GLY D 130 30.88 8.28 3.94
N ALA D 131 30.45 7.11 4.43
CA ALA D 131 30.39 6.90 5.87
C ALA D 131 31.76 6.97 6.50
N ALA D 132 32.77 6.39 5.84
CA ALA D 132 34.13 6.44 6.36
C ALA D 132 34.65 7.87 6.42
N ARG D 133 34.41 8.65 5.36
CA ARG D 133 34.84 10.04 5.36
C ARG D 133 34.15 10.84 6.46
N LEU D 134 32.86 10.57 6.70
CA LEU D 134 32.20 11.18 7.84
C LEU D 134 32.86 10.74 9.15
N ASN D 135 33.28 9.48 9.22
CA ASN D 135 33.88 8.95 10.44
C ASN D 135 35.17 9.67 10.79
N ARG D 136 36.10 9.74 9.82
CA ARG D 136 37.40 10.33 10.12
C ARG D 136 37.33 11.84 10.29
N GLY D 137 36.30 12.48 9.76
CA GLY D 137 36.16 13.93 9.88
C GLY D 137 36.63 14.72 8.68
N LYS D 138 36.98 14.06 7.57
CA LYS D 138 37.41 14.78 6.37
C LYS D 138 36.31 15.73 5.89
N CYS D 139 35.11 15.19 5.69
CA CYS D 139 33.95 15.97 5.29
C CYS D 139 32.84 15.79 6.31
N ASP D 140 31.96 16.79 6.40
CA ASP D 140 30.77 16.70 7.24
C ASP D 140 29.50 16.60 6.42
N VAL D 141 29.62 16.44 5.10
CA VAL D 141 28.49 16.17 4.22
C VAL D 141 28.96 15.18 3.15
N ALA D 142 28.30 14.03 3.08
CA ALA D 142 28.57 13.04 2.04
C ALA D 142 27.36 12.90 1.15
N VAL D 143 27.60 12.89 -0.16
CA VAL D 143 26.54 12.77 -1.15
C VAL D 143 26.91 11.66 -2.11
N ASN D 144 26.11 10.59 -2.12
CA ASN D 144 26.28 9.48 -3.07
C ASN D 144 24.89 9.11 -3.56
N TYR D 145 24.54 9.57 -4.76
CA TYR D 145 23.21 9.35 -5.28
C TYR D 145 23.03 7.97 -5.90
N ALA D 146 24.11 7.25 -6.16
CA ALA D 146 23.99 5.89 -6.67
C ALA D 146 23.37 4.96 -5.64
N GLY D 147 23.83 5.05 -4.39
CA GLY D 147 23.27 4.24 -3.33
C GLY D 147 21.95 4.78 -2.82
N GLY D 148 21.30 3.96 -2.00
CA GLY D 148 19.99 4.31 -1.49
C GLY D 148 18.95 3.25 -1.79
N LEU D 149 19.41 2.02 -2.02
CA LEU D 149 18.51 0.88 -2.27
C LEU D 149 18.01 0.39 -0.92
N HIS D 150 17.00 1.09 -0.40
CA HIS D 150 16.49 0.90 0.95
C HIS D 150 15.46 -0.21 1.06
N HIS D 151 15.42 -1.15 0.11
CA HIS D 151 14.40 -2.18 0.08
C HIS D 151 14.95 -3.58 0.35
N ALA D 152 16.09 -3.93 -0.24
CA ALA D 152 16.64 -5.28 -0.10
C ALA D 152 16.87 -5.60 1.38
N LYS D 153 16.50 -6.82 1.78
CA LYS D 153 16.59 -7.24 3.19
C LYS D 153 17.32 -8.58 3.30
N LYS D 154 18.64 -8.52 3.24
CA LYS D 154 19.56 -9.54 3.78
C LYS D 154 19.52 -10.87 3.03
N SER D 155 18.45 -11.13 2.28
CA SER D 155 18.40 -12.41 1.56
C SER D 155 17.66 -12.34 0.23
N GLU D 156 17.17 -11.18 -0.21
CA GLU D 156 16.26 -11.16 -1.34
C GLU D 156 16.25 -9.79 -1.98
N ALA D 157 16.24 -9.79 -3.32
CA ALA D 157 15.96 -8.56 -4.05
C ALA D 157 14.49 -8.19 -3.89
N SER D 158 14.22 -6.90 -3.76
CA SER D 158 12.86 -6.42 -3.51
C SER D 158 12.75 -5.00 -4.03
N GLY D 159 11.85 -4.79 -4.99
CA GLY D 159 11.59 -3.45 -5.50
C GLY D 159 12.80 -2.81 -6.16
N PHE D 160 13.33 -3.46 -7.19
CA PHE D 160 14.39 -2.93 -8.05
C PHE D 160 15.73 -2.89 -7.34
N CYS D 161 15.76 -3.25 -6.05
CA CYS D 161 16.97 -3.19 -5.24
C CYS D 161 17.57 -4.57 -5.06
N TYR D 162 18.90 -4.60 -4.92
CA TYR D 162 19.63 -5.85 -4.71
C TYR D 162 20.59 -5.81 -3.54
N LEU D 163 21.13 -4.65 -3.17
CA LEU D 163 22.06 -4.53 -2.06
C LEU D 163 21.67 -3.32 -1.24
N ASN D 164 21.48 -3.53 0.07
CA ASN D 164 21.06 -2.46 0.98
C ASN D 164 22.29 -1.70 1.45
N ASP D 165 22.88 -0.93 0.53
CA ASP D 165 24.08 -0.16 0.84
C ASP D 165 23.84 0.81 1.99
N ILE D 166 22.59 1.24 2.20
CA ILE D 166 22.29 2.14 3.30
C ILE D 166 22.69 1.51 4.63
N VAL D 167 22.31 0.25 4.84
CA VAL D 167 22.59 -0.40 6.12
C VAL D 167 24.09 -0.53 6.34
N LEU D 168 24.86 -0.74 5.26
CA LEU D 168 26.30 -0.70 5.36
C LEU D 168 26.77 0.68 5.81
N GLY D 169 26.12 1.73 5.29
CA GLY D 169 26.43 3.07 5.74
C GLY D 169 26.22 3.28 7.22
N ILE D 170 25.06 2.84 7.74
CA ILE D 170 24.83 3.03 9.18
C ILE D 170 25.76 2.14 9.99
N ILE D 171 26.12 0.97 9.48
CA ILE D 171 27.08 0.13 10.21
C ILE D 171 28.41 0.86 10.35
N GLU D 172 28.90 1.43 9.25
CA GLU D 172 30.17 2.15 9.29
C GLU D 172 30.08 3.38 10.19
N LEU D 173 28.95 4.09 10.14
CA LEU D 173 28.76 5.24 11.04
C LEU D 173 28.66 4.82 12.50
N LEU D 174 28.06 3.66 12.79
CA LEU D 174 27.99 3.14 14.15
C LEU D 174 29.36 2.76 14.67
N ARG D 175 30.28 2.34 13.80
CA ARG D 175 31.63 2.04 14.27
C ARG D 175 32.30 3.25 14.94
N TYR D 176 31.72 4.44 14.83
CA TYR D 176 32.22 5.62 15.53
C TYR D 176 31.18 6.31 16.40
N HIS D 177 29.93 6.43 15.92
CA HIS D 177 29.02 7.31 16.63
C HIS D 177 28.08 6.51 17.53
N PRO D 178 27.74 7.05 18.70
CA PRO D 178 26.82 6.33 19.60
C PRO D 178 25.43 6.13 19.04
N ARG D 179 24.91 7.08 18.26
CA ARG D 179 23.55 7.00 17.76
C ARG D 179 23.50 7.55 16.34
N VAL D 180 22.63 6.95 15.52
CA VAL D 180 22.42 7.38 14.14
C VAL D 180 20.92 7.51 13.91
N LEU D 181 20.54 8.56 13.18
CA LEU D 181 19.16 8.80 12.78
C LEU D 181 19.04 8.67 11.27
N TYR D 182 18.14 7.80 10.82
CA TYR D 182 17.91 7.55 9.40
C TYR D 182 16.53 8.08 9.03
N ILE D 183 16.49 9.19 8.31
CA ILE D 183 15.25 9.79 7.83
C ILE D 183 15.05 9.39 6.38
N ASP D 184 13.83 8.95 6.06
CA ASP D 184 13.49 8.50 4.71
C ASP D 184 12.27 9.28 4.23
N ILE D 185 12.38 9.88 3.06
CA ILE D 185 11.30 10.71 2.51
C ILE D 185 10.86 10.17 1.16
N ASP D 186 11.33 8.98 0.80
CA ASP D 186 10.83 8.30 -0.38
C ASP D 186 9.37 7.92 -0.18
N VAL D 187 8.60 7.92 -1.27
CA VAL D 187 7.17 7.68 -1.18
C VAL D 187 6.89 6.27 -0.67
N HIS D 188 7.84 5.36 -0.87
CA HIS D 188 7.70 3.98 -0.41
C HIS D 188 8.36 3.82 0.96
N HIS D 189 7.71 3.05 1.83
CA HIS D 189 8.23 2.80 3.16
C HIS D 189 9.57 2.08 3.09
N GLY D 190 10.50 2.49 3.94
CA GLY D 190 11.80 1.87 4.00
C GLY D 190 11.81 0.60 4.82
N ASP D 191 11.21 -0.46 4.26
CA ASP D 191 11.10 -1.71 4.99
C ASP D 191 12.47 -2.33 5.26
N GLY D 192 13.37 -2.29 4.28
CA GLY D 192 14.66 -2.94 4.44
C GLY D 192 15.49 -2.33 5.55
N VAL D 193 15.50 -1.00 5.63
CA VAL D 193 16.30 -0.31 6.65
C VAL D 193 15.60 -0.28 8.01
N GLU D 194 14.27 -0.36 8.03
CA GLU D 194 13.56 -0.45 9.30
C GLU D 194 13.65 -1.84 9.90
N GLU D 195 13.74 -2.88 9.06
CA GLU D 195 13.82 -4.25 9.55
C GLU D 195 15.17 -4.54 10.19
N ALA D 196 16.26 -4.06 9.57
CA ALA D 196 17.59 -4.37 10.08
C ALA D 196 17.88 -3.72 11.42
N PHE D 197 17.12 -2.67 11.78
CA PHE D 197 17.29 -2.01 13.07
C PHE D 197 15.99 -1.98 13.85
N TYR D 198 15.11 -2.96 13.61
CA TYR D 198 13.86 -3.04 14.34
C TYR D 198 14.09 -3.32 15.82
N THR D 199 15.20 -3.98 16.16
CA THR D 199 15.45 -4.43 17.52
C THR D 199 16.44 -3.58 18.30
N THR D 200 17.36 -2.89 17.62
CA THR D 200 18.38 -2.14 18.33
C THR D 200 17.88 -0.73 18.69
N ASP D 201 18.48 -0.17 19.73
CA ASP D 201 18.18 1.19 20.16
C ASP D 201 19.24 2.20 19.75
N ARG D 202 20.19 1.80 18.91
CA ARG D 202 21.19 2.73 18.40
C ARG D 202 20.64 3.53 17.24
N VAL D 203 20.22 2.85 16.19
CA VAL D 203 19.71 3.48 14.98
C VAL D 203 18.23 3.74 15.12
N MET D 204 17.81 4.98 14.90
CA MET D 204 16.41 5.36 14.93
C MET D 204 15.96 5.71 13.52
N THR D 205 14.96 4.99 13.02
CA THR D 205 14.46 5.21 11.68
C THR D 205 13.18 6.04 11.72
N CYS D 206 13.01 6.89 10.71
CA CYS D 206 11.81 7.73 10.61
C CYS D 206 11.46 7.83 9.14
N SER D 207 10.41 7.13 8.73
CA SER D 207 10.04 7.01 7.33
C SER D 207 8.70 7.68 7.06
N PHE D 208 8.67 8.59 6.10
CA PHE D 208 7.44 9.21 5.61
C PHE D 208 7.06 8.50 4.33
N HIS D 209 5.86 7.91 4.30
CA HIS D 209 5.51 7.08 3.15
C HIS D 209 4.01 7.12 2.91
N LYS D 210 3.62 6.58 1.76
CA LYS D 210 2.21 6.42 1.41
C LYS D 210 1.72 5.07 1.90
N TYR D 211 0.67 5.08 2.72
CA TYR D 211 0.09 3.86 3.27
C TYR D 211 -1.27 3.61 2.64
N GLY D 212 -1.44 2.38 2.13
CA GLY D 212 -2.69 1.95 1.55
C GLY D 212 -2.53 0.56 0.98
N GLU D 213 -3.03 0.34 -0.22
CA GLU D 213 -2.67 -0.85 -0.99
C GLU D 213 -1.54 -0.52 -1.95
N PHE D 214 -0.46 0.01 -1.39
CA PHE D 214 0.72 0.45 -2.13
C PHE D 214 1.84 -0.56 -1.92
N PHE D 215 2.86 -0.46 -2.78
CA PHE D 215 3.88 -1.52 -2.91
C PHE D 215 4.51 -1.97 -1.59
N PRO D 216 5.01 -1.09 -0.72
CA PRO D 216 5.67 -1.61 0.50
C PRO D 216 4.75 -2.42 1.39
N GLY D 217 3.48 -2.00 1.51
CA GLY D 217 2.52 -2.71 2.33
C GLY D 217 2.72 -2.57 3.82
N THR D 218 3.95 -2.27 4.26
CA THR D 218 4.29 -2.15 5.67
C THR D 218 4.26 -0.68 6.05
N GLY D 219 4.77 -0.36 7.24
CA GLY D 219 4.81 1.02 7.68
C GLY D 219 3.57 1.51 8.39
N GLU D 220 2.84 0.62 9.07
CA GLU D 220 1.68 1.03 9.83
C GLU D 220 2.10 1.99 10.93
N LEU D 221 1.12 2.74 11.44
CA LEU D 221 1.42 3.75 12.46
C LEU D 221 1.96 3.11 13.73
N ARG D 222 1.41 1.96 14.12
CA ARG D 222 1.81 1.28 15.35
C ARG D 222 2.90 0.24 15.05
N ASP D 223 4.05 0.73 14.60
CA ASP D 223 5.23 -0.07 14.32
C ASP D 223 6.44 0.52 15.04
N ILE D 224 6.27 0.79 16.33
CA ILE D 224 7.24 1.54 17.13
C ILE D 224 8.52 0.75 17.34
N GLY D 225 8.55 -0.50 16.90
CA GLY D 225 9.73 -1.31 17.10
C GLY D 225 9.55 -2.31 18.23
N VAL D 226 10.26 -3.43 18.12
CA VAL D 226 10.11 -4.56 19.03
C VAL D 226 11.39 -4.73 19.84
N GLY D 227 11.27 -5.35 21.01
CA GLY D 227 12.43 -5.70 21.80
C GLY D 227 13.18 -4.48 22.30
N ALA D 228 14.52 -4.56 22.27
CA ALA D 228 15.36 -3.48 22.78
C ALA D 228 15.17 -2.19 22.01
N GLY D 229 14.64 -2.25 20.79
CA GLY D 229 14.43 -1.06 19.99
C GLY D 229 12.99 -0.61 19.98
N LYS D 230 12.29 -0.81 21.08
CA LYS D 230 10.92 -0.31 21.20
C LYS D 230 10.93 1.21 21.27
N ASN D 231 9.95 1.83 20.59
CA ASN D 231 9.80 3.28 20.45
C ASN D 231 10.93 3.90 19.65
N TYR D 232 11.74 3.12 18.94
CA TYR D 232 12.85 3.63 18.14
C TYR D 232 12.60 3.42 16.65
N ALA D 233 11.36 3.59 16.22
CA ALA D 233 11.02 3.51 14.80
C ALA D 233 9.74 4.30 14.59
N VAL D 234 9.76 5.25 13.68
CA VAL D 234 8.63 6.14 13.44
C VAL D 234 8.18 5.99 11.99
N ASN D 235 6.87 5.82 11.82
CA ASN D 235 6.26 5.69 10.51
C ASN D 235 5.20 6.76 10.35
N VAL D 236 5.27 7.51 9.26
CA VAL D 236 4.28 8.55 8.97
C VAL D 236 3.51 8.16 7.71
N PRO D 237 2.28 7.65 7.86
CA PRO D 237 1.47 7.31 6.69
C PRO D 237 0.77 8.54 6.12
N LEU D 238 0.78 8.67 4.80
CA LEU D 238 0.19 9.80 4.12
C LEU D 238 -0.63 9.32 2.92
N ARG D 239 -1.60 10.12 2.54
CA ARG D 239 -2.53 9.77 1.47
C ARG D 239 -2.07 10.38 0.15
N ASP D 240 -2.93 10.30 -0.87
CA ASP D 240 -2.57 10.74 -2.21
C ASP D 240 -2.41 12.25 -2.27
N GLY D 241 -1.50 12.69 -3.13
CA GLY D 241 -1.41 14.09 -3.53
C GLY D 241 -1.11 15.07 -2.42
N ILE D 242 -0.17 14.75 -1.53
CA ILE D 242 0.27 15.74 -0.55
C ILE D 242 1.18 16.74 -1.23
N ASP D 243 1.16 17.98 -0.73
CA ASP D 243 1.89 19.08 -1.36
C ASP D 243 2.85 19.71 -0.36
N ASP D 244 3.55 20.75 -0.82
CA ASP D 244 4.63 21.36 -0.04
C ASP D 244 4.12 21.94 1.27
N ALA D 245 3.04 22.72 1.21
CA ALA D 245 2.53 23.38 2.40
C ALA D 245 2.02 22.39 3.44
N THR D 246 1.79 21.14 3.06
CA THR D 246 1.39 20.08 3.97
C THR D 246 2.53 19.15 4.34
N TYR D 247 3.36 18.78 3.35
CA TYR D 247 4.50 17.92 3.64
C TYR D 247 5.49 18.59 4.57
N ARG D 248 5.72 19.89 4.37
CA ARG D 248 6.58 20.62 5.30
C ARG D 248 5.95 20.66 6.70
N SER D 249 4.64 20.88 6.76
CA SER D 249 3.97 21.01 8.05
C SER D 249 3.97 19.70 8.81
N VAL D 250 4.03 18.57 8.12
CA VAL D 250 4.13 17.29 8.82
C VAL D 250 5.58 16.90 9.07
N PHE D 251 6.49 17.32 8.19
CA PHE D 251 7.89 16.96 8.32
C PHE D 251 8.55 17.67 9.49
N GLU D 252 8.37 18.99 9.59
CA GLU D 252 9.19 19.77 10.51
C GLU D 252 8.97 19.41 11.98
N PRO D 253 7.74 19.38 12.52
CA PRO D 253 7.60 19.10 13.95
C PRO D 253 8.16 17.75 14.38
N VAL D 254 7.98 16.71 13.57
CA VAL D 254 8.44 15.38 13.95
C VAL D 254 9.96 15.33 14.02
N ILE D 255 10.63 15.88 13.00
CA ILE D 255 12.09 15.88 13.01
C ILE D 255 12.62 16.79 14.12
N LYS D 256 11.93 17.91 14.36
CA LYS D 256 12.28 18.78 15.48
C LYS D 256 12.29 18.01 16.79
N LYS D 257 11.19 17.30 17.08
CA LYS D 257 11.10 16.53 18.32
C LYS D 257 12.12 15.40 18.35
N ILE D 258 12.35 14.74 17.22
CA ILE D 258 13.30 13.63 17.18
C ILE D 258 14.69 14.11 17.52
N MET D 259 15.14 15.19 16.87
CA MET D 259 16.50 15.67 17.08
C MET D 259 16.65 16.41 18.41
N GLU D 260 15.56 16.95 18.97
CA GLU D 260 15.63 17.53 20.30
C GLU D 260 15.65 16.47 21.39
N TRP D 261 15.01 15.31 21.15
CA TRP D 261 14.79 14.36 22.23
C TRP D 261 15.61 13.09 22.08
N TYR D 262 15.68 12.52 20.87
CA TYR D 262 16.53 11.37 20.59
C TYR D 262 18.01 11.75 20.49
N GLN D 263 18.29 12.94 19.94
CA GLN D 263 19.62 13.54 19.90
C GLN D 263 20.64 12.64 19.20
N PRO D 264 20.54 12.48 17.88
CA PRO D 264 21.52 11.64 17.18
C PRO D 264 22.86 12.36 17.04
N SER D 265 23.88 11.57 16.74
CA SER D 265 25.22 12.11 16.48
C SER D 265 25.39 12.41 14.99
N ALA D 266 25.20 11.41 14.14
CA ALA D 266 25.18 11.58 12.70
C ALA D 266 23.74 11.45 12.20
N VAL D 267 23.57 11.55 10.88
CA VAL D 267 22.25 11.41 10.29
C VAL D 267 22.36 11.01 8.83
N VAL D 268 21.59 10.01 8.42
CA VAL D 268 21.45 9.64 7.03
C VAL D 268 20.09 10.10 6.56
N LEU D 269 20.05 10.65 5.35
CA LEU D 269 18.80 11.14 4.77
C LEU D 269 18.65 10.54 3.39
N GLN D 270 17.53 9.86 3.15
CA GLN D 270 17.25 9.23 1.87
C GLN D 270 16.39 10.16 1.04
N CYS D 271 16.99 10.78 0.03
CA CYS D 271 16.30 11.73 -0.85
C CYS D 271 15.91 10.99 -2.12
N GLY D 272 14.69 10.48 -2.15
CA GLY D 272 14.16 9.78 -3.31
C GLY D 272 13.29 10.71 -4.14
N GLY D 273 13.39 10.56 -5.46
CA GLY D 273 12.63 11.40 -6.37
C GLY D 273 11.24 10.87 -6.64
N ASP D 274 10.84 9.83 -5.91
CA ASP D 274 9.52 9.24 -6.10
C ASP D 274 8.41 10.15 -5.57
N SER D 275 8.72 11.04 -4.64
CA SER D 275 7.73 11.96 -4.10
C SER D 275 7.51 13.18 -5.00
N LEU D 276 8.27 13.30 -6.08
CA LEU D 276 8.13 14.44 -6.98
C LEU D 276 6.81 14.39 -7.74
N SER D 277 6.35 15.57 -8.15
CA SER D 277 5.12 15.66 -8.91
C SER D 277 5.29 15.02 -10.29
N GLY D 278 4.27 14.27 -10.72
CA GLY D 278 4.31 13.63 -12.02
C GLY D 278 5.34 12.54 -12.17
N ASP D 279 5.49 11.69 -11.17
CA ASP D 279 6.42 10.57 -11.25
C ASP D 279 5.69 9.34 -11.80
N ARG D 280 6.46 8.46 -12.44
CA ARG D 280 5.86 7.32 -13.14
C ARG D 280 5.15 6.37 -12.19
N LEU D 281 5.63 6.25 -10.95
CA LEU D 281 5.04 5.32 -9.98
C LEU D 281 4.48 6.01 -8.76
N GLY D 282 5.02 7.15 -8.37
CA GLY D 282 4.56 7.83 -7.16
C GLY D 282 3.20 8.47 -7.33
N CYS D 283 2.69 8.98 -6.22
CA CYS D 283 1.37 9.61 -6.21
C CYS D 283 1.35 10.89 -5.38
N PHE D 284 2.50 11.44 -5.04
CA PHE D 284 2.58 12.68 -4.28
C PHE D 284 2.61 13.87 -5.23
N ASN D 285 2.48 15.06 -4.65
CA ASN D 285 2.46 16.31 -5.41
C ASN D 285 3.44 17.31 -4.83
N LEU D 286 4.66 16.83 -4.55
CA LEU D 286 5.71 17.71 -4.07
C LEU D 286 6.40 18.41 -5.24
N SER D 287 6.69 19.68 -5.05
CA SER D 287 7.52 20.42 -6.01
C SER D 287 8.98 20.26 -5.64
N MET D 288 9.85 20.86 -6.48
CA MET D 288 11.28 20.80 -6.19
C MET D 288 11.61 21.51 -4.88
N GLU D 289 11.02 22.67 -4.65
CA GLU D 289 11.28 23.40 -3.41
C GLU D 289 10.68 22.69 -2.20
N GLY D 290 9.53 22.05 -2.36
CA GLY D 290 8.98 21.26 -1.27
C GLY D 290 9.89 20.11 -0.88
N HIS D 291 10.51 19.46 -1.87
CA HIS D 291 11.50 18.43 -1.57
C HIS D 291 12.74 19.01 -0.93
N ALA D 292 13.20 20.18 -1.41
CA ALA D 292 14.41 20.78 -0.89
C ALA D 292 14.25 21.33 0.51
N ASN D 293 13.02 21.64 0.92
CA ASN D 293 12.80 22.13 2.29
C ASN D 293 13.20 21.08 3.31
N CYS D 294 12.98 19.80 3.00
CA CYS D 294 13.39 18.73 3.92
C CYS D 294 14.90 18.72 4.11
N VAL D 295 15.66 18.86 3.01
CA VAL D 295 17.11 18.85 3.10
C VAL D 295 17.60 20.09 3.83
N ASN D 296 16.98 21.25 3.55
CA ASN D 296 17.30 22.46 4.31
C ASN D 296 17.12 22.25 5.80
N TYR D 297 15.97 21.70 6.21
CA TYR D 297 15.71 21.54 7.63
C TYR D 297 16.63 20.50 8.26
N VAL D 298 16.98 19.45 7.51
CA VAL D 298 17.91 18.46 8.04
C VAL D 298 19.30 19.06 8.24
N LYS D 299 19.77 19.84 7.26
CA LYS D 299 21.07 20.49 7.38
C LYS D 299 21.05 21.59 8.43
N SER D 300 19.87 22.09 8.80
CA SER D 300 19.76 23.17 9.78
C SER D 300 20.14 22.76 11.20
N PHE D 301 20.65 21.55 11.39
CA PHE D 301 20.99 21.07 12.73
C PHE D 301 22.48 20.95 12.99
N GLY D 302 23.32 20.93 11.96
CA GLY D 302 24.75 21.01 12.13
C GLY D 302 25.49 19.69 12.23
N ILE D 303 24.79 18.57 12.43
CA ILE D 303 25.44 17.27 12.61
C ILE D 303 25.87 16.73 11.25
N PRO D 304 26.89 15.88 11.19
CA PRO D 304 27.31 15.32 9.90
C PRO D 304 26.20 14.48 9.26
N MET D 305 26.14 14.55 7.94
CA MET D 305 25.06 13.90 7.20
C MET D 305 25.62 13.20 5.97
N MET D 306 24.93 12.15 5.54
CA MET D 306 25.26 11.39 4.34
C MET D 306 23.99 11.25 3.51
N VAL D 307 23.75 12.22 2.62
CA VAL D 307 22.56 12.22 1.78
C VAL D 307 22.75 11.22 0.65
N VAL D 308 21.76 10.35 0.45
CA VAL D 308 21.78 9.38 -0.64
C VAL D 308 20.58 9.64 -1.55
N GLY D 309 20.49 8.86 -2.63
CA GLY D 309 19.38 9.00 -3.56
C GLY D 309 18.75 7.68 -3.93
N GLY D 310 17.46 7.51 -3.60
CA GLY D 310 16.79 6.25 -3.79
C GLY D 310 15.98 6.14 -5.05
N GLY D 311 14.66 6.24 -4.92
CA GLY D 311 13.76 6.08 -6.04
C GLY D 311 13.69 7.33 -6.91
N GLY D 312 12.71 7.32 -7.81
CA GLY D 312 12.55 8.38 -8.78
C GLY D 312 12.71 7.86 -10.19
N TYR D 313 11.64 7.92 -10.99
CA TYR D 313 11.62 7.24 -12.28
C TYR D 313 11.27 8.17 -13.43
N THR D 314 11.31 9.48 -13.21
CA THR D 314 11.26 10.47 -14.27
C THR D 314 12.57 11.25 -14.21
N MET D 315 13.48 10.96 -15.14
CA MET D 315 14.84 11.48 -15.04
C MET D 315 14.88 13.00 -15.11
N ARG D 316 14.08 13.60 -15.99
CA ARG D 316 14.10 15.05 -16.13
C ARG D 316 13.71 15.76 -14.85
N ASN D 317 13.04 15.07 -13.92
CA ASN D 317 12.68 15.65 -12.64
C ASN D 317 13.71 15.33 -11.55
N VAL D 318 14.13 14.07 -11.46
CA VAL D 318 15.03 13.68 -10.39
C VAL D 318 16.41 14.30 -10.58
N ALA D 319 16.88 14.40 -11.83
CA ALA D 319 18.17 15.03 -12.07
C ALA D 319 18.16 16.49 -11.61
N ARG D 320 17.10 17.22 -11.98
CA ARG D 320 16.98 18.61 -11.58
C ARG D 320 16.90 18.74 -10.06
N THR D 321 16.10 17.89 -9.43
CA THR D 321 15.94 17.98 -7.98
C THR D 321 17.23 17.66 -7.26
N TRP D 322 17.96 16.62 -7.71
CA TRP D 322 19.21 16.26 -7.06
C TRP D 322 20.26 17.34 -7.26
N CYS D 323 20.31 17.95 -8.44
CA CYS D 323 21.24 19.06 -8.67
C CYS D 323 20.91 20.24 -7.75
N PHE D 324 19.61 20.54 -7.59
CA PHE D 324 19.23 21.63 -6.70
C PHE D 324 19.58 21.30 -5.26
N GLU D 325 19.40 20.04 -4.85
CA GLU D 325 19.77 19.64 -3.50
C GLU D 325 21.26 19.78 -3.25
N THR D 326 22.09 19.32 -4.19
CA THR D 326 23.53 19.42 -4.01
C THR D 326 23.99 20.87 -4.03
N GLY D 327 23.31 21.72 -4.81
CA GLY D 327 23.61 23.15 -4.76
C GLY D 327 23.24 23.75 -3.42
N LEU D 328 22.07 23.39 -2.88
CA LEU D 328 21.64 23.90 -1.60
C LEU D 328 22.54 23.44 -0.46
N LEU D 329 23.09 22.22 -0.58
CA LEU D 329 24.00 21.72 0.45
C LEU D 329 25.25 22.58 0.52
N ASN D 330 25.74 23.05 -0.61
CA ASN D 330 26.88 23.95 -0.68
C ASN D 330 26.53 25.39 -0.34
N ASN D 331 25.35 25.62 0.25
CA ASN D 331 24.88 26.91 0.74
C ASN D 331 24.63 27.92 -0.38
N VAL D 332 24.41 27.46 -1.61
CA VAL D 332 24.09 28.36 -2.72
C VAL D 332 22.73 27.99 -3.27
N VAL D 333 22.03 29.00 -3.79
CA VAL D 333 20.77 28.81 -4.48
C VAL D 333 21.03 28.93 -5.97
N LEU D 334 20.81 27.84 -6.71
CA LEU D 334 21.24 27.78 -8.09
C LEU D 334 20.36 28.65 -8.97
N ASP D 335 20.87 28.94 -10.17
CA ASP D 335 20.14 29.73 -11.14
C ASP D 335 18.97 28.91 -11.69
N LYS D 336 17.87 29.60 -11.97
CA LYS D 336 16.70 28.94 -12.56
C LYS D 336 16.84 28.69 -14.04
N ASP D 337 18.02 28.88 -14.61
CA ASP D 337 18.25 28.68 -16.03
C ASP D 337 19.26 27.54 -16.23
N LEU D 338 19.07 26.80 -17.32
CA LEU D 338 19.94 25.65 -17.47
C LEU D 338 21.25 26.03 -18.16
N PRO D 339 22.37 25.49 -17.68
CA PRO D 339 23.68 25.89 -18.19
C PRO D 339 24.09 25.19 -19.48
N TYR D 340 23.13 24.63 -20.23
CA TYR D 340 23.39 23.89 -21.46
C TYR D 340 24.26 22.66 -21.17
N ASN D 341 23.64 21.72 -20.48
CA ASN D 341 24.23 20.41 -20.23
C ASN D 341 24.24 19.62 -21.54
N GLU D 342 24.73 18.38 -21.47
CA GLU D 342 24.71 17.51 -22.65
C GLU D 342 23.29 17.08 -22.99
N TYR D 343 22.48 16.79 -21.98
CA TYR D 343 21.13 16.26 -22.18
C TYR D 343 20.08 17.38 -22.11
N TYR D 344 20.25 18.36 -22.99
CA TYR D 344 19.33 19.50 -23.02
C TYR D 344 17.91 19.08 -23.40
N GLU D 345 17.78 18.26 -24.44
CA GLU D 345 16.47 17.93 -25.00
C GLU D 345 15.54 17.31 -23.96
N TYR D 346 16.10 16.68 -22.94
CA TYR D 346 15.28 16.03 -21.91
C TYR D 346 14.46 17.02 -21.10
N TYR D 347 14.84 18.29 -21.06
CA TYR D 347 14.39 19.17 -20.00
C TYR D 347 13.21 20.05 -20.40
N GLY D 348 12.28 19.53 -21.18
CA GLY D 348 10.95 20.11 -21.29
C GLY D 348 10.86 21.33 -22.17
N PRO D 349 9.71 22.01 -22.11
CA PRO D 349 9.48 23.13 -23.04
C PRO D 349 10.27 24.38 -22.68
N ASP D 350 10.36 24.74 -21.40
CA ASP D 350 10.98 25.99 -21.01
C ASP D 350 12.45 25.85 -20.60
N TYR D 351 12.91 24.62 -20.34
CA TYR D 351 14.31 24.36 -20.00
C TYR D 351 14.75 25.15 -18.77
N LYS D 352 13.95 25.05 -17.71
CA LYS D 352 14.28 25.67 -16.43
C LYS D 352 14.81 24.60 -15.47
N LEU D 353 15.05 25.00 -14.23
CA LEU D 353 15.41 24.08 -13.15
C LEU D 353 14.28 24.17 -12.13
N SER D 354 13.23 23.39 -12.35
CA SER D 354 12.06 23.41 -11.47
C SER D 354 11.19 22.20 -11.78
N VAL D 355 10.45 21.76 -10.77
CA VAL D 355 9.44 20.72 -10.91
C VAL D 355 8.10 21.35 -10.59
N ARG D 356 7.18 21.30 -11.57
CA ARG D 356 5.90 21.96 -11.41
C ARG D 356 4.88 20.98 -10.83
N PRO D 357 4.16 21.36 -9.79
CA PRO D 357 3.11 20.48 -9.25
C PRO D 357 1.90 20.44 -10.17
N SER D 358 1.07 19.44 -9.96
CA SER D 358 -0.20 19.29 -10.66
C SER D 358 -1.33 19.76 -9.75
N ASN D 359 -2.52 19.87 -10.34
CA ASN D 359 -3.71 20.31 -9.61
C ASN D 359 -4.44 19.17 -8.93
N MET D 360 -3.76 18.04 -8.69
CA MET D 360 -4.41 16.89 -8.07
C MET D 360 -4.85 17.23 -6.66
N PHE D 361 -5.94 16.61 -6.23
CA PHE D 361 -6.61 16.96 -4.99
C PHE D 361 -5.90 16.30 -3.80
N ASN D 362 -5.64 17.11 -2.77
CA ASN D 362 -4.93 16.66 -1.58
C ASN D 362 -5.93 16.02 -0.61
N VAL D 363 -5.71 14.76 -0.28
CA VAL D 363 -6.68 13.99 0.49
C VAL D 363 -6.25 13.93 1.96
N ASN D 364 -5.18 14.66 2.31
CA ASN D 364 -4.64 14.64 3.66
C ASN D 364 -5.27 15.78 4.46
N THR D 365 -6.33 15.45 5.20
CA THR D 365 -6.99 16.45 6.03
C THR D 365 -6.13 16.77 7.24
N PRO D 366 -6.27 17.99 7.78
CA PRO D 366 -5.47 18.35 8.97
C PRO D 366 -5.78 17.49 10.19
N GLU D 367 -7.00 16.97 10.32
CA GLU D 367 -7.34 16.17 11.49
C GLU D 367 -6.55 14.87 11.54
N TYR D 368 -6.42 14.20 10.38
CA TYR D 368 -5.68 12.93 10.34
C TYR D 368 -4.21 13.16 10.68
N LEU D 369 -3.61 14.21 10.12
CA LEU D 369 -2.24 14.53 10.46
C LEU D 369 -2.10 14.90 11.93
N ASP D 370 -3.09 15.61 12.49
CA ASP D 370 -3.03 15.96 13.90
C ASP D 370 -3.05 14.72 14.78
N LYS D 371 -3.90 13.75 14.44
CA LYS D 371 -3.90 12.49 15.19
C LYS D 371 -2.58 11.75 15.04
N VAL D 372 -2.00 11.77 13.84
CA VAL D 372 -0.71 11.10 13.63
C VAL D 372 0.37 11.75 14.48
N MET D 373 0.40 13.09 14.52
CA MET D 373 1.36 13.78 15.38
C MET D 373 1.13 13.45 16.85
N THR D 374 -0.14 13.42 17.28
CA THR D 374 -0.40 13.10 18.68
C THR D 374 0.15 11.72 19.04
N ASN D 375 -0.11 10.72 18.19
CA ASN D 375 0.38 9.38 18.47
C ASN D 375 1.91 9.34 18.47
N ILE D 376 2.54 9.96 17.46
CA ILE D 376 3.99 9.91 17.35
C ILE D 376 4.66 10.60 18.54
N PHE D 377 4.17 11.80 18.90
CA PHE D 377 4.75 12.53 20.01
C PHE D 377 4.53 11.81 21.33
N ALA D 378 3.35 11.22 21.52
CA ALA D 378 3.11 10.43 22.73
C ALA D 378 4.06 9.25 22.82
N ASN D 379 4.32 8.59 21.69
CA ASN D 379 5.31 7.52 21.67
C ASN D 379 6.69 8.04 22.05
N LEU D 380 7.07 9.20 21.49
CA LEU D 380 8.42 9.71 21.68
C LEU D 380 8.65 10.40 23.02
N GLU D 381 7.60 10.67 23.80
CA GLU D 381 7.79 11.34 25.09
C GLU D 381 8.63 10.53 26.08
N ASN D 382 9.01 9.31 25.71
CA ASN D 382 9.80 8.47 26.60
C ASN D 382 11.13 8.09 25.94
N THR D 383 11.74 9.04 25.24
CA THR D 383 13.00 8.78 24.55
C THR D 383 14.04 9.87 24.83
N LYS D 384 14.37 10.12 26.10
CA LYS D 384 15.35 11.15 26.45
C LYS D 384 16.74 10.75 25.95
N ILE E 220 -18.33 -45.31 5.09
CA ILE E 220 -18.72 -45.71 6.45
C ILE E 220 -18.68 -44.50 7.37
N SER E 221 -19.67 -44.41 8.26
CA SER E 221 -19.80 -43.26 9.14
C SER E 221 -18.75 -43.31 10.25
N LEU E 222 -18.08 -42.19 10.48
CA LEU E 222 -17.12 -42.03 11.56
C LEU E 222 -17.51 -40.82 12.39
N GLN E 223 -17.57 -40.98 13.70
CA GLN E 223 -18.04 -39.93 14.61
C GLN E 223 -16.84 -39.34 15.34
N ILE E 224 -16.20 -38.36 14.73
CA ILE E 224 -15.12 -37.61 15.37
C ILE E 224 -15.75 -36.56 16.29
N PRO E 225 -15.30 -36.43 17.52
CA PRO E 225 -15.82 -35.38 18.40
C PRO E 225 -15.63 -34.01 17.80
N ILE E 226 -16.44 -33.06 18.28
CA ILE E 226 -16.44 -31.72 17.69
C ILE E 226 -15.14 -30.98 17.98
N LYS E 227 -14.53 -31.21 19.15
CA LYS E 227 -13.28 -30.53 19.47
C LYS E 227 -12.16 -30.95 18.53
N LEU E 228 -12.09 -32.23 18.18
CA LEU E 228 -11.05 -32.68 17.25
C LEU E 228 -11.29 -32.18 15.83
N LYS E 229 -12.56 -32.06 15.42
CA LYS E 229 -12.85 -31.43 14.14
C LYS E 229 -12.41 -29.97 14.14
N SER E 230 -12.66 -29.26 15.25
CA SER E 230 -12.21 -27.88 15.37
C SER E 230 -10.69 -27.79 15.30
N VAL E 231 -10.00 -28.71 15.96
CA VAL E 231 -8.53 -28.73 15.94
C VAL E 231 -8.02 -28.98 14.53
N LEU E 232 -8.65 -29.89 13.81
CA LEU E 232 -8.25 -30.17 12.42
C LEU E 232 -8.46 -28.96 11.53
N VAL E 233 -9.60 -28.27 11.71
CA VAL E 233 -9.86 -27.06 10.92
C VAL E 233 -8.82 -25.99 11.25
N ASP E 234 -8.47 -25.87 12.53
CA ASP E 234 -7.44 -24.91 12.93
C ASP E 234 -6.09 -25.25 12.30
N ASP E 235 -5.75 -26.53 12.25
CA ASP E 235 -4.51 -26.94 11.60
C ASP E 235 -4.52 -26.57 10.12
N TRP E 236 -5.64 -26.83 9.44
CA TRP E 236 -5.74 -26.46 8.03
C TRP E 236 -5.58 -24.96 7.84
N GLU E 237 -6.24 -24.15 8.68
CA GLU E 237 -6.16 -22.71 8.56
C GLU E 237 -4.73 -22.22 8.83
N TYR E 238 -4.10 -22.75 9.88
CA TYR E 238 -2.74 -22.33 10.21
C TYR E 238 -1.77 -22.66 9.08
N VAL E 239 -1.86 -23.88 8.54
CA VAL E 239 -0.90 -24.30 7.52
C VAL E 239 -1.12 -23.55 6.22
N THR E 240 -2.37 -23.40 5.78
CA THR E 240 -2.61 -22.89 4.44
C THR E 240 -2.77 -21.37 4.40
N LYS E 241 -3.38 -20.76 5.41
CA LYS E 241 -3.63 -19.32 5.40
C LYS E 241 -2.47 -18.53 6.03
N ASP E 242 -2.10 -18.88 7.25
CA ASP E 242 -1.07 -18.14 7.99
C ASP E 242 0.34 -18.63 7.68
N LYS E 243 0.49 -19.60 6.78
CA LYS E 243 1.76 -20.10 6.30
C LYS E 243 2.59 -20.80 7.36
N LYS E 244 2.06 -20.99 8.56
CA LYS E 244 2.80 -21.66 9.62
C LYS E 244 2.95 -23.14 9.32
N ILE E 245 4.01 -23.73 9.87
CA ILE E 245 4.25 -25.16 9.82
C ILE E 245 4.49 -25.66 11.24
N CYS E 246 4.65 -26.97 11.36
CA CYS E 246 4.80 -27.60 12.67
C CYS E 246 6.23 -27.43 13.18
N ARG E 247 6.36 -27.43 14.50
CA ARG E 247 7.66 -27.36 15.16
C ARG E 247 8.15 -28.78 15.40
N LEU E 248 9.19 -29.18 14.66
CA LEU E 248 9.64 -30.56 14.71
C LEU E 248 11.05 -30.64 15.26
N PRO E 249 11.39 -31.71 16.00
CA PRO E 249 10.51 -32.82 16.41
C PRO E 249 9.53 -32.39 17.50
N ALA E 250 8.28 -32.85 17.45
CA ALA E 250 7.32 -32.49 18.47
C ALA E 250 7.69 -33.12 19.80
N ASP E 251 7.39 -32.42 20.89
CA ASP E 251 7.73 -32.93 22.22
C ASP E 251 6.79 -34.04 22.69
N VAL E 252 5.68 -34.27 22.00
CA VAL E 252 4.83 -35.44 22.21
C VAL E 252 4.55 -36.02 20.83
N THR E 253 5.28 -37.08 20.46
CA THR E 253 5.21 -37.62 19.12
C THR E 253 4.12 -38.68 19.00
N VAL E 254 3.95 -39.23 17.81
CA VAL E 254 2.94 -40.27 17.57
C VAL E 254 3.25 -41.52 18.37
N GLU E 255 4.52 -41.94 18.37
CA GLU E 255 4.93 -43.11 19.14
C GLU E 255 4.60 -42.94 20.61
N MET E 256 4.90 -41.76 21.16
CA MET E 256 4.67 -41.53 22.59
C MET E 256 3.18 -41.57 22.93
N VAL E 257 2.34 -40.91 22.13
CA VAL E 257 0.93 -40.88 22.45
C VAL E 257 0.31 -42.26 22.30
N LEU E 258 0.70 -43.01 21.26
CA LEU E 258 0.18 -44.36 21.09
C LEU E 258 0.62 -45.28 22.23
N ASN E 259 1.88 -45.17 22.65
CA ASN E 259 2.35 -45.98 23.77
C ASN E 259 1.63 -45.64 25.06
N LYS E 260 1.42 -44.35 25.31
CA LYS E 260 0.69 -43.96 26.52
C LYS E 260 -0.75 -44.46 26.48
N TYR E 261 -1.41 -44.35 25.32
CA TYR E 261 -2.77 -44.87 25.18
C TYR E 261 -2.81 -46.37 25.47
N GLU E 262 -1.91 -47.13 24.86
CA GLU E 262 -1.88 -48.57 25.07
C GLU E 262 -1.62 -48.91 26.54
N HIS E 263 -0.65 -48.23 27.15
CA HIS E 263 -0.30 -48.53 28.54
C HIS E 263 -1.43 -48.17 29.50
N GLU E 264 -2.13 -47.06 29.25
CA GLU E 264 -3.20 -46.65 30.15
C GLU E 264 -4.48 -47.46 29.97
N VAL E 265 -4.77 -47.92 28.75
CA VAL E 265 -5.99 -48.68 28.52
C VAL E 265 -5.80 -50.15 28.86
N SER E 266 -4.63 -50.72 28.56
CA SER E 266 -4.40 -52.15 28.83
C SER E 266 -4.46 -52.48 30.31
N GLN E 267 -3.99 -51.59 31.18
CA GLN E 267 -4.02 -51.85 32.61
C GLN E 267 -5.44 -51.78 33.19
N GLU E 268 -6.41 -51.30 32.43
CA GLU E 268 -7.80 -51.24 32.88
C GLU E 268 -8.68 -52.32 32.26
N LEU E 269 -8.26 -52.93 31.16
CA LEU E 269 -9.01 -54.00 30.52
C LEU E 269 -8.35 -55.34 30.82
N GLU E 270 -9.18 -56.31 31.23
CA GLU E 270 -8.67 -57.60 31.70
C GLU E 270 -8.83 -58.73 30.69
N SER E 271 -9.76 -58.62 29.74
CA SER E 271 -9.97 -59.70 28.80
C SER E 271 -8.74 -59.88 27.91
N PRO E 272 -8.33 -61.12 27.63
CA PRO E 272 -7.07 -61.31 26.89
C PRO E 272 -7.15 -60.97 25.42
N GLY E 273 -8.22 -61.38 24.74
CA GLY E 273 -8.32 -61.13 23.31
C GLY E 273 -8.40 -59.65 22.97
N SER E 274 -9.23 -58.92 23.70
CA SER E 274 -9.36 -57.48 23.51
C SER E 274 -8.12 -56.71 23.95
N GLN E 275 -7.19 -57.37 24.64
CA GLN E 275 -5.92 -56.76 25.00
C GLN E 275 -4.84 -57.00 23.97
N SER E 276 -4.82 -58.16 23.31
CA SER E 276 -3.89 -58.38 22.20
C SER E 276 -4.35 -57.67 20.94
N GLN E 277 -5.65 -57.57 20.72
CA GLN E 277 -6.15 -56.85 19.55
C GLN E 277 -5.83 -55.36 19.64
N LEU E 278 -5.84 -54.80 20.85
CA LEU E 278 -5.45 -53.40 21.02
C LEU E 278 -4.00 -53.19 20.61
N SER E 279 -3.11 -54.08 21.05
CA SER E 279 -1.70 -53.96 20.68
C SER E 279 -1.52 -54.13 19.18
N GLU E 280 -2.24 -55.07 18.58
CA GLU E 280 -2.18 -55.24 17.12
C GLU E 280 -2.63 -53.98 16.40
N TYR E 281 -3.72 -53.38 16.87
CA TYR E 281 -4.23 -52.16 16.25
C TYR E 281 -3.22 -51.03 16.38
N CYS E 282 -2.58 -50.89 17.56
CA CYS E 282 -1.61 -49.82 17.75
C CYS E 282 -0.40 -50.02 16.84
N ALA E 283 0.11 -51.25 16.75
CA ALA E 283 1.27 -51.51 15.89
C ALA E 283 0.92 -51.27 14.42
N GLY E 284 -0.26 -51.73 13.99
CA GLY E 284 -0.68 -51.47 12.63
C GLY E 284 -0.84 -49.99 12.33
N LEU E 285 -1.37 -49.24 13.30
CA LEU E 285 -1.50 -47.80 13.12
C LEU E 285 -0.13 -47.14 12.98
N LYS E 286 0.83 -47.56 13.79
CA LYS E 286 2.19 -47.01 13.66
C LYS E 286 2.76 -47.29 12.28
N LEU E 287 2.65 -48.55 11.82
CA LEU E 287 3.21 -48.91 10.52
C LEU E 287 2.51 -48.14 9.40
N TYR E 288 1.19 -48.01 9.48
CA TYR E 288 0.44 -47.33 8.42
C TYR E 288 0.77 -45.84 8.40
N PHE E 289 0.89 -45.22 9.57
CA PHE E 289 1.31 -43.82 9.65
C PHE E 289 2.68 -43.65 8.99
N ASP E 290 3.63 -44.52 9.32
CA ASP E 290 4.96 -44.42 8.74
C ASP E 290 4.90 -44.56 7.22
N LYS E 291 4.11 -45.51 6.72
CA LYS E 291 4.10 -45.79 5.30
C LYS E 291 3.30 -44.77 4.49
N CYS E 292 2.39 -44.03 5.12
CA CYS E 292 1.51 -43.13 4.37
C CYS E 292 1.70 -41.65 4.69
N LEU E 293 2.57 -41.30 5.64
CA LEU E 293 2.81 -39.89 5.93
C LEU E 293 3.40 -39.17 4.72
N GLY E 294 4.40 -39.77 4.09
CA GLY E 294 5.07 -39.15 2.97
C GLY E 294 4.27 -39.24 1.69
N ASN E 295 3.03 -39.74 1.80
CA ASN E 295 2.14 -39.87 0.66
C ASN E 295 0.91 -38.98 0.77
N MET E 296 0.21 -38.99 1.91
CA MET E 296 -1.10 -38.33 1.94
C MET E 296 -1.38 -37.56 3.23
N LEU E 297 -0.35 -37.16 3.98
CA LEU E 297 -0.58 -36.45 5.23
C LEU E 297 0.03 -35.05 5.27
N LEU E 298 0.72 -34.61 4.23
CA LEU E 298 1.37 -33.31 4.22
C LEU E 298 0.77 -32.41 3.15
N TYR E 299 0.54 -31.15 3.51
CA TYR E 299 0.19 -30.14 2.53
C TYR E 299 1.39 -29.84 1.64
N ARG E 300 1.18 -29.01 0.62
CA ARG E 300 2.29 -28.63 -0.25
C ARG E 300 3.34 -27.82 0.51
N LEU E 301 2.89 -26.93 1.40
CA LEU E 301 3.83 -26.07 2.12
C LEU E 301 4.75 -26.87 3.03
N GLU E 302 4.28 -27.97 3.60
CA GLU E 302 5.06 -28.74 4.56
C GLU E 302 5.99 -29.74 3.91
N ARG E 303 5.99 -29.86 2.58
CA ARG E 303 6.84 -30.86 1.94
C ARG E 303 8.31 -30.44 1.91
N LEU E 304 8.61 -29.15 1.95
CA LEU E 304 9.99 -28.71 1.96
C LEU E 304 10.67 -29.02 3.29
N GLN E 305 9.94 -28.82 4.40
CA GLN E 305 10.47 -29.23 5.70
C GLN E 305 10.67 -30.74 5.77
N TYR E 306 9.73 -31.48 5.17
CA TYR E 306 9.89 -32.93 5.05
C TYR E 306 11.16 -33.28 4.29
N ASP E 307 11.42 -32.58 3.18
CA ASP E 307 12.64 -32.81 2.42
C ASP E 307 13.89 -32.49 3.25
N GLU E 308 13.84 -31.39 4.00
CA GLU E 308 14.97 -31.04 4.87
C GLU E 308 15.24 -32.14 5.88
N LEU E 309 14.18 -32.66 6.51
CA LEU E 309 14.36 -33.75 7.48
C LEU E 309 14.90 -35.00 6.80
N LEU E 310 14.38 -35.33 5.60
CA LEU E 310 14.82 -36.52 4.90
C LEU E 310 16.29 -36.44 4.54
N LYS E 311 16.74 -35.28 4.07
CA LYS E 311 18.14 -35.14 3.69
C LYS E 311 19.05 -35.05 4.91
N LYS E 312 18.56 -34.46 6.00
CA LYS E 312 19.34 -34.46 7.24
C LYS E 312 19.54 -35.88 7.75
N SER E 313 18.50 -36.72 7.68
CA SER E 313 18.66 -38.12 8.05
C SER E 313 19.54 -38.86 7.07
N SER E 314 19.48 -38.49 5.78
CA SER E 314 20.25 -39.19 4.75
C SER E 314 21.75 -38.96 4.88
N LYS E 315 22.19 -37.97 5.66
CA LYS E 315 23.61 -37.73 5.84
C LYS E 315 24.25 -38.73 6.80
N ASP E 316 23.45 -39.40 7.63
CA ASP E 316 23.96 -40.34 8.63
C ASP E 316 23.67 -41.79 8.28
N GLN E 317 23.22 -42.05 7.06
CA GLN E 317 22.84 -43.39 6.60
C GLN E 317 21.77 -44.01 7.50
N LYS E 318 20.98 -43.18 8.15
CA LYS E 318 19.92 -43.59 9.06
C LYS E 318 18.61 -43.71 8.30
N PRO E 319 17.62 -44.42 8.86
CA PRO E 319 16.28 -44.38 8.27
C PRO E 319 15.44 -43.25 8.82
N LEU E 320 14.22 -43.09 8.30
CA LEU E 320 13.33 -42.01 8.71
C LEU E 320 12.16 -42.63 9.48
N VAL E 321 11.93 -42.14 10.69
CA VAL E 321 10.89 -42.67 11.56
C VAL E 321 9.94 -41.53 11.93
N PRO E 322 8.89 -41.29 11.14
CA PRO E 322 7.98 -40.18 11.43
C PRO E 322 7.30 -40.28 12.78
N ILE E 323 7.12 -41.49 13.32
CA ILE E 323 6.47 -41.63 14.62
C ILE E 323 7.27 -40.98 15.73
N ARG E 324 8.57 -40.80 15.53
CA ARG E 324 9.42 -40.12 16.51
C ARG E 324 9.69 -38.66 16.17
N ILE E 325 9.03 -38.13 15.13
CA ILE E 325 9.21 -36.72 14.77
C ILE E 325 7.87 -36.01 14.85
N TYR E 326 6.92 -36.42 14.01
CA TYR E 326 5.59 -35.85 14.03
C TYR E 326 4.81 -36.38 15.22
N GLY E 327 3.78 -35.64 15.63
CA GLY E 327 3.02 -36.08 16.78
C GLY E 327 1.72 -35.38 17.09
N ALA E 328 0.67 -36.18 17.27
CA ALA E 328 -0.60 -35.78 17.89
C ALA E 328 -1.43 -34.87 17.01
N ILE E 329 -0.88 -34.38 15.90
CA ILE E 329 -1.65 -33.57 14.97
C ILE E 329 -1.59 -34.11 13.55
N HIS E 330 -0.56 -34.86 13.17
CA HIS E 330 -0.59 -35.62 11.92
C HIS E 330 -1.17 -37.00 12.11
N LEU E 331 -1.15 -37.53 13.34
CA LEU E 331 -1.92 -38.75 13.63
C LEU E 331 -3.41 -38.44 13.67
N LEU E 332 -3.79 -37.32 14.26
CA LEU E 332 -5.20 -36.93 14.28
C LEU E 332 -5.71 -36.68 12.86
N ARG E 333 -4.90 -36.05 12.02
CA ARG E 333 -5.25 -35.91 10.61
C ARG E 333 -5.07 -37.20 9.84
N LEU E 334 -4.34 -38.17 10.39
CA LEU E 334 -4.31 -39.49 9.76
C LEU E 334 -5.66 -40.17 9.85
N ILE E 335 -6.30 -40.14 11.02
CA ILE E 335 -7.64 -40.69 11.12
C ILE E 335 -8.64 -39.59 10.79
N SER E 336 -8.71 -39.26 9.51
CA SER E 336 -9.84 -38.56 8.92
C SER E 336 -10.18 -39.08 7.54
N VAL E 337 -9.23 -39.70 6.83
CA VAL E 337 -9.45 -40.29 5.52
C VAL E 337 -9.64 -41.80 5.59
N LEU E 338 -9.64 -42.37 6.79
CA LEU E 338 -9.93 -43.79 6.94
C LEU E 338 -11.24 -44.21 6.29
N PRO E 339 -12.35 -43.45 6.38
CA PRO E 339 -13.51 -43.79 5.55
C PRO E 339 -13.20 -43.79 4.06
N GLU E 340 -12.34 -42.88 3.61
CA GLU E 340 -11.97 -42.84 2.20
C GLU E 340 -10.82 -43.78 1.87
N LEU E 341 -10.17 -44.37 2.87
CA LEU E 341 -9.11 -45.34 2.65
C LEU E 341 -9.65 -46.77 2.60
N ILE E 342 -10.55 -47.10 3.52
CA ILE E 342 -11.15 -48.42 3.57
C ILE E 342 -12.04 -48.67 2.37
N SER E 343 -12.71 -47.62 1.87
CA SER E 343 -13.70 -47.79 0.81
C SER E 343 -13.10 -48.43 -0.43
N SER E 344 -11.88 -48.04 -0.80
CA SER E 344 -11.21 -48.60 -1.98
C SER E 344 -10.31 -49.76 -1.57
N THR E 345 -10.91 -50.78 -0.96
CA THR E 345 -10.20 -51.98 -0.53
C THR E 345 -11.09 -53.19 -0.85
N THR E 346 -10.68 -54.35 -0.35
CA THR E 346 -11.39 -55.60 -0.56
C THR E 346 -11.62 -56.34 0.76
N MET E 347 -11.78 -55.59 1.85
CA MET E 347 -11.96 -56.20 3.16
C MET E 347 -13.42 -56.58 3.39
N ASP E 348 -13.64 -57.30 4.48
CA ASP E 348 -14.98 -57.73 4.87
C ASP E 348 -15.68 -56.58 5.60
N LEU E 349 -16.82 -56.89 6.23
CA LEU E 349 -17.63 -55.91 6.93
C LEU E 349 -17.39 -55.91 8.44
N GLN E 350 -17.45 -57.08 9.08
CA GLN E 350 -17.27 -57.17 10.52
C GLN E 350 -15.84 -56.86 10.96
N SER E 351 -14.88 -56.84 10.03
CA SER E 351 -13.53 -56.42 10.35
C SER E 351 -13.36 -54.91 10.29
N CYS E 352 -14.02 -54.26 9.33
CA CYS E 352 -14.01 -52.81 9.28
C CYS E 352 -14.72 -52.21 10.49
N GLN E 353 -15.79 -52.85 10.95
CA GLN E 353 -16.51 -52.35 12.13
C GLN E 353 -15.60 -52.33 13.34
N LEU E 354 -14.77 -53.37 13.52
CA LEU E 354 -13.83 -53.39 14.62
C LEU E 354 -12.83 -52.25 14.53
N LEU E 355 -12.32 -51.99 13.32
CA LEU E 355 -11.39 -50.89 13.14
C LEU E 355 -12.03 -49.56 13.48
N ILE E 356 -13.27 -49.35 13.04
CA ILE E 356 -13.97 -48.11 13.34
C ILE E 356 -14.18 -47.98 14.85
N LYS E 357 -14.57 -49.07 15.52
CA LYS E 357 -14.76 -49.02 16.96
C LYS E 357 -13.47 -48.66 17.69
N GLN E 358 -12.36 -49.29 17.28
CA GLN E 358 -11.07 -48.99 17.92
C GLN E 358 -10.68 -47.54 17.71
N THR E 359 -10.86 -47.01 16.50
CA THR E 359 -10.57 -45.61 16.26
C THR E 359 -11.47 -44.72 17.12
N GLU E 360 -12.71 -45.13 17.35
CA GLU E 360 -13.60 -44.33 18.18
C GLU E 360 -13.14 -44.31 19.63
N ASP E 361 -12.73 -45.46 20.18
CA ASP E 361 -12.21 -45.47 21.54
C ASP E 361 -10.95 -44.62 21.64
N PHE E 362 -10.07 -44.71 20.63
CA PHE E 362 -8.86 -43.90 20.63
C PHE E 362 -9.21 -42.41 20.58
N LEU E 363 -10.23 -42.05 19.79
CA LEU E 363 -10.64 -40.65 19.71
C LEU E 363 -11.19 -40.16 21.04
N VAL E 364 -11.97 -41.00 21.73
CA VAL E 364 -12.48 -40.61 23.05
C VAL E 364 -11.33 -40.42 24.03
N TRP E 365 -10.35 -41.33 24.01
CA TRP E 365 -9.20 -41.16 24.89
C TRP E 365 -8.42 -39.90 24.55
N LEU E 366 -8.24 -39.60 23.27
CA LEU E 366 -7.56 -38.37 22.88
C LEU E 366 -8.32 -37.14 23.34
N LEU E 367 -9.65 -37.17 23.23
CA LEU E 367 -10.46 -36.07 23.74
C LEU E 367 -10.33 -35.92 25.25
N MET E 368 -10.09 -37.03 25.95
CA MET E 368 -9.85 -36.95 27.39
C MET E 368 -8.63 -36.08 27.69
N HIS E 369 -7.50 -36.38 27.05
CA HIS E 369 -6.29 -35.58 27.21
C HIS E 369 -6.13 -34.63 26.02
N VAL E 370 -7.03 -33.65 25.97
CA VAL E 370 -6.97 -32.63 24.93
C VAL E 370 -6.43 -31.30 25.43
N ASP E 371 -6.39 -31.09 26.74
CA ASP E 371 -5.87 -29.85 27.31
C ASP E 371 -4.35 -29.87 27.44
N GLU E 372 -3.68 -30.89 26.93
CA GLU E 372 -2.23 -30.97 26.96
C GLU E 372 -1.59 -31.29 25.62
N TYR E 373 -2.35 -31.80 24.64
CA TYR E 373 -1.80 -32.09 23.33
C TYR E 373 -2.04 -30.97 22.33
N PHE E 374 -3.07 -30.14 22.56
CA PHE E 374 -3.35 -28.98 21.73
C PHE E 374 -3.60 -27.79 22.66
N ASN E 375 -2.54 -27.07 23.00
CA ASN E 375 -2.64 -25.86 23.78
C ASN E 375 -2.38 -24.65 22.89
N ASP E 376 -3.07 -23.56 23.19
CA ASP E 376 -3.02 -22.35 22.38
C ASP E 376 -1.86 -21.48 22.84
N LYS E 377 -0.78 -21.49 22.07
CA LYS E 377 0.37 -20.63 22.31
C LYS E 377 0.79 -19.98 21.00
N ASP E 378 1.20 -18.73 21.07
CA ASP E 378 1.50 -18.07 19.80
C ASP E 378 2.97 -18.20 19.45
N PRO E 379 3.29 -18.40 18.17
CA PRO E 379 4.70 -18.43 17.76
C PRO E 379 5.46 -17.16 18.12
N ASN E 380 4.80 -16.00 18.07
CA ASN E 380 5.48 -14.75 18.39
C ASN E 380 5.88 -14.69 19.85
N ARG E 381 5.02 -15.19 20.75
CA ARG E 381 5.23 -15.05 22.19
C ARG E 381 5.92 -16.25 22.82
N SER E 382 5.97 -17.40 22.16
CA SER E 382 6.57 -18.58 22.73
C SER E 382 7.36 -19.34 21.67
N ASP E 383 8.55 -19.80 22.05
CA ASP E 383 9.37 -20.62 21.18
C ASP E 383 8.97 -22.09 21.21
N ASP E 384 8.32 -22.54 22.27
CA ASP E 384 7.87 -23.91 22.40
C ASP E 384 6.47 -24.14 21.85
N ALA E 385 5.87 -23.13 21.23
CA ALA E 385 4.51 -23.25 20.71
C ALA E 385 4.46 -24.32 19.63
N LEU E 386 3.24 -24.85 19.42
CA LEU E 386 3.07 -25.99 18.52
C LEU E 386 3.34 -25.65 17.06
N TYR E 387 3.32 -24.37 16.70
CA TYR E 387 3.55 -23.95 15.33
C TYR E 387 4.65 -22.90 15.29
N VAL E 388 5.36 -22.85 14.17
CA VAL E 388 6.45 -21.91 13.97
C VAL E 388 6.22 -21.17 12.65
N ASN E 389 6.56 -19.89 12.64
CA ASN E 389 6.45 -19.09 11.44
C ASN E 389 7.55 -19.44 10.45
N THR E 390 7.26 -19.24 9.18
CA THR E 390 8.22 -19.52 8.12
C THR E 390 8.79 -18.22 7.57
N SER E 391 9.79 -18.36 6.69
CA SER E 391 10.47 -17.22 6.10
C SER E 391 10.05 -17.07 4.65
N SER E 392 10.46 -15.94 4.06
CA SER E 392 10.13 -15.67 2.66
C SER E 392 10.80 -16.68 1.74
N GLN E 393 12.05 -17.04 2.06
CA GLN E 393 12.79 -17.97 1.20
C GLN E 393 12.18 -19.37 1.23
N TYR E 394 11.90 -19.89 2.42
CA TYR E 394 11.33 -21.22 2.55
C TYR E 394 9.96 -21.29 1.87
N GLU E 395 9.11 -20.30 2.12
CA GLU E 395 7.79 -20.27 1.49
C GLU E 395 7.92 -20.14 -0.02
N GLY E 396 8.88 -19.34 -0.49
CA GLY E 396 9.07 -19.20 -1.92
C GLY E 396 9.46 -20.50 -2.59
N VAL E 397 10.42 -21.22 -2.00
CA VAL E 397 10.81 -22.51 -2.57
C VAL E 397 9.68 -23.52 -2.47
N ALA E 398 8.89 -23.47 -1.39
CA ALA E 398 7.81 -24.44 -1.23
C ALA E 398 6.68 -24.22 -2.22
N LEU E 399 6.10 -23.02 -2.21
CA LEU E 399 4.91 -22.73 -3.01
C LEU E 399 5.24 -22.16 -4.38
N GLY E 400 6.51 -22.05 -4.76
CA GLY E 400 6.86 -21.59 -6.09
C GLY E 400 7.73 -22.57 -6.83
N MET E 401 8.41 -23.44 -6.09
CA MET E 401 9.25 -24.46 -6.68
C MET E 401 8.82 -25.86 -6.22
N LEU F 96 44.89 -10.66 -40.64
CA LEU F 96 43.59 -11.17 -40.25
C LEU F 96 42.51 -10.72 -41.25
N ASN F 97 41.74 -11.69 -41.73
CA ASN F 97 40.66 -11.43 -42.70
C ASN F 97 39.37 -12.05 -42.14
N GLU F 98 38.68 -11.29 -41.31
CA GLU F 98 37.42 -11.73 -40.74
C GLU F 98 36.28 -11.53 -41.74
N PRO F 99 35.15 -12.21 -41.53
CA PRO F 99 34.00 -12.02 -42.44
C PRO F 99 33.59 -10.56 -42.51
N SER F 100 33.16 -10.15 -43.71
CA SER F 100 33.09 -8.74 -44.10
C SER F 100 32.49 -7.81 -43.05
N THR F 101 31.21 -7.97 -42.75
CA THR F 101 30.49 -7.09 -41.83
C THR F 101 29.33 -7.88 -41.22
N ILE F 102 28.50 -7.19 -40.45
CA ILE F 102 27.27 -7.76 -39.92
C ILE F 102 26.14 -7.22 -40.79
N SER F 103 25.78 -7.99 -41.83
CA SER F 103 24.67 -7.60 -42.68
C SER F 103 23.37 -7.57 -41.92
N GLU F 104 23.20 -8.47 -40.95
CA GLU F 104 22.05 -8.45 -40.04
C GLU F 104 22.31 -7.50 -38.87
N ASP F 105 22.53 -6.23 -39.23
CA ASP F 105 22.95 -5.23 -38.24
C ASP F 105 21.78 -4.70 -37.44
N SER F 106 20.80 -4.10 -38.12
CA SER F 106 19.68 -3.43 -37.47
C SER F 106 18.47 -4.34 -37.52
N LYS F 107 18.02 -4.81 -36.35
CA LYS F 107 16.87 -5.70 -36.26
C LYS F 107 15.60 -4.98 -35.83
N VAL F 108 15.60 -4.41 -34.62
CA VAL F 108 14.44 -3.71 -34.09
C VAL F 108 14.88 -2.97 -32.83
N SER F 109 14.13 -1.92 -32.47
CA SER F 109 14.38 -1.22 -31.22
C SER F 109 13.08 -0.90 -30.51
N VAL F 110 13.15 -0.10 -29.44
CA VAL F 110 11.94 0.27 -28.70
C VAL F 110 11.03 1.14 -29.55
N THR F 111 11.62 2.03 -30.36
CA THR F 111 10.86 2.91 -31.24
C THR F 111 10.08 2.17 -32.31
N GLY F 112 10.16 0.85 -32.38
CA GLY F 112 9.55 0.10 -33.46
C GLY F 112 10.48 -0.03 -34.64
N LEU F 113 11.23 1.03 -34.93
CA LEU F 113 12.20 1.06 -36.00
C LEU F 113 13.51 0.44 -35.54
N PRO F 114 14.39 0.05 -36.48
CA PRO F 114 15.62 -0.63 -36.09
C PRO F 114 16.68 0.26 -35.47
N LEU F 115 16.29 1.46 -35.04
CA LEU F 115 17.17 2.41 -34.34
C LEU F 115 18.17 3.04 -35.30
N ASN F 116 18.17 2.61 -36.56
CA ASN F 116 19.09 3.14 -37.55
C ASN F 116 18.38 3.76 -38.74
N LYS F 117 17.05 3.91 -38.68
CA LYS F 117 16.29 4.48 -39.78
C LYS F 117 15.72 5.86 -39.50
N GLY F 118 15.17 6.09 -38.31
CA GLY F 118 14.82 7.44 -37.92
C GLY F 118 13.34 7.74 -37.78
N PRO F 119 12.94 8.88 -38.33
CA PRO F 119 11.62 9.46 -38.06
C PRO F 119 10.41 8.54 -38.15
N SER F 120 10.39 7.57 -39.07
CA SER F 120 9.18 6.79 -39.31
C SER F 120 8.03 7.72 -39.71
N GLU F 121 8.11 8.27 -40.93
CA GLU F 121 7.29 9.38 -41.43
C GLU F 121 5.85 9.37 -40.93
N LYS F 122 5.25 8.18 -40.79
CA LYS F 122 3.94 8.10 -40.16
C LYS F 122 3.95 8.77 -38.79
N ILE F 123 4.99 8.51 -37.99
CA ILE F 123 5.13 9.19 -36.70
C ILE F 123 5.43 10.66 -36.89
N LYS F 124 6.16 11.03 -37.96
CA LYS F 124 6.35 12.44 -38.28
C LYS F 124 5.02 13.17 -38.38
N ARG F 125 4.09 12.60 -39.14
CA ARG F 125 2.78 13.23 -39.30
C ARG F 125 1.92 13.09 -38.04
N GLU F 126 2.15 12.04 -37.24
CA GLU F 126 1.38 11.87 -36.02
C GLU F 126 1.84 12.80 -34.90
N SER F 127 3.14 13.09 -34.82
CA SER F 127 3.71 13.74 -33.65
C SER F 127 4.45 15.02 -34.02
N LEU F 128 3.89 15.81 -34.94
CA LEU F 128 4.44 17.12 -35.25
C LEU F 128 3.36 18.19 -35.23
N TRP F 129 3.70 19.41 -35.62
CA TRP F 129 2.73 20.47 -35.82
C TRP F 129 2.38 20.67 -37.29
N ASN F 130 3.39 20.83 -38.14
CA ASN F 130 3.17 20.98 -39.57
C ASN F 130 3.99 19.95 -40.35
N ASP F 166 33.02 26.75 -14.73
CA ASP F 166 31.73 26.70 -15.41
C ASP F 166 31.85 25.99 -16.75
N LEU F 167 32.85 25.14 -16.88
CA LEU F 167 33.09 24.41 -18.12
C LEU F 167 32.21 23.15 -18.16
N LYS F 168 32.49 22.28 -19.12
CA LYS F 168 31.66 21.09 -19.34
C LYS F 168 32.05 20.00 -18.33
N THR F 169 31.55 18.79 -18.56
CA THR F 169 31.74 17.67 -17.66
C THR F 169 33.12 17.03 -17.77
N PHE F 170 33.85 17.28 -18.85
CA PHE F 170 35.11 16.59 -19.09
C PHE F 170 36.15 16.80 -17.98
N LEU F 171 35.88 17.71 -17.05
CA LEU F 171 36.74 17.93 -15.90
C LEU F 171 36.56 16.88 -14.81
N THR F 172 35.76 15.83 -15.05
CA THR F 172 35.53 14.82 -14.02
C THR F 172 36.62 13.76 -13.98
N GLU F 173 37.37 13.56 -15.06
CA GLU F 173 38.40 12.53 -15.07
C GLU F 173 39.53 12.85 -14.10
N ASN F 174 39.93 14.12 -14.01
CA ASN F 174 41.07 14.52 -13.19
C ASN F 174 40.70 14.91 -11.77
N MET F 175 39.51 15.49 -11.56
CA MET F 175 39.12 15.96 -10.24
C MET F 175 38.47 14.87 -9.39
N THR F 176 38.64 13.60 -9.78
CA THR F 176 38.15 12.47 -9.01
C THR F 176 39.35 11.77 -8.37
N GLU F 177 39.35 11.68 -7.05
CA GLU F 177 40.42 11.03 -6.30
C GLU F 177 39.86 9.73 -5.72
N GLU F 178 40.50 8.61 -6.06
CA GLU F 178 40.03 7.31 -5.59
C GLU F 178 40.14 7.23 -4.08
N SER F 179 38.98 7.19 -3.42
CA SER F 179 38.91 7.12 -1.96
C SER F 179 38.67 5.67 -1.55
N ASN F 180 39.61 5.11 -0.80
CA ASN F 180 39.50 3.74 -0.29
C ASN F 180 39.98 3.70 1.16
N ILE F 181 39.45 4.60 1.98
CA ILE F 181 39.82 4.69 3.39
C ILE F 181 38.81 3.99 4.28
N ARG F 182 38.02 3.06 3.73
CA ARG F 182 37.08 2.29 4.53
C ARG F 182 37.80 1.52 5.62
N SER F 183 37.14 1.41 6.78
CA SER F 183 37.72 0.65 7.88
C SER F 183 37.80 -0.84 7.58
N THR F 184 37.15 -1.31 6.51
CA THR F 184 37.16 -2.71 6.11
C THR F 184 37.88 -2.90 4.78
N ILE F 185 38.78 -1.96 4.44
CA ILE F 185 39.46 -2.03 3.15
C ILE F 185 40.43 -3.20 3.10
N GLY F 186 40.98 -3.60 4.24
CA GLY F 186 42.01 -4.62 4.28
C GLY F 186 41.54 -6.05 4.18
N TRP F 187 40.24 -6.28 4.06
CA TRP F 187 39.70 -7.63 3.95
C TRP F 187 39.93 -8.19 2.54
N ASN F 259 2.52 -33.16 -19.83
CA ASN F 259 1.24 -33.13 -20.53
C ASN F 259 0.27 -32.16 -19.86
N GLU F 260 -0.19 -32.52 -18.67
CA GLU F 260 -1.11 -31.68 -17.94
C GLU F 260 -0.41 -30.42 -17.43
N ASP F 261 -1.18 -29.35 -17.30
CA ASP F 261 -0.66 -28.07 -16.82
C ASP F 261 -0.71 -27.93 -15.32
N PHE F 262 -1.19 -28.95 -14.60
CA PHE F 262 -1.27 -28.94 -13.15
C PHE F 262 -0.53 -30.14 -12.57
N CYS F 263 0.03 -29.95 -11.38
CA CYS F 263 0.67 -31.05 -10.67
C CYS F 263 -0.38 -32.08 -10.27
N SER F 264 -0.07 -33.35 -10.46
CA SER F 264 -1.03 -34.41 -10.17
C SER F 264 -1.24 -34.62 -8.67
N ALA F 265 -0.58 -33.83 -7.81
CA ALA F 265 -0.75 -33.93 -6.37
C ALA F 265 -1.41 -32.72 -5.77
N CYS F 266 -1.01 -31.51 -6.19
CA CYS F 266 -1.57 -30.28 -5.66
C CYS F 266 -2.53 -29.58 -6.63
N ASN F 267 -2.64 -30.06 -7.86
CA ASN F 267 -3.50 -29.46 -8.89
C ASN F 267 -3.15 -27.98 -9.09
N GLN F 268 -1.85 -27.71 -9.21
CA GLN F 268 -1.34 -26.37 -9.43
C GLN F 268 -0.24 -26.42 -10.48
N SER F 269 0.01 -25.27 -11.11
CA SER F 269 1.02 -25.16 -12.15
C SER F 269 2.39 -24.92 -11.50
N GLY F 270 3.44 -24.94 -12.33
CA GLY F 270 4.79 -24.74 -11.86
C GLY F 270 5.77 -25.72 -12.51
N SER F 271 6.88 -25.95 -11.83
CA SER F 271 7.90 -26.87 -12.34
C SER F 271 7.35 -28.30 -12.37
N PHE F 272 7.50 -28.97 -13.51
CA PHE F 272 6.88 -30.26 -13.74
C PHE F 272 7.92 -31.30 -14.12
N LEU F 273 7.89 -32.44 -13.42
CA LEU F 273 8.66 -33.61 -13.81
C LEU F 273 7.68 -34.63 -14.40
N CYS F 274 7.41 -34.47 -15.69
CA CYS F 274 6.40 -35.29 -16.35
C CYS F 274 6.92 -36.73 -16.54
N CYS F 275 5.99 -37.60 -16.90
CA CYS F 275 6.27 -39.01 -17.14
C CYS F 275 5.97 -39.36 -18.59
N ASP F 276 6.31 -40.60 -18.97
CA ASP F 276 6.10 -41.09 -20.32
C ASP F 276 5.13 -42.27 -20.38
N THR F 277 5.27 -43.24 -19.48
CA THR F 277 4.35 -44.37 -19.46
C THR F 277 2.93 -43.96 -19.12
N CYS F 278 2.75 -43.02 -18.19
CA CYS F 278 1.44 -42.52 -17.85
C CYS F 278 1.45 -41.01 -18.07
N PRO F 279 0.51 -40.48 -18.86
CA PRO F 279 0.50 -39.03 -19.11
C PRO F 279 0.11 -38.23 -17.89
N LYS F 280 1.04 -38.10 -16.94
CA LYS F 280 0.80 -37.34 -15.73
C LYS F 280 2.00 -36.43 -15.48
N SER F 281 1.81 -35.46 -14.59
CA SER F 281 2.83 -34.46 -14.28
C SER F 281 2.87 -34.23 -12.79
N PHE F 282 4.08 -34.14 -12.24
CA PHE F 282 4.28 -33.99 -10.80
C PHE F 282 5.30 -32.91 -10.52
N HIS F 283 5.06 -32.13 -9.47
CA HIS F 283 6.06 -31.19 -8.99
C HIS F 283 7.25 -31.96 -8.43
N PHE F 284 8.42 -31.32 -8.48
CA PHE F 284 9.61 -31.92 -7.87
C PHE F 284 9.43 -32.14 -6.38
N LEU F 285 8.79 -31.20 -5.69
CA LEU F 285 8.52 -31.35 -4.27
C LEU F 285 7.27 -32.21 -4.01
N CYS F 286 6.25 -32.09 -4.85
CA CYS F 286 5.05 -32.93 -4.74
C CYS F 286 5.36 -34.33 -5.28
N LEU F 287 6.21 -35.03 -4.54
CA LEU F 287 6.71 -36.32 -4.99
C LEU F 287 7.31 -37.03 -3.78
N ASP F 288 7.16 -38.36 -3.76
CA ASP F 288 7.65 -39.17 -2.65
C ASP F 288 8.70 -40.13 -3.19
N PRO F 289 9.97 -40.01 -2.79
CA PRO F 289 10.53 -38.97 -1.92
C PRO F 289 10.71 -37.64 -2.64
N PRO F 290 10.75 -36.52 -1.91
CA PRO F 290 10.96 -35.22 -2.57
C PRO F 290 12.33 -35.18 -3.25
N ILE F 291 12.31 -34.98 -4.56
CA ILE F 291 13.53 -34.98 -5.37
C ILE F 291 13.84 -33.56 -5.80
N ASP F 292 15.13 -33.21 -5.78
CA ASP F 292 15.81 -31.95 -6.03
C ASP F 292 15.96 -31.73 -7.53
N PRO F 293 15.50 -30.58 -8.04
CA PRO F 293 15.65 -30.32 -9.48
C PRO F 293 17.09 -30.29 -9.96
N ASN F 294 18.05 -30.00 -9.08
CA ASN F 294 19.44 -29.92 -9.52
C ASN F 294 19.95 -31.28 -9.98
N ASN F 295 19.73 -32.32 -9.19
CA ASN F 295 20.21 -33.67 -9.52
C ASN F 295 19.09 -34.50 -10.15
N LEU F 296 18.79 -34.16 -11.40
CA LEU F 296 17.75 -34.86 -12.14
C LEU F 296 18.13 -36.33 -12.30
N PRO F 297 17.18 -37.27 -12.09
CA PRO F 297 17.47 -38.68 -12.31
C PRO F 297 18.18 -38.99 -13.62
N LYS F 298 17.87 -38.26 -14.70
CA LYS F 298 18.44 -38.52 -16.02
C LYS F 298 18.13 -39.95 -16.47
N GLY F 299 16.84 -40.24 -16.60
CA GLY F 299 16.42 -41.57 -17.00
C GLY F 299 14.91 -41.66 -17.04
N ASP F 300 14.43 -42.86 -17.37
CA ASP F 300 12.99 -43.11 -17.45
C ASP F 300 12.40 -43.04 -16.05
N TRP F 301 11.52 -42.07 -15.82
CA TRP F 301 10.86 -41.88 -14.54
C TRP F 301 9.39 -42.25 -14.68
N HIS F 302 8.95 -43.25 -13.93
CA HIS F 302 7.58 -43.73 -13.96
C HIS F 302 6.93 -43.50 -12.60
N CYS F 303 5.65 -43.14 -12.61
CA CYS F 303 4.91 -42.99 -11.37
C CYS F 303 4.73 -44.35 -10.69
N ASN F 304 4.30 -44.30 -9.43
CA ASN F 304 4.15 -45.52 -8.64
C ASN F 304 3.12 -46.46 -9.27
N GLU F 305 2.02 -45.91 -9.78
CA GLU F 305 1.02 -46.73 -10.44
C GLU F 305 1.59 -47.43 -11.66
N CYS F 306 2.38 -46.71 -12.46
CA CYS F 306 3.03 -47.34 -13.62
C CYS F 306 4.05 -48.38 -13.18
N LYS F 307 4.79 -48.11 -12.11
CA LYS F 307 5.74 -49.09 -11.59
C LYS F 307 5.02 -50.38 -11.19
N PHE F 308 3.87 -50.25 -10.53
CA PHE F 308 3.11 -51.44 -10.16
C PHE F 308 2.56 -52.14 -11.39
N LYS F 309 2.02 -51.38 -12.34
CA LYS F 309 1.42 -52.00 -13.52
C LYS F 309 2.44 -52.71 -14.40
N ILE F 310 3.71 -52.32 -14.32
CA ILE F 310 4.74 -53.00 -15.09
C ILE F 310 5.31 -54.17 -14.30
N PHE F 311 5.70 -53.90 -13.05
CA PHE F 311 6.42 -54.89 -12.24
C PHE F 311 5.51 -55.97 -11.67
N ILE F 312 4.23 -55.68 -11.41
CA ILE F 312 3.35 -56.57 -10.68
C ILE F 312 2.14 -56.99 -11.53
N ASN F 313 1.54 -56.05 -12.24
CA ASN F 313 0.16 -56.26 -12.71
C ASN F 313 0.07 -57.29 -13.83
N ASN F 314 0.30 -58.55 -13.49
CA ASN F 314 -0.20 -59.67 -14.29
C ASN F 314 -1.65 -59.86 -13.87
N SER F 315 -2.57 -59.51 -14.77
CA SER F 315 -3.98 -59.25 -14.44
C SER F 315 -4.60 -60.28 -13.50
N MET F 316 -4.17 -61.53 -13.58
CA MET F 316 -4.68 -62.56 -12.69
C MET F 316 -3.74 -62.79 -11.50
N ALA F 317 -2.44 -62.83 -11.75
CA ALA F 317 -1.46 -63.16 -10.71
C ALA F 317 -1.41 -62.12 -9.60
N THR F 318 -1.97 -60.92 -9.81
CA THR F 318 -1.92 -59.90 -8.77
C THR F 318 -2.47 -60.40 -7.45
N LEU F 319 -3.58 -61.16 -7.49
CA LEU F 319 -4.11 -61.76 -6.28
C LEU F 319 -3.02 -62.53 -5.54
N LYS F 320 -2.30 -63.40 -6.24
CA LYS F 320 -1.21 -64.13 -5.61
C LYS F 320 -0.30 -63.18 -4.85
N LYS F 321 0.14 -62.10 -5.50
CA LYS F 321 1.04 -61.16 -4.84
C LYS F 321 0.43 -60.64 -3.54
N ILE F 322 -0.81 -60.11 -3.60
CA ILE F 322 -1.39 -59.58 -2.38
C ILE F 322 -1.55 -60.71 -1.38
N GLU F 323 -1.98 -61.87 -1.85
CA GLU F 323 -2.10 -63.04 -0.98
C GLU F 323 -0.81 -63.26 -0.22
N SER F 324 0.32 -63.27 -0.94
CA SER F 324 1.61 -63.51 -0.29
C SER F 324 1.84 -62.50 0.82
N ASN F 325 1.64 -61.22 0.52
CA ASN F 325 1.83 -60.20 1.54
C ASN F 325 0.95 -60.51 2.74
N PHE F 326 -0.32 -60.82 2.48
CA PHE F 326 -1.26 -61.05 3.57
C PHE F 326 -0.80 -62.21 4.44
N ILE F 327 -0.25 -63.26 3.84
CA ILE F 327 0.08 -64.44 4.62
C ILE F 327 1.43 -64.27 5.33
N LYS F 328 2.22 -63.26 4.96
CA LYS F 328 3.35 -62.86 5.80
C LYS F 328 2.98 -61.76 6.78
N GLN F 329 1.70 -61.37 6.84
CA GLN F 329 1.26 -60.39 7.82
C GLN F 329 0.00 -60.80 8.56
N ASN F 330 -0.55 -61.98 8.29
CA ASN F 330 -1.73 -62.41 9.01
C ASN F 330 -1.42 -62.70 10.47
N ASN F 331 -0.31 -63.40 10.72
CA ASN F 331 0.09 -63.70 12.10
C ASN F 331 0.39 -62.43 12.87
N ASN F 332 1.11 -61.50 12.24
CA ASN F 332 1.32 -60.17 12.79
C ASN F 332 0.09 -59.32 12.52
N VAL F 333 0.22 -58.00 12.67
CA VAL F 333 -0.90 -57.09 12.44
C VAL F 333 -1.48 -57.33 11.05
N LYS F 334 -2.77 -57.65 10.99
CA LYS F 334 -3.45 -57.95 9.74
C LYS F 334 -4.66 -57.08 9.47
N ILE F 335 -5.14 -56.32 10.45
CA ILE F 335 -6.23 -55.39 10.20
C ILE F 335 -5.79 -54.34 9.20
N PHE F 336 -4.54 -53.90 9.28
CA PHE F 336 -3.98 -52.91 8.37
C PHE F 336 -3.25 -53.53 7.19
N ALA F 337 -3.31 -54.87 7.04
CA ALA F 337 -2.55 -55.53 6.00
C ALA F 337 -2.99 -55.08 4.61
N LYS F 338 -4.29 -54.96 4.39
CA LYS F 338 -4.79 -54.53 3.09
C LYS F 338 -4.32 -53.12 2.74
N LEU F 339 -4.47 -52.19 3.69
CA LEU F 339 -4.01 -50.82 3.46
C LEU F 339 -2.50 -50.77 3.26
N LEU F 340 -1.77 -51.50 4.10
CA LEU F 340 -0.31 -51.50 4.02
C LEU F 340 0.16 -52.01 2.66
N PHE F 341 -0.52 -53.01 2.11
CA PHE F 341 -0.14 -53.49 0.79
C PHE F 341 -0.55 -52.49 -0.29
N ASN F 342 -1.76 -51.93 -0.18
CA ASN F 342 -2.31 -51.16 -1.29
C ASN F 342 -1.71 -49.77 -1.43
N ILE F 343 -1.27 -49.16 -0.32
CA ILE F 343 -0.80 -47.77 -0.41
C ILE F 343 0.57 -47.71 -1.08
N ASP F 344 1.14 -48.86 -1.41
CA ASP F 344 2.33 -48.90 -2.24
C ASP F 344 1.99 -48.85 -3.73
N SER F 345 0.71 -48.79 -4.08
CA SER F 345 0.25 -48.73 -5.46
C SER F 345 -0.40 -47.40 -5.79
N HIS F 346 -0.44 -46.46 -4.86
CA HIS F 346 -1.05 -45.16 -5.07
C HIS F 346 0.02 -44.08 -5.22
N ASN F 347 -0.37 -43.00 -5.89
CA ASN F 347 0.50 -41.85 -6.11
C ASN F 347 0.36 -40.86 -4.96
N PRO F 348 1.40 -40.08 -4.68
CA PRO F 348 1.31 -39.10 -3.58
C PRO F 348 0.31 -38.01 -3.88
N LYS F 349 -0.28 -37.47 -2.82
CA LYS F 349 -1.28 -36.44 -2.93
C LYS F 349 -1.09 -35.41 -1.83
N GLN F 350 -1.51 -34.18 -2.09
CA GLN F 350 -1.64 -33.19 -1.03
C GLN F 350 -2.84 -33.55 -0.17
N PHE F 351 -2.69 -33.34 1.14
CA PHE F 351 -3.71 -33.72 2.10
C PHE F 351 -4.80 -32.67 2.15
N GLN F 352 -6.01 -33.04 1.75
CA GLN F 352 -7.19 -32.21 1.92
C GLN F 352 -8.13 -32.88 2.90
N LEU F 353 -8.92 -32.06 3.61
CA LEU F 353 -9.89 -32.61 4.54
C LEU F 353 -10.93 -33.42 3.77
N PRO F 354 -11.52 -34.44 4.40
CA PRO F 354 -12.36 -35.38 3.64
C PRO F 354 -13.76 -34.89 3.38
N ASN F 355 -13.90 -33.62 3.00
CA ASN F 355 -15.11 -33.04 2.42
C ASN F 355 -16.29 -33.04 3.38
N TYR F 356 -16.14 -33.63 4.57
CA TYR F 356 -17.21 -33.63 5.57
C TYR F 356 -16.79 -33.00 6.88
N ILE F 357 -15.50 -32.89 7.16
CA ILE F 357 -15.06 -32.10 8.31
C ILE F 357 -15.31 -30.62 8.05
N LYS F 358 -15.09 -30.18 6.82
CA LYS F 358 -15.33 -28.78 6.46
C LYS F 358 -16.81 -28.42 6.64
N GLU F 359 -17.70 -29.30 6.17
CA GLU F 359 -19.14 -29.00 6.19
C GLU F 359 -19.72 -28.96 7.59
N THR F 360 -18.98 -29.40 8.60
CA THR F 360 -19.44 -29.26 9.99
C THR F 360 -19.52 -27.80 10.40
N PHE F 361 -18.83 -26.91 9.70
CA PHE F 361 -18.84 -25.48 9.99
C PHE F 361 -19.35 -24.71 8.78
N PRO F 362 -20.54 -24.10 8.85
CA PRO F 362 -21.03 -23.33 7.70
C PRO F 362 -20.49 -21.91 7.67
N ALA F 363 -19.20 -21.76 7.96
CA ALA F 363 -18.53 -20.47 7.87
C ALA F 363 -17.15 -20.58 7.23
N VAL F 364 -16.88 -21.70 6.57
CA VAL F 364 -15.59 -21.96 5.93
C VAL F 364 -15.84 -22.40 4.50
N LYS F 365 -14.87 -22.16 3.64
CA LYS F 365 -14.98 -22.56 2.25
C LYS F 365 -13.59 -22.66 1.64
N THR F 366 -13.46 -23.58 0.68
CA THR F 366 -12.20 -23.78 -0.01
C THR F 366 -11.98 -22.69 -1.04
N GLY F 367 -10.78 -22.12 -1.06
CA GLY F 367 -10.44 -21.10 -2.04
C GLY F 367 -10.24 -21.64 -3.44
N SER F 368 -9.44 -20.94 -4.24
CA SER F 368 -9.22 -21.38 -5.62
C SER F 368 -8.38 -22.66 -5.67
N ARG F 369 -7.13 -22.58 -5.22
CA ARG F 369 -6.25 -23.74 -5.27
C ARG F 369 -6.49 -24.72 -4.13
N GLY F 370 -7.25 -24.31 -3.12
CA GLY F 370 -7.52 -25.18 -1.99
C GLY F 370 -7.33 -24.50 -0.65
N GLN F 371 -7.20 -23.18 -0.67
CA GLN F 371 -6.82 -22.45 0.53
C GLN F 371 -7.99 -22.39 1.51
N TYR F 372 -7.71 -21.84 2.69
CA TYR F 372 -8.72 -21.55 3.69
C TYR F 372 -9.38 -20.21 3.41
N SER F 373 -10.70 -20.17 3.58
CA SER F 373 -11.45 -18.94 3.40
C SER F 373 -12.62 -18.93 4.36
N ASP F 374 -12.79 -17.82 5.09
CA ASP F 374 -13.83 -17.70 6.09
C ASP F 374 -14.64 -16.44 5.89
N GLU F 375 -15.45 -16.07 6.88
CA GLU F 375 -16.35 -14.92 6.84
C GLU F 375 -15.61 -13.58 6.80
N ASN F 376 -14.28 -13.56 6.70
CA ASN F 376 -13.53 -12.31 6.70
C ASN F 376 -12.61 -12.19 5.49
N ASP F 377 -12.97 -12.81 4.36
CA ASP F 377 -12.07 -12.84 3.21
C ASP F 377 -12.20 -11.61 2.32
N LYS F 378 -13.38 -11.00 2.28
CA LYS F 378 -13.66 -9.89 1.36
C LYS F 378 -13.40 -10.27 -0.09
N SER F 400 -13.01 11.89 -8.53
CA SER F 400 -12.20 12.70 -7.63
C SER F 400 -13.04 13.16 -6.44
N TYR F 401 -14.14 13.86 -6.74
CA TYR F 401 -15.09 14.30 -5.72
C TYR F 401 -16.33 13.41 -5.83
N ASN F 402 -16.55 12.58 -4.82
CA ASN F 402 -17.68 11.66 -4.79
C ASN F 402 -18.59 12.01 -3.63
N PRO F 403 -19.69 12.71 -3.87
CA PRO F 403 -20.63 13.03 -2.78
C PRO F 403 -21.67 11.93 -2.58
N ASP F 404 -21.81 11.07 -3.59
CA ASP F 404 -22.81 9.99 -3.52
C ASP F 404 -22.45 8.93 -2.49
N THR F 405 -21.19 8.87 -2.06
CA THR F 405 -20.79 7.90 -1.05
C THR F 405 -21.43 8.18 0.31
N HIS F 406 -21.92 9.39 0.52
CA HIS F 406 -22.60 9.75 1.76
C HIS F 406 -24.10 9.50 1.71
N ILE F 407 -24.61 8.97 0.60
CA ILE F 407 -26.03 8.74 0.40
C ILE F 407 -26.28 7.25 0.45
N ASP F 408 -27.29 6.83 1.22
CA ASP F 408 -27.61 5.41 1.34
C ASP F 408 -28.02 4.82 0.00
N SER F 409 -28.83 5.56 -0.77
CA SER F 409 -29.39 5.16 -2.06
C SER F 409 -30.55 4.17 -1.89
N ASN F 410 -30.84 3.76 -0.65
CA ASN F 410 -32.02 2.98 -0.36
C ASN F 410 -33.00 3.69 0.58
N SER F 411 -32.58 4.73 1.28
CA SER F 411 -33.46 5.49 2.15
C SER F 411 -33.46 6.99 1.88
N GLY F 412 -32.55 7.48 1.03
CA GLY F 412 -32.45 8.91 0.80
C GLY F 412 -31.85 9.69 1.94
N LYS F 413 -31.26 9.02 2.92
CA LYS F 413 -30.67 9.68 4.08
C LYS F 413 -29.15 9.69 3.96
N PHE F 414 -28.52 10.44 4.85
CA PHE F 414 -27.08 10.53 4.89
C PHE F 414 -26.51 9.48 5.84
N LEU F 415 -25.19 9.35 5.82
CA LEU F 415 -24.47 8.37 6.64
C LEU F 415 -23.93 9.08 7.87
N ILE F 416 -24.74 9.14 8.92
CA ILE F 416 -24.34 9.80 10.16
C ILE F 416 -23.29 8.93 10.85
N CYS F 417 -22.03 9.38 10.82
CA CYS F 417 -20.94 8.61 11.41
C CYS F 417 -21.14 8.47 12.92
N TYR F 418 -20.76 7.30 13.44
CA TYR F 418 -20.91 7.05 14.87
C TYR F 418 -20.04 7.96 15.71
N LYS F 419 -18.80 8.21 15.27
CA LYS F 419 -17.84 8.93 16.11
C LYS F 419 -18.15 10.42 16.17
N CYS F 420 -18.51 11.04 15.03
CA CYS F 420 -18.67 12.48 14.97
C CYS F 420 -20.11 12.93 14.79
N ASN F 421 -21.02 12.02 14.41
CA ASN F 421 -22.44 12.31 14.22
C ASN F 421 -22.70 13.27 13.07
N GLN F 422 -21.77 13.36 12.12
CA GLN F 422 -21.90 14.23 10.96
C GLN F 422 -21.52 13.47 9.70
N THR F 423 -22.05 13.93 8.56
CA THR F 423 -21.67 13.36 7.27
C THR F 423 -20.55 14.11 6.57
N ARG F 424 -20.47 15.43 6.80
CA ARG F 424 -19.42 16.28 6.22
C ARG F 424 -19.35 16.11 4.70
N LEU F 425 -20.46 16.42 4.03
CA LEU F 425 -20.49 16.38 2.58
C LEU F 425 -19.65 17.47 1.94
N GLY F 426 -19.37 18.55 2.67
CA GLY F 426 -18.68 19.67 2.07
C GLY F 426 -19.55 20.33 1.02
N SER F 427 -19.02 20.45 -0.20
CA SER F 427 -19.74 21.07 -1.31
C SER F 427 -18.92 20.86 -2.57
N TRP F 428 -19.60 20.94 -3.72
CA TRP F 428 -18.88 20.88 -4.99
C TRP F 428 -18.02 22.11 -5.20
N SER F 429 -18.50 23.28 -4.76
CA SER F 429 -17.69 24.49 -4.83
C SER F 429 -16.49 24.45 -3.90
N HIS F 430 -16.61 23.76 -2.77
CA HIS F 430 -15.50 23.60 -1.82
C HIS F 430 -15.33 22.12 -1.51
N PRO F 431 -14.69 21.37 -2.41
CA PRO F 431 -14.47 19.95 -2.14
C PRO F 431 -13.44 19.69 -1.07
N GLU F 432 -12.73 20.71 -0.59
CA GLU F 432 -11.73 20.57 0.45
C GLU F 432 -12.32 20.71 1.85
N ASN F 433 -13.63 20.49 2.00
CA ASN F 433 -14.26 20.42 3.30
C ASN F 433 -15.00 19.11 3.52
N SER F 434 -15.06 18.24 2.51
CA SER F 434 -15.67 16.93 2.65
C SER F 434 -14.71 15.95 3.29
N ARG F 435 -15.27 14.84 3.78
CA ARG F 435 -14.49 13.80 4.43
C ARG F 435 -14.87 12.43 3.88
N LEU F 436 -13.90 11.54 3.81
CA LEU F 436 -14.15 10.18 3.34
C LEU F 436 -14.84 9.36 4.42
N ILE F 437 -15.75 8.49 3.99
CA ILE F 437 -16.56 7.70 4.90
C ILE F 437 -16.42 6.22 4.53
N MET F 438 -16.68 5.35 5.50
CA MET F 438 -16.30 3.94 5.40
C MET F 438 -17.47 2.97 5.32
N THR F 439 -18.44 3.06 6.24
CA THR F 439 -19.58 2.14 6.29
C THR F 439 -19.07 0.71 6.47
N CYS F 440 -18.65 0.40 7.70
CA CYS F 440 -18.12 -0.91 8.10
C CYS F 440 -18.87 -2.08 7.47
N ASP F 441 -18.14 -3.15 7.16
CA ASP F 441 -18.65 -4.23 6.32
C ASP F 441 -19.30 -5.36 7.10
N TYR F 442 -19.47 -5.21 8.42
CA TYR F 442 -20.12 -6.23 9.23
C TYR F 442 -21.47 -5.76 9.77
N CYS F 443 -21.49 -4.66 10.50
CA CYS F 443 -22.72 -4.10 11.05
C CYS F 443 -23.25 -2.92 10.24
N GLN F 444 -22.60 -2.58 9.13
CA GLN F 444 -23.06 -1.52 8.23
C GLN F 444 -23.17 -0.17 8.94
N THR F 445 -22.24 0.12 9.85
CA THR F 445 -22.33 1.47 10.39
C THR F 445 -21.30 2.37 9.75
N PRO F 446 -21.64 3.63 9.49
CA PRO F 446 -20.71 4.52 8.78
C PRO F 446 -19.65 5.10 9.69
N TRP F 447 -18.42 5.15 9.17
CA TRP F 447 -17.29 5.72 9.88
C TRP F 447 -16.50 6.63 8.95
N HIS F 448 -16.01 7.74 9.50
CA HIS F 448 -15.05 8.57 8.79
C HIS F 448 -13.67 7.91 8.82
N LEU F 449 -12.91 8.12 7.75
CA LEU F 449 -11.52 7.66 7.76
C LEU F 449 -10.69 8.41 8.77
N ASP F 450 -11.07 9.65 9.09
CA ASP F 450 -10.36 10.42 10.10
C ASP F 450 -10.86 10.14 11.51
N CYS F 451 -12.13 9.78 11.68
CA CYS F 451 -12.68 9.54 13.01
C CYS F 451 -12.03 8.35 13.69
N VAL F 452 -11.88 7.24 12.97
CA VAL F 452 -11.02 6.14 13.39
C VAL F 452 -9.72 6.25 12.60
N PRO F 453 -8.58 6.52 13.25
CA PRO F 453 -7.35 6.80 12.51
C PRO F 453 -7.01 5.72 11.49
N ARG F 454 -7.14 6.06 10.21
CA ARG F 454 -6.92 5.09 9.15
C ARG F 454 -6.65 5.85 7.87
N ALA F 455 -5.76 5.32 7.03
CA ALA F 455 -5.23 6.07 5.90
C ALA F 455 -6.06 5.93 4.63
N SER F 456 -6.66 4.76 4.38
CA SER F 456 -7.30 4.56 3.09
C SER F 456 -8.40 3.51 3.23
N PHE F 457 -9.14 3.34 2.13
CA PHE F 457 -10.20 2.34 2.06
C PHE F 457 -9.60 0.93 2.04
N LYS F 458 -10.43 -0.04 2.40
CA LYS F 458 -10.06 -1.46 2.34
C LYS F 458 -10.80 -2.07 1.16
N ASN F 459 -10.06 -2.36 0.09
CA ASN F 459 -10.65 -2.88 -1.14
C ASN F 459 -10.16 -4.26 -1.52
N LEU F 460 -8.88 -4.55 -1.32
CA LEU F 460 -8.26 -5.78 -1.83
C LEU F 460 -8.17 -6.88 -0.78
N GLY F 461 -7.72 -6.55 0.43
CA GLY F 461 -7.41 -7.58 1.41
C GLY F 461 -8.62 -8.14 2.14
N SER F 462 -8.52 -8.24 3.46
CA SER F 462 -9.61 -8.77 4.26
C SER F 462 -10.73 -7.75 4.38
N LYS F 463 -11.81 -8.16 5.03
CA LYS F 463 -12.98 -7.30 5.21
C LYS F 463 -12.82 -6.45 6.46
N TRP F 464 -13.03 -5.15 6.31
CA TRP F 464 -12.86 -4.22 7.42
C TRP F 464 -13.93 -4.46 8.49
N LYS F 465 -13.51 -4.32 9.75
CA LYS F 465 -14.43 -4.44 10.88
C LYS F 465 -14.16 -3.29 11.84
N CYS F 466 -15.21 -2.58 12.21
CA CYS F 466 -15.09 -1.38 13.02
C CYS F 466 -14.76 -1.75 14.47
N PRO F 467 -14.36 -0.77 15.28
CA PRO F 467 -14.05 -1.06 16.69
C PRO F 467 -15.27 -1.31 17.57
N LEU F 468 -16.42 -1.56 16.96
CA LEU F 468 -17.66 -1.84 17.69
C LEU F 468 -18.00 -3.33 17.67
N HIS F 469 -16.98 -4.18 17.77
CA HIS F 469 -17.17 -5.62 17.71
C HIS F 469 -16.34 -6.28 18.80
N SER F 470 -16.74 -7.51 19.18
CA SER F 470 -16.04 -8.26 20.22
C SER F 470 -14.72 -8.79 19.69
N PRO F 471 -13.71 -8.89 20.57
CA PRO F 471 -12.36 -9.27 20.11
C PRO F 471 -12.28 -10.61 19.40
N THR F 472 -13.03 -11.61 19.86
CA THR F 472 -12.95 -12.99 19.38
C THR F 472 -11.57 -13.61 19.54
N LYS F 473 -10.66 -12.94 20.25
CA LYS F 473 -9.34 -13.45 20.58
C LYS F 473 -8.73 -12.58 21.66
N VAL F 474 -8.34 -13.16 22.79
CA VAL F 474 -7.92 -12.39 23.95
C VAL F 474 -6.65 -13.00 24.53
N TYR F 475 -5.66 -12.17 24.82
CA TYR F 475 -4.45 -12.57 25.52
C TYR F 475 -4.44 -11.88 26.88
N LYS F 476 -4.59 -12.67 27.94
CA LYS F 476 -4.56 -12.14 29.30
C LYS F 476 -3.33 -12.67 30.03
N LYS F 477 -2.63 -11.79 30.75
CA LYS F 477 -1.38 -12.14 31.39
C LYS F 477 -1.60 -12.59 32.83
N TYR F 489 1.49 -16.29 29.80
CA TYR F 489 0.21 -15.68 29.42
C TYR F 489 -0.87 -16.75 29.30
N LYS F 490 -2.05 -16.34 28.83
CA LYS F 490 -3.18 -17.24 28.65
C LYS F 490 -4.04 -16.72 27.52
N VAL F 491 -4.45 -17.64 26.64
CA VAL F 491 -5.22 -17.28 25.46
C VAL F 491 -6.66 -17.72 25.64
N TRP F 492 -7.57 -16.89 25.14
CA TRP F 492 -8.99 -17.23 25.01
C TRP F 492 -9.42 -17.00 23.58
N LYS F 493 -10.22 -17.94 23.07
CA LYS F 493 -10.75 -17.86 21.72
C LYS F 493 -12.23 -18.23 21.75
N LYS F 494 -12.99 -17.62 20.84
CA LYS F 494 -14.40 -17.93 20.70
C LYS F 494 -14.57 -19.10 19.75
N GLN F 495 -15.54 -19.96 20.05
CA GLN F 495 -15.77 -21.15 19.25
C GLN F 495 -16.24 -20.76 17.85
N ARG F 496 -16.32 -21.75 16.97
CA ARG F 496 -16.67 -21.53 15.58
C ARG F 496 -18.16 -21.77 15.36
N LEU F 497 -18.61 -21.46 14.14
CA LEU F 497 -20.00 -21.60 13.78
C LEU F 497 -20.27 -23.02 13.28
N ILE F 498 -21.29 -23.65 13.83
CA ILE F 498 -21.70 -24.99 13.44
C ILE F 498 -23.10 -24.93 12.86
N ASN F 499 -23.43 -25.95 12.06
CA ASN F 499 -24.76 -26.03 11.47
C ASN F 499 -25.81 -26.12 12.58
N LYS F 500 -26.93 -25.43 12.37
CA LYS F 500 -27.93 -25.27 13.43
C LYS F 500 -28.50 -26.60 13.91
N LYS F 501 -28.43 -27.65 13.09
CA LYS F 501 -28.90 -28.96 13.53
C LYS F 501 -28.00 -29.53 14.65
N ASN F 502 -26.70 -29.28 14.57
CA ASN F 502 -25.74 -29.82 15.54
C ASN F 502 -25.48 -28.88 16.70
N GLN F 503 -26.17 -27.74 16.76
CA GLN F 503 -25.91 -26.74 17.79
C GLN F 503 -26.80 -27.03 18.99
N LEU F 504 -26.18 -27.25 20.15
CA LEU F 504 -26.91 -27.55 21.38
C LEU F 504 -26.98 -26.30 22.23
N TYR F 505 -28.08 -25.56 22.10
CA TYR F 505 -28.32 -24.39 22.92
C TYR F 505 -28.79 -24.81 24.31
N TYR F 506 -28.44 -24.00 25.31
CA TYR F 506 -28.70 -24.36 26.69
C TYR F 506 -28.85 -23.10 27.52
N GLU F 507 -29.65 -23.20 28.59
CA GLU F 507 -29.90 -22.07 29.47
C GLU F 507 -29.60 -22.45 30.91
N PRO F 508 -28.92 -21.59 31.67
CA PRO F 508 -28.61 -21.92 33.07
C PRO F 508 -29.77 -21.67 34.01
N LEU F 509 -29.53 -21.85 35.31
CA LEU F 509 -30.55 -21.66 36.33
C LEU F 509 -30.13 -20.75 37.47
N GLN F 510 -28.84 -20.59 37.74
CA GLN F 510 -28.41 -19.71 38.82
C GLN F 510 -28.71 -18.26 38.50
N LYS F 511 -28.49 -17.84 37.25
CA LYS F 511 -28.82 -16.52 36.70
C LYS F 511 -28.01 -15.38 37.31
N ILE F 512 -27.12 -15.65 38.27
CA ILE F 512 -26.30 -14.59 38.83
C ILE F 512 -24.83 -14.94 38.65
N GLY F 513 -24.38 -16.02 39.29
CA GLY F 513 -23.02 -16.47 39.13
C GLY F 513 -22.95 -17.82 38.46
N TYR F 514 -22.54 -17.83 37.19
CA TYR F 514 -22.45 -19.06 36.41
C TYR F 514 -21.31 -18.89 35.41
N GLN F 515 -20.17 -19.50 35.71
CA GLN F 515 -18.96 -19.30 34.92
C GLN F 515 -19.16 -19.88 33.53
N ASN F 516 -19.33 -19.01 32.55
CA ASN F 516 -19.40 -19.38 31.15
C ASN F 516 -18.21 -18.82 30.39
N ASN F 517 -18.02 -19.31 29.18
CA ASN F 517 -17.03 -18.76 28.27
C ASN F 517 -17.64 -17.56 27.55
N GLY F 518 -16.98 -17.11 26.49
CA GLY F 518 -17.51 -15.99 25.73
C GLY F 518 -18.57 -16.43 24.73
N ASN F 519 -18.94 -17.71 24.78
CA ASN F 519 -19.95 -18.27 23.90
C ASN F 519 -21.30 -18.11 24.59
N ILE F 520 -21.95 -16.98 24.36
CA ILE F 520 -23.27 -16.67 24.92
C ILE F 520 -24.16 -16.13 23.81
N GLN F 521 -25.46 -16.07 24.11
CA GLN F 521 -26.43 -15.46 23.22
C GLN F 521 -27.38 -14.63 24.07
N ILE F 522 -27.59 -13.38 23.67
CA ILE F 522 -28.37 -12.45 24.46
C ILE F 522 -29.85 -12.59 24.13
N ILE F 523 -30.68 -12.66 25.16
CA ILE F 523 -32.12 -12.76 25.00
C ILE F 523 -32.82 -11.70 25.85
N ASN F 534 -19.68 -34.71 22.38
CA ASN F 534 -20.09 -33.71 21.40
C ASN F 534 -20.83 -32.56 22.07
N GLN F 535 -21.16 -32.75 23.35
CA GLN F 535 -21.84 -31.73 24.14
C GLN F 535 -20.84 -30.78 24.79
N ASP F 536 -19.98 -30.17 23.98
CA ASP F 536 -18.96 -29.26 24.46
C ASP F 536 -19.09 -27.84 23.94
N PHE F 537 -19.77 -27.63 22.80
CA PHE F 537 -19.95 -26.31 22.21
C PHE F 537 -21.26 -25.66 22.63
N LYS F 538 -21.75 -25.97 23.82
CA LYS F 538 -23.00 -25.39 24.30
C LYS F 538 -22.85 -23.88 24.47
N ILE F 539 -23.66 -23.12 23.75
CA ILE F 539 -23.70 -21.67 23.91
C ILE F 539 -24.77 -21.33 24.94
N THR F 540 -24.37 -20.64 26.00
CA THR F 540 -25.29 -20.22 27.04
C THR F 540 -26.23 -19.14 26.53
N GLN F 541 -27.49 -19.21 26.94
CA GLN F 541 -28.45 -18.12 26.74
C GLN F 541 -28.45 -17.34 28.05
N ILE F 542 -27.90 -16.12 28.01
CA ILE F 542 -27.33 -15.50 29.20
C ILE F 542 -28.35 -14.66 29.98
N ASP F 543 -29.53 -14.41 29.41
CA ASP F 543 -30.60 -13.71 30.14
C ASP F 543 -30.14 -12.31 30.57
N GLU F 544 -30.11 -11.42 29.57
CA GLU F 544 -29.41 -10.13 29.57
C GLU F 544 -29.34 -9.46 30.93
N ASN F 545 -30.43 -9.44 31.69
CA ASN F 545 -30.39 -8.82 33.02
C ASN F 545 -29.32 -9.43 33.90
N SER F 546 -28.94 -10.69 33.66
CA SER F 546 -27.82 -11.30 34.39
C SER F 546 -26.50 -10.60 34.10
N ILE F 547 -26.24 -10.25 32.84
CA ILE F 547 -24.96 -9.64 32.47
C ILE F 547 -24.72 -8.38 33.29
N LYS F 548 -25.73 -7.51 33.40
CA LYS F 548 -25.62 -6.35 34.27
C LYS F 548 -25.19 -6.77 35.67
N TYR F 549 -25.91 -7.72 36.26
CA TYR F 549 -25.49 -8.26 37.54
C TYR F 549 -24.09 -8.84 37.44
N ASP F 550 -23.83 -9.63 36.38
CA ASP F 550 -22.51 -10.25 36.22
C ASP F 550 -21.41 -9.19 36.20
N PHE F 551 -21.76 -7.96 35.83
CA PHE F 551 -20.79 -6.87 35.91
C PHE F 551 -20.60 -6.43 37.35
N PHE F 552 -21.68 -6.04 38.01
CA PHE F 552 -21.58 -5.16 39.18
C PHE F 552 -20.70 -5.75 40.27
N ASP F 553 -21.09 -6.92 40.80
CA ASP F 553 -20.33 -7.46 41.93
C ASP F 553 -18.86 -7.69 41.58
N LYS F 554 -18.57 -8.00 40.30
CA LYS F 554 -17.18 -8.16 39.92
C LYS F 554 -16.40 -6.88 40.21
N ILE F 555 -16.95 -5.73 39.81
CA ILE F 555 -16.34 -4.46 40.18
C ILE F 555 -16.30 -4.33 41.70
N TYR F 556 -17.39 -4.68 42.38
CA TYR F 556 -17.36 -4.73 43.84
C TYR F 556 -16.20 -5.57 44.32
N LYS F 557 -16.04 -6.77 43.75
CA LYS F 557 -14.92 -7.61 44.14
C LYS F 557 -13.60 -6.92 43.84
N SER F 558 -13.50 -6.29 42.66
CA SER F 558 -12.27 -5.57 42.33
C SER F 558 -12.01 -4.44 43.30
N LYS F 559 -13.06 -3.88 43.91
CA LYS F 559 -12.85 -2.91 44.98
C LYS F 559 -12.41 -3.59 46.27
N MET F 560 -13.04 -4.72 46.62
CA MET F 560 -12.72 -5.38 47.88
C MET F 560 -11.28 -5.89 47.91
N VAL F 561 -10.65 -6.03 46.75
CA VAL F 561 -9.25 -6.42 46.72
C VAL F 561 -8.37 -5.28 47.24
N GLN F 562 -8.68 -4.04 46.85
CA GLN F 562 -7.81 -2.91 47.12
C GLN F 562 -8.32 -2.00 48.23
N LYS F 563 -9.48 -2.29 48.81
CA LYS F 563 -10.01 -1.43 49.87
C LYS F 563 -9.75 -2.00 51.26
N ARG F 564 -9.82 -3.32 51.42
CA ARG F 564 -9.56 -3.94 52.72
C ARG F 564 -8.09 -3.82 53.10
N ASN G 545 -37.54 -2.77 38.22
CA ASN G 545 -36.15 -2.76 38.68
C ASN G 545 -36.08 -2.31 40.13
N SER G 546 -36.47 -3.21 41.04
CA SER G 546 -36.49 -2.92 42.47
C SER G 546 -35.59 -3.85 43.28
N ILE G 547 -35.39 -5.09 42.83
CA ILE G 547 -34.53 -6.02 43.56
C ILE G 547 -33.10 -5.50 43.61
N LYS G 548 -32.63 -4.94 42.50
CA LYS G 548 -31.30 -4.34 42.47
C LYS G 548 -31.18 -3.23 43.49
N TYR G 549 -32.21 -2.38 43.59
CA TYR G 549 -32.18 -1.27 44.54
C TYR G 549 -32.03 -1.78 45.97
N ASP G 550 -32.85 -2.75 46.37
CA ASP G 550 -32.80 -3.23 47.74
C ASP G 550 -31.50 -3.96 48.04
N PHE G 551 -31.05 -4.80 47.10
CA PHE G 551 -29.79 -5.52 47.31
C PHE G 551 -28.62 -4.57 47.42
N PHE G 552 -28.58 -3.53 46.59
CA PHE G 552 -27.47 -2.58 46.66
C PHE G 552 -27.56 -1.68 47.87
N ASP G 553 -28.77 -1.35 48.33
CA ASP G 553 -28.89 -0.63 49.59
C ASP G 553 -28.33 -1.45 50.75
N LYS G 554 -28.69 -2.73 50.80
CA LYS G 554 -28.17 -3.61 51.85
C LYS G 554 -26.65 -3.74 51.74
N ILE G 555 -26.14 -3.91 50.52
CA ILE G 555 -24.70 -4.11 50.34
C ILE G 555 -23.93 -2.83 50.67
N TYR G 556 -24.51 -1.66 50.39
CA TYR G 556 -23.84 -0.41 50.73
C TYR G 556 -23.85 -0.18 52.24
N LYS G 557 -24.94 -0.54 52.91
CA LYS G 557 -24.96 -0.46 54.37
C LYS G 557 -23.92 -1.41 54.96
N SER G 558 -23.80 -2.63 54.41
CA SER G 558 -22.81 -3.58 54.89
C SER G 558 -21.40 -3.06 54.66
N LYS G 559 -21.14 -2.48 53.49
CA LYS G 559 -19.81 -1.94 53.20
C LYS G 559 -19.48 -0.76 54.11
N MET G 560 -20.46 0.10 54.39
CA MET G 560 -20.24 1.19 55.34
C MET G 560 -19.93 0.65 56.73
N VAL G 561 -20.65 -0.39 57.15
CA VAL G 561 -20.38 -1.02 58.44
C VAL G 561 -18.97 -1.58 58.48
N GLN G 562 -18.55 -2.25 57.42
CA GLN G 562 -17.18 -2.77 57.34
C GLN G 562 -16.14 -1.68 57.16
N LYS G 563 -16.55 -0.45 56.85
CA LYS G 563 -15.63 0.67 56.69
C LYS G 563 -16.09 1.86 57.54
N ARG G 564 -16.46 1.58 58.78
CA ARG G 564 -16.86 2.64 59.71
C ARG G 564 -15.65 3.47 60.13
#